data_6BQN
#
_entry.id   6BQN
#
_cell.length_a   1.0
_cell.length_b   1.0
_cell.length_c   1.0
_cell.angle_alpha   90.00
_cell.angle_beta   90.00
_cell.angle_gamma   90.00
#
_symmetry.space_group_name_H-M   'P 1'
#
loop_
_entity.id
_entity.type
_entity.pdbx_description
1 polymer SCNN1A
2 polymer SCNN1B
3 polymer 'EGFP-SCNN1G chimera'
4 polymer '7B1 fab'
5 polymer '7B1 fab'
6 polymer '10D4 fab'
7 polymer '10D4 fab'
#
loop_
_entity_poly.entity_id
_entity_poly.type
_entity_poly.pdbx_seq_one_letter_code
_entity_poly.pdbx_strand_id
1 'polypeptide(L)'
;(UNK)(UNK)(UNK)(UNK)(UNK)(UNK)(UNK)(UNK)(UNK)(UNK)(UNK)(UNK)(UNK)(UNK)(UNK)(UNK)
(UNK)(UNK)(UNK)(UNK)(UNK)(UNK)(UNK)(UNK)(UNK)(UNK)(UNK)(UNK)(UNK)SYPVSLNINLNSDKL
VFPAVTICTLNPYRYPEIKEELEELDRITEQTLFDLYKYSSFTTLVAGSRSRADLRGTLPHPLQALAVPPPPHGAAAAAS
VASSLRDNNPQVDWKDWKIGFQLCNQNKSDCFYQTYSSGVDAVAEWYAFHYINILSRLPETLPSLEEDTLGNFIFACRFN
QVSCNQANYSHFHHPMYGNCYTFNDKNNSNLWMSSMPGINNGLSLMLRAEQNDFIPLLSTVTGARVMVHGQDEPAFMDDG
GFNLRPGVETSISMRKETLDRLGGDYGDCTKNGSDVPVENLYPSKYTQQVCIHSCFQESMIKECGCAYIFYPRPQNVEYC
DYRKHSSWGYCYYKLQVDFSSDHLGCFTKCRKPCSVTSYQLSAGYSRWPSVTSQEWVFQMLSRQNNYTVNNKRNGVAKVN
IFFKELNYKTNSESPSVT(UNK)(UNK)(UNK)(UNK)(UNK)(UNK)(UNK)(UNK)(UNK)(UNK)(UNK)(UNK)
(UNK)(UNK)(UNK)(UNK)(UNK)(UNK)(UNK)(UNK)(UNK)(UNK)(UNK)(UNK)(UNK)(UNK)(UNK)
;
A
2 'polypeptide(L)'
;(UNK)(UNK)(UNK)(UNK)(UNK)(UNK)(UNK)(UNK)(UNK)(UNK)(UNK)(UNK)(UNK)(UNK)(UNK)(UNK)
(UNK)(UNK)(UNK)(UNK)(UNK)(UNK)(UNK)(UNK)(UNK)TYLSWEVSVSLSVGFKTMDFPAVTICNASPFKYSK
IKHLLKDLDELMEAVLERILAPELSHANATRNLNFSIWNHTPLVLIDERNPHHPMVLDLFGDNHNGLTSSSASEKICNAH
GCKMAMRLCSLNRTQCTFRNFTSATQALTEWYILQATNIFAQVPQQELVEMSYPGEQMILACLFGAEPCNYRNFTSIFYP
HYGNCYIFNWGMTEKALPSANPGTEFGLKLILDIGQEDYVPFLASTAGVRLMLHEQRSYPFIRDEGIYAMSGTETSIGVL
VDKLQRMGEPYSPCTVNGSEVPVQNFYSDYNTTYSIQACLRSCFQDHMIRNCNCGHYLYPLPRGEKYCNNRDFPDWAHCY
SDLQMSVAQRETCIGMCKESCNDTQYKMTISMADWPSEASEDWIFHVLSQERDQSTNITLSRKGIVKLNIYFQEFNYRTI
EESAANNI(UNK)(UNK)(UNK)(UNK)(UNK)(UNK)(UNK)(UNK)(UNK)(UNK)(UNK)(UNK)(UNK)(UNK)
(UNK)(UNK)(UNK)(UNK)(UNK)(UNK)(UNK)(UNK)(UNK)(UNK)(UNK)(UNK)(UNK)
;
B
3 'polypeptide(L)'
;(UNK)(UNK)(UNK)(UNK)(UNK)(UNK)(UNK)(UNK)(UNK)(UNK)(UNK)(UNK)(UNK)(UNK)(UNK)(UNK)
(UNK)(UNK)(UNK)(UNK)(UNK)(UNK)(UNK)(UNK)(UNK)(UNK)(UNK)(UNK)(UNK)FYTVSVSIKVHFRKL
DFPAVTICNINPYKYSTVRHLLADLEQETREALKSLYGFPESAAAAEAESWNSVSEGKQPRFSHRIPLLIFDQDEKGKAR
DFFTGQQQQVGGSIIHKASNVMHIESKQVVGFQLCSNDTSDCATYTFSSGINAIQEWYKLHYMNIMAQVPLEKKINMSYS
AEELLVTCFFDGVSCDARNFTLFHHPMHGNCYTFNNRENETILSTSMGGSEYGLQVILYINEEEYNPFLVSSTGAKVIIH
RQDEYPFVEDVGTEIETAMVTSIGMHLTESFKLSEPYSQCTEDGSDVPIRNIYNAAYSLQICLHSCFQTKMVEKCGCAQY
SQPLPPAANYCNYQQHPNWMYCYYQLHRAFVQEELGCQSVCKEACSFKEWTLTTSLAQWPSVVSEKWLLPVLTWDQGRQV
NKKLNKTDLAKLLIFYKDLNQRSIMESPANSI(UNK)(UNK)(UNK)(UNK)(UNK)(UNK)(UNK)(UNK)(UNK)
(UNK)(UNK)(UNK)(UNK)(UNK)(UNK)(UNK)(UNK)(UNK)(UNK)(UNK)(UNK)(UNK)(UNK)(UNK)(UNK)
(UNK)(UNK)
;
C
4 'polypeptide(L)'
;(UNK)(UNK)(UNK)(UNK)(UNK)(UNK)(UNK)(UNK)(UNK)(UNK)(UNK)(UNK)(UNK)(UNK)(UNK)(UNK)
(UNK)(UNK)(UNK)(UNK)(UNK)(UNK)(UNK)(UNK)(UNK)(UNK)(UNK)(UNK)(UNK)(UNK)(UNK)(UNK)
(UNK)(UNK)(UNK)(UNK)(UNK)(UNK)(UNK)(UNK)(UNK)(UNK)(UNK)(UNK)(UNK)(UNK)(UNK)(UNK)
(UNK)(UNK)(UNK)(UNK)(UNK)(UNK)(UNK)(UNK)(UNK)(UNK)(UNK)(UNK)(UNK)(UNK)(UNK)(UNK)
(UNK)(UNK)(UNK)(UNK)(UNK)(UNK)(UNK)(UNK)(UNK)(UNK)(UNK)(UNK)(UNK)(UNK)(UNK)(UNK)
(UNK)(UNK)(UNK)(UNK)(UNK)(UNK)(UNK)(UNK)(UNK)(UNK)(UNK)(UNK)(UNK)(UNK)(UNK)(UNK)
(UNK)(UNK)(UNK)(UNK)(UNK)(UNK)(UNK)(UNK)(UNK)(UNK)
;
D
5 'polypeptide(L)'
;(UNK)(UNK)(UNK)(UNK)(UNK)(UNK)(UNK)(UNK)(UNK)(UNK)(UNK)(UNK)(UNK)(UNK)(UNK)(UNK)
(UNK)(UNK)(UNK)(UNK)(UNK)(UNK)(UNK)(UNK)(UNK)(UNK)(UNK)(UNK)(UNK)(UNK)(UNK)(UNK)
(UNK)(UNK)(UNK)(UNK)(UNK)(UNK)(UNK)(UNK)(UNK)(UNK)(UNK)(UNK)(UNK)(UNK)(UNK)(UNK)
(UNK)(UNK)(UNK)(UNK)(UNK)(UNK)(UNK)(UNK)(UNK)(UNK)(UNK)(UNK)(UNK)(UNK)(UNK)(UNK)
(UNK)(UNK)(UNK)(UNK)(UNK)(UNK)(UNK)(UNK)(UNK)(UNK)(UNK)(UNK)(UNK)(UNK)(UNK)(UNK)
(UNK)(UNK)(UNK)(UNK)(UNK)(UNK)(UNK)(UNK)(UNK)(UNK)(UNK)(UNK)(UNK)(UNK)(UNK)(UNK)
(UNK)(UNK)(UNK)(UNK)(UNK)(UNK)(UNK)(UNK)(UNK)(UNK)(UNK)(UNK)(UNK)(UNK)(UNK)(UNK)
(UNK)(UNK)(UNK)(UNK)(UNK)(UNK)(UNK)(UNK)(UNK)
;
E
6 'polypeptide(L)'
;(UNK)(UNK)(UNK)(UNK)(UNK)(UNK)(UNK)(UNK)(UNK)(UNK)(UNK)(UNK)(UNK)(UNK)(UNK)(UNK)
(UNK)(UNK)(UNK)(UNK)(UNK)(UNK)(UNK)(UNK)(UNK)(UNK)(UNK)(UNK)(UNK)(UNK)(UNK)(UNK)
(UNK)(UNK)(UNK)(UNK)(UNK)(UNK)(UNK)(UNK)(UNK)(UNK)(UNK)(UNK)(UNK)(UNK)(UNK)(UNK)
(UNK)(UNK)(UNK)(UNK)(UNK)(UNK)(UNK)(UNK)(UNK)(UNK)(UNK)(UNK)(UNK)(UNK)(UNK)(UNK)
(UNK)(UNK)(UNK)(UNK)(UNK)(UNK)(UNK)(UNK)(UNK)(UNK)(UNK)(UNK)(UNK)(UNK)(UNK)(UNK)
(UNK)(UNK)(UNK)(UNK)(UNK)(UNK)(UNK)(UNK)(UNK)(UNK)(UNK)(UNK)(UNK)(UNK)(UNK)(UNK)
(UNK)(UNK)(UNK)(UNK)(UNK)(UNK)(UNK)(UNK)(UNK)(UNK)(UNK)(UNK)(UNK)(UNK)(UNK)(UNK)
(UNK)(UNK)(UNK)
;
F
7 'polypeptide(L)'
;(UNK)(UNK)(UNK)(UNK)(UNK)(UNK)(UNK)(UNK)(UNK)(UNK)(UNK)(UNK)(UNK)(UNK)(UNK)(UNK)
(UNK)(UNK)(UNK)(UNK)(UNK)(UNK)(UNK)(UNK)(UNK)(UNK)(UNK)(UNK)(UNK)(UNK)(UNK)(UNK)
(UNK)(UNK)(UNK)(UNK)(UNK)(UNK)(UNK)(UNK)(UNK)(UNK)(UNK)(UNK)(UNK)(UNK)(UNK)(UNK)
(UNK)(UNK)(UNK)(UNK)(UNK)(UNK)(UNK)(UNK)(UNK)(UNK)(UNK)(UNK)(UNK)(UNK)(UNK)(UNK)
(UNK)(UNK)(UNK)(UNK)(UNK)(UNK)(UNK)(UNK)(UNK)(UNK)(UNK)(UNK)(UNK)(UNK)(UNK)(UNK)
(UNK)(UNK)(UNK)(UNK)(UNK)(UNK)(UNK)(UNK)(UNK)(UNK)(UNK)(UNK)(UNK)(UNK)(UNK)(UNK)
(UNK)(UNK)(UNK)(UNK)(UNK)(UNK)(UNK)(UNK)(UNK)(UNK)(UNK)(UNK)(UNK)(UNK)(UNK)(UNK)
;
G
#
# COMPACT_ATOMS: atom_id res chain seq x y z
N UNK A 1 83.91 22.77 -10.38
CA UNK A 1 83.37 22.44 -9.06
C UNK A 1 82.62 23.62 -8.46
N UNK A 2 83.26 24.79 -8.46
CA UNK A 2 82.65 25.99 -7.92
C UNK A 2 81.59 26.54 -8.85
N UNK A 3 81.88 26.49 -10.15
CA UNK A 3 80.93 26.95 -11.17
C UNK A 3 79.82 25.92 -11.36
N UNK A 4 80.15 24.65 -11.10
CA UNK A 4 79.19 23.56 -11.25
C UNK A 4 78.20 23.55 -10.10
N UNK A 5 78.60 24.08 -8.95
CA UNK A 5 77.73 24.17 -7.79
C UNK A 5 77.01 25.50 -7.75
N UNK A 6 77.30 26.35 -8.72
CA UNK A 6 76.67 27.67 -8.81
C UNK A 6 75.65 27.70 -9.95
N UNK A 7 75.95 26.99 -11.04
CA UNK A 7 75.06 26.96 -12.19
C UNK A 7 73.92 25.97 -11.97
N UNK A 8 74.12 25.02 -11.07
CA UNK A 8 73.11 24.02 -10.77
C UNK A 8 72.30 24.42 -9.54
N UNK A 9 72.72 25.50 -8.88
CA UNK A 9 72.03 25.98 -7.70
C UNK A 9 70.82 26.82 -8.07
N UNK A 10 70.77 27.27 -9.32
CA UNK A 10 69.66 28.08 -9.81
C UNK A 10 68.51 27.20 -10.30
N UNK A 11 68.75 25.90 -10.36
CA UNK A 11 67.73 24.95 -10.79
C UNK A 11 67.09 24.27 -9.58
N UNK A 12 67.34 24.82 -8.39
CA UNK A 12 66.77 24.28 -7.16
C UNK A 12 65.71 25.22 -6.60
N UNK A 13 65.69 26.45 -7.11
CA UNK A 13 64.71 27.44 -6.66
C UNK A 13 63.83 27.89 -7.82
N UNK A 14 63.85 27.13 -8.91
CA UNK A 14 63.06 27.46 -10.10
C UNK A 14 62.37 26.22 -10.64
N UNK A 15 62.59 25.08 -9.98
CA UNK A 15 62.00 23.82 -10.42
C UNK A 15 60.55 23.69 -9.96
N UNK A 16 60.17 24.53 -8.99
CA UNK A 16 58.81 24.51 -8.47
C UNK A 16 57.91 25.49 -9.23
N UNK A 17 58.50 26.18 -10.21
CA UNK A 17 57.77 27.15 -11.00
C UNK A 17 56.84 26.46 -12.00
N UNK A 18 57.23 25.27 -12.45
CA UNK A 18 56.43 24.50 -13.39
C UNK A 18 55.91 23.22 -12.74
N UNK A 19 56.30 22.99 -11.50
CA UNK A 19 55.88 21.80 -10.77
C UNK A 19 54.43 21.92 -10.31
N UNK A 20 53.98 23.16 -10.12
CA UNK A 20 52.60 23.41 -9.71
C UNK A 20 51.78 23.87 -10.91
N UNK A 21 52.41 23.88 -12.08
CA UNK A 21 51.74 24.29 -13.31
C UNK A 21 51.49 23.09 -14.22
N UNK A 22 52.16 21.99 -13.93
CA UNK A 22 52.02 20.78 -14.73
C UNK A 22 51.22 19.72 -13.97
N UNK A 23 51.42 19.66 -12.66
CA UNK A 23 50.69 18.71 -11.81
C UNK A 23 49.24 19.13 -11.67
N UNK A 24 49.01 20.45 -11.64
CA UNK A 24 47.67 21.00 -11.56
C UNK A 24 46.97 20.86 -12.91
N UNK A 25 47.75 20.88 -13.98
CA UNK A 25 47.21 20.72 -15.33
C UNK A 25 46.85 19.26 -15.57
N UNK A 26 47.54 18.37 -14.88
CA UNK A 26 47.27 16.94 -14.98
C UNK A 26 46.20 16.52 -13.98
N UNK A 27 45.92 17.40 -13.04
CA UNK A 27 44.92 17.14 -12.02
C UNK A 27 43.51 17.25 -12.59
N UNK A 28 43.25 18.33 -13.32
CA UNK A 28 41.94 18.57 -13.91
C UNK A 28 41.74 17.68 -15.14
N UNK A 29 42.84 17.23 -15.72
CA UNK A 29 42.80 16.35 -16.88
C UNK A 29 42.45 14.92 -16.48
N SER A 30 36.11 18.61 -17.27
CA SER A 30 35.00 17.83 -16.72
C SER A 30 34.02 18.72 -15.98
N TYR A 31 32.74 18.51 -16.20
CA TYR A 31 31.73 19.30 -15.52
C TYR A 31 31.31 18.61 -14.22
N PRO A 32 31.50 19.25 -13.07
CA PRO A 32 31.09 18.63 -11.81
C PRO A 32 29.60 18.80 -11.54
N VAL A 33 29.01 17.91 -10.75
CA VAL A 33 27.60 17.94 -10.41
C VAL A 33 27.44 17.97 -8.90
N SER A 34 26.23 18.31 -8.45
CA SER A 34 25.91 18.34 -7.04
C SER A 34 24.41 18.10 -6.88
N LEU A 35 24.02 17.68 -5.68
CA LEU A 35 22.64 17.31 -5.40
C LEU A 35 22.14 18.07 -4.18
N ASN A 36 20.90 18.54 -4.25
CA ASN A 36 20.24 19.20 -3.12
C ASN A 36 18.85 18.60 -2.95
N ILE A 37 18.42 18.49 -1.70
CA ILE A 37 17.10 17.96 -1.36
C ILE A 37 16.29 19.09 -0.76
N ASN A 38 15.22 19.47 -1.45
CA ASN A 38 14.33 20.52 -0.99
C ASN A 38 12.92 19.97 -0.86
N LEU A 39 12.18 20.47 0.12
CA LEU A 39 10.79 20.08 0.36
C LEU A 39 9.93 21.29 0.05
N ASN A 40 9.55 21.44 -1.22
CA ASN A 40 8.76 22.58 -1.65
C ASN A 40 7.32 22.41 -1.21
N SER A 41 6.82 23.33 -0.41
CA SER A 41 5.43 23.34 0.03
C SER A 41 4.61 24.08 -1.01
N ASP A 42 3.97 23.33 -1.90
CA ASP A 42 3.15 23.90 -2.95
C ASP A 42 1.68 23.74 -2.57
N LYS A 43 0.81 24.12 -3.51
CA LYS A 43 -0.63 24.06 -3.25
C LYS A 43 -1.24 22.68 -3.53
N LEU A 44 -0.41 21.70 -3.88
CA LEU A 44 -0.82 20.32 -4.21
C LEU A 44 -1.87 20.29 -5.34
N VAL A 45 -1.41 20.72 -6.51
CA VAL A 45 -2.25 20.68 -7.70
C VAL A 45 -2.49 19.23 -8.07
N PHE A 46 -3.76 18.83 -8.16
CA PHE A 46 -4.13 17.43 -8.22
C PHE A 46 -3.85 16.86 -9.62
N PRO A 47 -3.12 15.75 -9.72
CA PRO A 47 -2.78 15.20 -11.03
C PRO A 47 -3.95 14.47 -11.66
N ALA A 48 -3.80 14.13 -12.93
CA ALA A 48 -4.85 13.47 -13.67
C ALA A 48 -4.97 12.00 -13.24
N VAL A 49 -6.21 11.52 -13.23
CA VAL A 49 -6.52 10.14 -12.88
C VAL A 49 -7.22 9.50 -14.07
N THR A 50 -6.55 8.54 -14.69
CA THR A 50 -7.13 7.82 -15.81
C THR A 50 -7.88 6.60 -15.29
N ILE A 51 -9.16 6.50 -15.62
CA ILE A 51 -10.02 5.40 -15.20
C ILE A 51 -10.37 4.58 -16.42
N CYS A 52 -9.99 3.31 -16.41
CA CYS A 52 -10.24 2.42 -17.52
C CYS A 52 -11.00 1.19 -17.04
N THR A 53 -11.50 0.42 -18.01
CA THR A 53 -12.23 -0.80 -17.74
C THR A 53 -11.29 -2.00 -17.91
N LEU A 54 -11.83 -3.20 -17.67
CA LEU A 54 -11.12 -4.44 -17.97
C LEU A 54 -11.92 -5.36 -18.87
N ASN A 55 -12.70 -4.79 -19.79
CA ASN A 55 -13.35 -5.54 -20.84
C ASN A 55 -13.34 -4.74 -22.14
N PRO A 56 -12.83 -5.30 -23.24
CA PRO A 56 -12.90 -4.60 -24.53
C PRO A 56 -14.33 -4.51 -25.02
N TYR A 57 -14.84 -3.30 -25.11
CA TYR A 57 -16.21 -3.07 -25.56
C TYR A 57 -16.33 -3.38 -27.04
N ARG A 58 -17.09 -4.41 -27.38
CA ARG A 58 -17.25 -4.79 -28.77
C ARG A 58 -18.11 -3.76 -29.50
N TYR A 59 -17.87 -3.64 -30.76
CA TYR A 59 -18.59 -2.68 -31.56
C TYR A 59 -19.68 -3.37 -32.36
N PRO A 60 -20.76 -2.67 -32.69
CA PRO A 60 -21.78 -3.27 -33.58
C PRO A 60 -21.29 -3.45 -35.00
N GLU A 61 -20.29 -2.69 -35.43
CA GLU A 61 -19.69 -2.89 -36.74
C GLU A 61 -18.94 -4.21 -36.80
N ILE A 62 -18.21 -4.55 -35.74
CA ILE A 62 -17.37 -5.73 -35.70
C ILE A 62 -18.16 -6.94 -35.20
N LYS A 63 -19.43 -6.75 -34.84
CA LYS A 63 -20.24 -7.81 -34.24
C LYS A 63 -20.50 -8.95 -35.23
N GLU A 64 -20.68 -8.64 -36.51
CA GLU A 64 -20.83 -9.69 -37.51
C GLU A 64 -19.52 -10.40 -37.79
N GLU A 65 -18.38 -9.78 -37.48
CA GLU A 65 -17.08 -10.41 -37.65
C GLU A 65 -16.50 -10.99 -36.37
N LEU A 66 -17.04 -10.61 -35.21
CA LEU A 66 -16.55 -11.15 -33.95
C LEU A 66 -17.12 -12.54 -33.67
N GLU A 67 -18.33 -12.82 -34.15
CA GLU A 67 -18.95 -14.13 -33.92
C GLU A 67 -18.32 -15.22 -34.77
N GLU A 68 -17.63 -14.84 -35.86
CA GLU A 68 -16.89 -15.84 -36.63
C GLU A 68 -15.67 -16.33 -35.87
N LEU A 69 -15.09 -15.50 -35.01
CA LEU A 69 -13.97 -15.93 -34.18
C LEU A 69 -14.43 -16.94 -33.13
N ASP A 70 -15.63 -16.76 -32.58
CA ASP A 70 -16.15 -17.71 -31.61
C ASP A 70 -16.55 -19.03 -32.27
N ARG A 71 -16.88 -18.98 -33.56
CA ARG A 71 -17.19 -20.21 -34.28
C ARG A 71 -15.94 -21.05 -34.49
N ILE A 72 -14.80 -20.41 -34.72
CA ILE A 72 -13.53 -21.13 -34.83
C ILE A 72 -13.04 -21.54 -33.44
N THR A 73 -13.31 -20.72 -32.42
CA THR A 73 -12.87 -21.03 -31.07
C THR A 73 -13.63 -22.23 -30.50
N GLU A 74 -14.93 -22.29 -30.75
CA GLU A 74 -15.72 -23.44 -30.32
C GLU A 74 -15.33 -24.71 -31.09
N GLN A 75 -14.97 -24.56 -32.36
CA GLN A 75 -14.57 -25.72 -33.15
C GLN A 75 -13.19 -26.23 -32.73
N THR A 76 -12.29 -25.33 -32.34
CA THR A 76 -10.96 -25.73 -31.94
C THR A 76 -10.97 -26.40 -30.57
N LEU A 77 -11.70 -25.82 -29.62
CA LEU A 77 -11.76 -26.36 -28.26
C LEU A 77 -12.57 -27.65 -28.17
N PHE A 78 -13.43 -27.93 -29.15
CA PHE A 78 -14.15 -29.19 -29.17
C PHE A 78 -13.28 -30.32 -29.71
N ASP A 79 -12.32 -29.99 -30.57
CA ASP A 79 -11.45 -30.99 -31.19
C ASP A 79 -10.23 -31.29 -30.32
N LEU A 80 -9.44 -30.25 -30.02
CA LEU A 80 -8.20 -30.47 -29.27
C LEU A 80 -8.43 -30.58 -27.77
N TYR A 81 -9.53 -30.01 -27.26
CA TYR A 81 -9.75 -29.94 -25.82
C TYR A 81 -11.06 -30.55 -25.36
N LYS A 82 -11.97 -30.93 -26.29
CA LYS A 82 -13.25 -31.56 -26.00
C LYS A 82 -14.11 -30.67 -25.09
N TYR A 83 -14.57 -29.55 -25.66
CA TYR A 83 -15.40 -28.62 -24.93
C TYR A 83 -16.69 -28.32 -25.68
N THR A 102 -12.23 -19.43 -43.86
CA THR A 102 -11.91 -19.52 -42.44
C THR A 102 -10.77 -18.58 -42.07
N LEU A 103 -10.26 -18.72 -40.85
CA LEU A 103 -9.13 -17.92 -40.41
C LEU A 103 -7.85 -18.42 -41.08
N PRO A 104 -6.92 -17.51 -41.41
CA PRO A 104 -5.72 -17.94 -42.14
C PRO A 104 -4.70 -18.65 -41.25
N HIS A 105 -4.80 -18.49 -39.94
CA HIS A 105 -3.83 -19.07 -39.03
C HIS A 105 -4.51 -20.06 -38.08
N PRO A 106 -4.56 -21.34 -38.42
CA PRO A 106 -5.05 -22.33 -37.45
C PRO A 106 -3.95 -22.78 -36.50
N LEU A 107 -4.31 -23.06 -35.26
CA LEU A 107 -3.36 -23.51 -34.25
C LEU A 107 -3.49 -25.01 -34.06
N GLN A 108 -2.35 -25.69 -33.93
CA GLN A 108 -2.32 -27.14 -33.84
C GLN A 108 -1.02 -27.56 -33.16
N ALA A 109 -1.12 -28.56 -32.29
CA ALA A 109 0.03 -29.09 -31.58
C ALA A 109 0.97 -29.85 -32.52
N LYS A 142 1.94 -30.52 -26.95
CA LYS A 142 2.22 -29.10 -26.78
C LYS A 142 1.61 -28.27 -27.90
N ILE A 143 0.55 -27.54 -27.57
CA ILE A 143 -0.12 -26.72 -28.56
C ILE A 143 0.73 -25.48 -28.87
N GLY A 144 0.62 -24.98 -30.10
CA GLY A 144 1.38 -23.82 -30.50
C GLY A 144 0.65 -22.89 -31.44
N PHE A 145 1.39 -22.18 -32.27
CA PHE A 145 0.84 -21.23 -33.23
C PHE A 145 1.85 -21.04 -34.36
N GLN A 146 1.40 -21.23 -35.59
CA GLN A 146 2.27 -21.08 -36.75
C GLN A 146 2.25 -19.63 -37.22
N LEU A 147 3.44 -19.07 -37.42
CA LEU A 147 3.60 -17.68 -37.82
C LEU A 147 4.65 -17.63 -38.92
N CYS A 148 4.23 -17.36 -40.15
CA CYS A 148 5.09 -17.46 -41.32
C CYS A 148 5.21 -16.10 -42.02
N ASN A 149 6.22 -16.02 -42.89
CA ASN A 149 6.48 -14.86 -43.72
C ASN A 149 6.07 -15.17 -45.15
N GLN A 150 5.88 -14.11 -45.94
CA GLN A 150 5.62 -14.25 -47.37
C GLN A 150 6.84 -14.81 -48.07
N ASN A 151 6.67 -15.99 -48.68
CA ASN A 151 7.70 -16.74 -49.40
C ASN A 151 8.90 -17.04 -48.51
N LYS A 152 8.64 -17.79 -47.45
CA LYS A 152 9.69 -18.20 -46.52
C LYS A 152 9.31 -19.54 -45.90
N SER A 153 10.26 -20.48 -45.88
CA SER A 153 9.99 -21.78 -45.29
C SER A 153 10.12 -21.78 -43.77
N ASP A 154 11.03 -20.97 -43.23
CA ASP A 154 11.21 -20.90 -41.78
C ASP A 154 10.09 -20.09 -41.16
N CYS A 155 9.47 -20.65 -40.12
CA CYS A 155 8.34 -20.02 -39.46
C CYS A 155 8.54 -20.10 -37.95
N PHE A 156 8.42 -18.97 -37.27
CA PHE A 156 8.53 -18.96 -35.81
C PHE A 156 7.30 -19.61 -35.19
N TYR A 157 7.51 -20.74 -34.54
CA TYR A 157 6.42 -21.51 -33.92
C TYR A 157 6.12 -20.87 -32.56
N GLN A 158 5.06 -20.08 -32.50
CA GLN A 158 4.65 -19.41 -31.27
C GLN A 158 3.99 -20.45 -30.36
N THR A 159 4.83 -21.20 -29.65
CA THR A 159 4.35 -22.28 -28.82
C THR A 159 4.08 -21.80 -27.40
N TYR A 160 3.23 -22.53 -26.70
CA TYR A 160 2.86 -22.20 -25.33
C TYR A 160 2.82 -23.47 -24.49
N SER A 161 2.99 -23.30 -23.19
CA SER A 161 3.01 -24.46 -22.29
C SER A 161 1.61 -24.98 -22.03
N SER A 162 0.67 -24.09 -21.71
CA SER A 162 -0.68 -24.47 -21.35
C SER A 162 -1.67 -23.89 -22.35
N GLY A 163 -2.87 -24.47 -22.37
CA GLY A 163 -3.92 -24.02 -23.26
C GLY A 163 -4.62 -22.75 -22.83
N VAL A 164 -4.43 -22.30 -21.60
CA VAL A 164 -5.06 -21.07 -21.14
C VAL A 164 -4.42 -19.86 -21.81
N ASP A 165 -3.11 -19.73 -21.67
CA ASP A 165 -2.39 -18.62 -22.30
C ASP A 165 -2.22 -18.80 -23.80
N ALA A 166 -2.44 -20.00 -24.32
CA ALA A 166 -2.38 -20.20 -25.77
C ALA A 166 -3.59 -19.60 -26.46
N VAL A 167 -4.79 -19.88 -25.93
CA VAL A 167 -6.01 -19.35 -26.51
C VAL A 167 -6.13 -17.85 -26.26
N ALA A 168 -5.69 -17.40 -25.08
CA ALA A 168 -5.76 -15.98 -24.73
C ALA A 168 -4.81 -15.12 -25.56
N GLU A 169 -3.77 -15.71 -26.15
CA GLU A 169 -2.91 -15.00 -27.07
C GLU A 169 -3.25 -15.25 -28.53
N TRP A 170 -3.86 -16.40 -28.83
CA TRP A 170 -4.37 -16.64 -30.18
C TRP A 170 -5.52 -15.70 -30.50
N TYR A 171 -6.36 -15.42 -29.51
CA TYR A 171 -7.43 -14.44 -29.68
C TYR A 171 -6.90 -13.01 -29.60
N ALA A 172 -5.72 -12.81 -29.01
CA ALA A 172 -5.04 -11.53 -28.98
C ALA A 172 -4.19 -11.29 -30.22
N PHE A 173 -4.40 -12.07 -31.28
CA PHE A 173 -3.80 -11.82 -32.58
C PHE A 173 -4.83 -11.54 -33.65
N HIS A 174 -6.05 -12.08 -33.53
CA HIS A 174 -7.11 -11.82 -34.49
C HIS A 174 -7.97 -10.64 -34.09
N TYR A 175 -8.47 -10.63 -32.85
CA TYR A 175 -9.30 -9.52 -32.36
C TYR A 175 -8.53 -8.21 -32.30
N ILE A 176 -7.22 -8.27 -32.01
CA ILE A 176 -6.41 -7.07 -32.03
C ILE A 176 -6.21 -6.59 -33.46
N ASN A 177 -6.20 -7.51 -34.44
CA ASN A 177 -5.92 -7.12 -35.81
C ASN A 177 -7.19 -6.67 -36.53
N ILE A 178 -8.30 -7.38 -36.32
CA ILE A 178 -9.55 -7.02 -37.01
C ILE A 178 -10.21 -5.78 -36.43
N LEU A 179 -9.76 -5.31 -35.27
CA LEU A 179 -10.28 -4.07 -34.71
C LEU A 179 -9.68 -2.84 -35.41
N SER A 180 -8.65 -3.04 -36.23
CA SER A 180 -8.10 -1.97 -37.05
C SER A 180 -8.96 -1.63 -38.26
N ARG A 181 -10.01 -2.40 -38.52
CA ARG A 181 -10.89 -2.18 -39.66
C ARG A 181 -12.00 -1.17 -39.37
N LEU A 182 -11.91 -0.42 -38.28
CA LEU A 182 -12.97 0.51 -37.94
C LEU A 182 -12.79 1.82 -38.70
N PRO A 183 -13.87 2.45 -39.15
CA PRO A 183 -13.76 3.80 -39.73
C PRO A 183 -13.37 4.84 -38.70
N GLU A 184 -12.22 5.46 -38.86
CA GLU A 184 -11.75 6.47 -37.89
C GLU A 184 -12.53 7.77 -38.09
N THR A 185 -13.73 7.83 -37.50
CA THR A 185 -14.60 9.00 -37.60
C THR A 185 -15.05 9.40 -36.21
N LEU A 186 -15.67 10.56 -36.13
CA LEU A 186 -16.33 10.98 -34.90
C LEU A 186 -17.60 10.16 -34.72
N PRO A 187 -17.82 9.55 -33.54
CA PRO A 187 -19.00 8.67 -33.37
C PRO A 187 -20.32 9.43 -33.36
N SER A 188 -21.20 9.03 -34.26
CA SER A 188 -22.46 9.74 -34.48
C SER A 188 -23.48 9.51 -33.37
N LEU A 189 -23.33 8.44 -32.58
CA LEU A 189 -24.20 8.18 -31.45
C LEU A 189 -23.32 8.09 -30.21
N GLU A 190 -23.35 9.13 -29.39
CA GLU A 190 -22.51 9.21 -28.20
C GLU A 190 -23.10 8.32 -27.12
N GLU A 191 -22.39 7.26 -26.75
CA GLU A 191 -22.78 6.37 -25.67
C GLU A 191 -22.08 6.82 -24.40
N ASP A 192 -22.81 7.54 -23.55
CA ASP A 192 -22.26 8.05 -22.29
C ASP A 192 -22.39 6.97 -21.24
N THR A 193 -21.32 6.23 -21.01
CA THR A 193 -21.30 5.20 -19.98
C THR A 193 -20.94 5.76 -18.60
N LEU A 194 -20.73 7.08 -18.49
CA LEU A 194 -20.49 7.69 -17.19
C LEU A 194 -21.75 7.72 -16.33
N GLY A 195 -22.92 7.54 -16.92
CA GLY A 195 -24.11 7.26 -16.13
C GLY A 195 -24.27 5.80 -15.76
N ASN A 196 -23.35 4.95 -16.22
CA ASN A 196 -23.37 3.52 -15.92
C ASN A 196 -22.11 3.02 -15.25
N PHE A 197 -20.93 3.48 -15.67
CA PHE A 197 -19.68 2.92 -15.17
C PHE A 197 -19.20 3.59 -13.89
N ILE A 198 -19.34 4.92 -13.78
CA ILE A 198 -18.91 5.65 -12.60
C ILE A 198 -20.15 6.21 -11.91
N PHE A 199 -20.37 5.79 -10.67
CA PHE A 199 -21.56 6.25 -9.94
C PHE A 199 -21.35 7.63 -9.32
N ALA A 200 -20.19 7.87 -8.72
CA ALA A 200 -19.94 9.12 -8.02
C ALA A 200 -18.53 9.60 -8.30
N CYS A 201 -18.41 10.85 -8.75
CA CYS A 201 -17.14 11.54 -8.87
C CYS A 201 -17.11 12.63 -7.80
N ARG A 202 -16.30 12.42 -6.77
CA ARG A 202 -16.28 13.29 -5.59
C ARG A 202 -14.85 13.71 -5.31
N PHE A 203 -14.51 14.94 -5.65
CA PHE A 203 -13.22 15.53 -5.32
C PHE A 203 -13.47 16.83 -4.56
N ASN A 204 -13.00 16.88 -3.31
CA ASN A 204 -13.11 18.05 -2.42
C ASN A 204 -14.57 18.45 -2.22
N GLN A 205 -15.40 17.43 -1.93
CA GLN A 205 -16.78 17.58 -1.44
C GLN A 205 -17.71 18.26 -2.45
N VAL A 206 -17.40 18.19 -3.74
CA VAL A 206 -18.30 18.63 -4.80
C VAL A 206 -18.45 17.50 -5.82
N SER A 207 -19.22 17.76 -6.86
CA SER A 207 -19.52 16.78 -7.89
C SER A 207 -18.64 17.00 -9.12
N CYS A 208 -18.90 16.21 -10.15
CA CYS A 208 -18.17 16.29 -11.41
C CYS A 208 -19.13 16.40 -12.60
N ASN A 209 -20.18 17.20 -12.47
CA ASN A 209 -21.11 17.37 -13.58
C ASN A 209 -20.49 18.23 -14.68
N GLN A 210 -19.80 19.30 -14.31
CA GLN A 210 -19.09 20.16 -15.25
C GLN A 210 -17.63 19.74 -15.43
N ALA A 211 -17.41 18.46 -15.68
CA ALA A 211 -16.08 17.89 -15.83
C ALA A 211 -15.80 17.63 -17.29
N ASN A 212 -14.90 18.41 -17.88
CA ASN A 212 -14.49 18.21 -19.27
C ASN A 212 -13.57 17.00 -19.32
N TYR A 213 -14.12 15.85 -19.69
CA TYR A 213 -13.41 14.57 -19.65
C TYR A 213 -12.98 14.16 -21.04
N SER A 214 -11.82 13.53 -21.13
CA SER A 214 -11.35 12.95 -22.37
C SER A 214 -11.78 11.49 -22.46
N HIS A 215 -11.84 10.98 -23.68
CA HIS A 215 -12.29 9.62 -23.92
C HIS A 215 -11.49 9.00 -25.06
N PHE A 216 -11.00 7.79 -24.83
CA PHE A 216 -10.37 6.99 -25.88
C PHE A 216 -10.57 5.52 -25.51
N HIS A 217 -10.93 4.72 -26.51
CA HIS A 217 -11.12 3.29 -26.30
C HIS A 217 -9.80 2.57 -26.51
N HIS A 218 -9.27 1.98 -25.44
CA HIS A 218 -8.05 1.21 -25.57
C HIS A 218 -8.39 -0.14 -26.22
N PRO A 219 -7.64 -0.57 -27.23
CA PRO A 219 -8.02 -1.78 -27.98
C PRO A 219 -7.80 -3.07 -27.23
N MET A 220 -7.08 -3.06 -26.10
CA MET A 220 -6.88 -4.26 -25.31
C MET A 220 -7.67 -4.25 -24.01
N TYR A 221 -7.80 -3.09 -23.36
CA TYR A 221 -8.48 -3.00 -22.09
C TYR A 221 -9.93 -2.55 -22.21
N GLY A 222 -10.25 -1.67 -23.15
CA GLY A 222 -11.61 -1.25 -23.41
C GLY A 222 -11.77 0.25 -23.26
N ASN A 223 -12.86 0.65 -22.60
CA ASN A 223 -13.16 2.07 -22.42
C ASN A 223 -12.22 2.69 -21.41
N CYS A 224 -11.93 3.98 -21.59
CA CYS A 224 -11.09 4.73 -20.66
C CYS A 224 -11.65 6.13 -20.49
N TYR A 225 -11.29 6.75 -19.37
CA TYR A 225 -11.72 8.11 -19.05
C TYR A 225 -10.60 8.81 -18.29
N THR A 226 -10.26 10.02 -18.74
CA THR A 226 -9.26 10.83 -18.07
C THR A 226 -9.87 12.19 -17.78
N PHE A 227 -9.73 12.66 -16.54
CA PHE A 227 -10.47 13.82 -16.07
C PHE A 227 -9.70 15.13 -16.09
N ASN A 228 -8.38 15.09 -16.17
CA ASN A 228 -7.58 16.32 -16.06
C ASN A 228 -6.52 16.39 -17.16
N ASP A 229 -6.92 16.12 -18.40
CA ASP A 229 -6.05 16.41 -19.53
C ASP A 229 -6.07 17.88 -19.92
N LYS A 230 -7.13 18.59 -19.58
CA LYS A 230 -7.22 20.02 -19.89
C LYS A 230 -6.31 20.82 -18.97
N ASN A 231 -6.02 22.05 -19.39
CA ASN A 231 -5.18 22.98 -18.63
C ASN A 231 -5.92 24.31 -18.48
N ASN A 232 -7.20 24.23 -18.13
CA ASN A 232 -8.03 25.41 -17.98
C ASN A 232 -7.93 25.94 -16.55
N SER A 233 -8.78 26.92 -16.21
CA SER A 233 -8.76 27.50 -14.88
C SER A 233 -9.53 26.67 -13.86
N ASN A 234 -10.34 25.73 -14.32
CA ASN A 234 -11.15 24.88 -13.44
C ASN A 234 -10.48 23.55 -13.16
N LEU A 235 -9.14 23.51 -13.15
CA LEU A 235 -8.42 22.30 -12.84
C LEU A 235 -8.47 22.00 -11.35
N TRP A 236 -8.10 20.77 -10.99
CA TRP A 236 -8.25 20.30 -9.62
C TRP A 236 -6.97 20.53 -8.82
N MET A 237 -7.16 20.79 -7.52
CA MET A 237 -6.04 20.95 -6.61
C MET A 237 -6.48 20.48 -5.22
N SER A 238 -5.50 19.98 -4.46
CA SER A 238 -5.75 19.43 -3.13
C SER A 238 -5.41 20.48 -2.09
N SER A 239 -6.43 21.00 -1.40
CA SER A 239 -6.19 22.00 -0.36
C SER A 239 -5.57 21.37 0.87
N MET A 240 -6.18 20.30 1.38
CA MET A 240 -5.68 19.59 2.54
C MET A 240 -5.51 18.12 2.21
N PRO A 241 -4.45 17.47 2.71
CA PRO A 241 -4.27 16.04 2.42
C PRO A 241 -5.23 15.16 3.20
N GLY A 242 -6.49 15.13 2.78
CA GLY A 242 -7.50 14.36 3.45
C GLY A 242 -8.28 13.48 2.49
N ILE A 243 -8.81 12.38 3.04
CA ILE A 243 -9.68 11.51 2.25
C ILE A 243 -10.97 12.25 1.90
N ASN A 244 -11.52 13.00 2.87
CA ASN A 244 -12.69 13.82 2.62
C ASN A 244 -12.37 15.04 1.74
N ASN A 245 -11.09 15.40 1.62
CA ASN A 245 -10.67 16.48 0.75
C ASN A 245 -10.00 15.99 -0.53
N GLY A 246 -9.84 14.68 -0.69
CA GLY A 246 -9.27 14.11 -1.88
C GLY A 246 -10.33 13.63 -2.87
N LEU A 247 -9.92 12.73 -3.75
CA LEU A 247 -10.82 12.18 -4.76
C LEU A 247 -11.48 10.92 -4.23
N SER A 248 -12.79 10.82 -4.43
CA SER A 248 -13.56 9.64 -4.06
C SER A 248 -14.37 9.19 -5.27
N LEU A 249 -14.18 7.93 -5.67
CA LEU A 249 -14.82 7.38 -6.85
C LEU A 249 -15.57 6.11 -6.51
N MET A 250 -16.56 5.78 -7.34
CA MET A 250 -17.34 4.56 -7.19
C MET A 250 -17.53 3.96 -8.58
N LEU A 251 -16.88 2.83 -8.83
CA LEU A 251 -16.81 2.24 -10.15
C LEU A 251 -17.67 0.99 -10.24
N ARG A 252 -18.22 0.75 -11.43
CA ARG A 252 -18.99 -0.45 -11.72
C ARG A 252 -18.09 -1.39 -12.51
N ALA A 253 -17.38 -2.26 -11.79
CA ALA A 253 -16.60 -3.31 -12.44
C ALA A 253 -17.56 -4.37 -12.97
N GLU A 254 -17.66 -4.47 -14.29
CA GLU A 254 -18.65 -5.34 -14.93
C GLU A 254 -18.24 -6.80 -14.77
N GLN A 255 -19.09 -7.56 -14.07
CA GLN A 255 -18.82 -8.99 -13.90
C GLN A 255 -19.06 -9.76 -15.19
N ASN A 256 -20.23 -9.60 -15.79
CA ASN A 256 -20.52 -10.19 -17.08
C ASN A 256 -19.80 -9.40 -18.16
N ASP A 257 -18.76 -9.99 -18.75
CA ASP A 257 -17.93 -9.32 -19.73
C ASP A 257 -18.52 -9.49 -21.13
N PHE A 258 -18.11 -8.59 -22.02
CA PHE A 258 -18.60 -8.66 -23.40
C PHE A 258 -17.96 -9.82 -24.16
N ILE A 259 -16.68 -10.08 -23.91
CA ILE A 259 -15.97 -11.16 -24.57
C ILE A 259 -15.30 -12.01 -23.49
N PRO A 260 -15.64 -13.30 -23.36
CA PRO A 260 -15.00 -14.13 -22.33
C PRO A 260 -13.61 -14.61 -22.71
N LEU A 261 -13.15 -14.37 -23.93
CA LEU A 261 -11.85 -14.86 -24.38
C LEU A 261 -10.71 -13.91 -24.03
N LEU A 262 -10.87 -12.62 -24.33
CA LEU A 262 -9.81 -11.67 -24.04
C LEU A 262 -9.96 -11.10 -22.62
N SER A 263 -11.16 -10.69 -22.25
CA SER A 263 -11.41 -10.13 -20.93
C SER A 263 -11.49 -11.26 -19.91
N THR A 264 -10.32 -11.72 -19.48
CA THR A 264 -10.22 -12.77 -18.48
C THR A 264 -10.08 -12.21 -17.07
N VAL A 265 -10.49 -10.96 -16.86
CA VAL A 265 -10.50 -10.32 -15.54
C VAL A 265 -11.80 -9.52 -15.40
N THR A 266 -12.16 -9.25 -14.15
CA THR A 266 -13.39 -8.54 -13.83
C THR A 266 -13.17 -7.28 -13.02
N GLY A 267 -11.92 -6.88 -12.78
CA GLY A 267 -11.63 -5.77 -11.90
C GLY A 267 -11.84 -4.41 -12.51
N ALA A 268 -10.98 -3.46 -12.13
CA ALA A 268 -11.04 -2.10 -12.62
C ALA A 268 -9.67 -1.45 -12.45
N ARG A 269 -9.23 -0.72 -13.47
CA ARG A 269 -7.91 -0.09 -13.48
C ARG A 269 -8.00 1.35 -13.01
N VAL A 270 -7.18 1.71 -12.04
CA VAL A 270 -7.01 3.09 -11.61
C VAL A 270 -5.54 3.44 -11.73
N MET A 271 -5.23 4.45 -12.53
CA MET A 271 -3.84 4.84 -12.79
C MET A 271 -3.73 6.35 -12.81
N VAL A 272 -2.74 6.87 -12.09
CA VAL A 272 -2.45 8.30 -12.07
C VAL A 272 -1.21 8.56 -12.91
N HIS A 273 -1.10 9.79 -13.39
CA HIS A 273 0.04 10.24 -14.20
C HIS A 273 0.10 11.76 -14.08
N GLY A 274 0.87 12.40 -14.96
CA GLY A 274 1.00 13.84 -14.97
C GLY A 274 -0.22 14.55 -15.53
N GLN A 275 0.01 15.76 -16.04
CA GLN A 275 -1.07 16.56 -16.62
C GLN A 275 -0.95 16.66 -18.13
N ASP A 276 0.20 17.12 -18.63
CA ASP A 276 0.43 17.10 -20.07
C ASP A 276 0.89 15.74 -20.55
N GLU A 277 1.31 14.85 -19.64
CA GLU A 277 1.73 13.52 -20.01
C GLU A 277 0.53 12.69 -20.48
N PRO A 278 0.74 11.75 -21.40
CA PRO A 278 -0.39 10.97 -21.91
C PRO A 278 -0.75 9.82 -20.98
N ALA A 279 -2.00 9.38 -21.11
CA ALA A 279 -2.45 8.18 -20.41
C ALA A 279 -1.87 6.96 -21.11
N PHE A 280 -0.71 6.50 -20.64
CA PHE A 280 0.03 5.46 -21.35
C PHE A 280 -0.62 4.08 -21.17
N MET A 281 -0.89 3.70 -19.91
CA MET A 281 -1.75 2.61 -19.46
C MET A 281 -1.15 1.22 -19.71
N ASP A 282 -0.06 1.14 -20.46
CA ASP A 282 0.73 -0.08 -20.48
C ASP A 282 1.79 -0.04 -19.39
N ASP A 283 2.00 1.13 -18.78
CA ASP A 283 2.86 1.25 -17.60
C ASP A 283 2.33 0.42 -16.44
N GLY A 284 1.02 0.44 -16.24
CA GLY A 284 0.41 -0.29 -15.14
C GLY A 284 -0.16 0.65 -14.10
N GLY A 285 -1.18 0.16 -13.41
CA GLY A 285 -1.83 0.93 -12.37
C GLY A 285 -2.37 0.01 -11.31
N PHE A 286 -3.50 0.40 -10.72
CA PHE A 286 -4.14 -0.40 -9.70
C PHE A 286 -5.26 -1.24 -10.30
N ASN A 287 -5.00 -2.53 -10.51
CA ASN A 287 -6.05 -3.51 -10.70
C ASN A 287 -6.68 -3.74 -9.34
N LEU A 288 -8.00 -3.55 -9.25
CA LEU A 288 -8.69 -3.53 -7.97
C LEU A 288 -9.77 -4.59 -7.92
N ARG A 289 -9.91 -5.22 -6.76
CA ARG A 289 -10.91 -6.26 -6.58
C ARG A 289 -12.30 -5.63 -6.52
N PRO A 290 -13.28 -6.16 -7.27
CA PRO A 290 -14.65 -5.64 -7.16
C PRO A 290 -15.27 -6.06 -5.84
N GLY A 291 -15.69 -5.07 -5.05
CA GLY A 291 -16.30 -5.33 -3.76
C GLY A 291 -15.52 -4.80 -2.58
N VAL A 292 -14.34 -4.21 -2.77
CA VAL A 292 -13.57 -3.66 -1.67
C VAL A 292 -13.30 -2.18 -1.93
N GLU A 293 -13.07 -1.44 -0.85
CA GLU A 293 -12.66 -0.05 -0.94
C GLU A 293 -11.15 0.01 -0.89
N THR A 294 -10.56 0.77 -1.82
CA THR A 294 -9.11 0.91 -1.92
C THR A 294 -8.73 2.34 -1.61
N SER A 295 -7.89 2.51 -0.60
CA SER A 295 -7.33 3.82 -0.24
C SER A 295 -5.97 3.96 -0.91
N ILE A 296 -5.93 4.64 -2.04
CA ILE A 296 -4.70 4.85 -2.79
C ILE A 296 -4.02 6.10 -2.26
N SER A 297 -2.88 5.92 -1.61
CA SER A 297 -2.07 7.04 -1.14
C SER A 297 -0.87 7.23 -2.08
N MET A 298 -0.52 8.48 -2.33
CA MET A 298 0.55 8.82 -3.24
C MET A 298 1.66 9.57 -2.51
N ARG A 299 2.89 9.38 -2.99
CA ARG A 299 4.06 10.12 -2.52
C ARG A 299 4.77 10.64 -3.77
N LYS A 300 4.62 11.93 -4.05
CA LYS A 300 5.15 12.51 -5.27
C LYS A 300 6.66 12.65 -5.17
N GLU A 301 7.39 12.01 -6.08
CA GLU A 301 8.84 12.07 -6.15
C GLU A 301 9.24 12.57 -7.53
N THR A 302 9.65 13.83 -7.62
CA THR A 302 10.02 14.44 -8.89
C THR A 302 11.53 14.46 -9.04
N LEU A 303 11.98 14.87 -10.23
CA LEU A 303 13.39 14.94 -10.55
C LEU A 303 13.66 16.16 -11.43
N ASP A 304 14.61 16.99 -11.01
CA ASP A 304 15.02 18.16 -11.77
C ASP A 304 16.52 18.13 -11.95
N ARG A 305 16.96 18.00 -13.19
CA ARG A 305 18.38 17.86 -13.52
C ARG A 305 18.82 19.04 -14.39
N LEU A 306 20.10 19.02 -14.76
CA LEU A 306 20.66 20.05 -15.62
C LEU A 306 20.57 19.62 -17.08
N GLY A 307 20.74 20.59 -17.97
CA GLY A 307 20.63 20.37 -19.40
C GLY A 307 21.87 19.74 -20.00
N GLY A 308 22.14 20.11 -21.26
CA GLY A 308 23.28 19.58 -21.98
C GLY A 308 24.62 20.19 -21.63
N ASP A 309 24.63 21.22 -20.78
CA ASP A 309 25.91 21.84 -20.41
C ASP A 309 26.68 20.99 -19.42
N TYR A 310 25.97 20.20 -18.60
CA TYR A 310 26.61 19.38 -17.57
C TYR A 310 26.43 17.89 -17.85
N GLY A 311 25.20 17.42 -18.00
CA GLY A 311 24.96 16.01 -18.16
C GLY A 311 24.34 15.63 -19.49
N ASP A 312 23.78 14.42 -19.55
CA ASP A 312 23.16 13.89 -20.77
C ASP A 312 21.64 14.01 -20.59
N CYS A 313 21.12 15.20 -20.86
CA CYS A 313 19.71 15.48 -20.63
C CYS A 313 19.28 16.66 -21.49
N THR A 314 18.00 16.69 -21.85
CA THR A 314 17.40 17.77 -22.61
C THR A 314 16.25 18.39 -21.83
N LYS A 315 16.14 19.72 -21.91
CA LYS A 315 15.07 20.41 -21.22
C LYS A 315 13.73 20.20 -21.93
N ASN A 316 13.76 20.08 -23.25
CA ASN A 316 12.55 19.90 -24.04
C ASN A 316 12.89 19.05 -25.26
N GLY A 317 11.88 18.36 -25.79
CA GLY A 317 12.08 17.52 -26.95
C GLY A 317 12.12 18.29 -28.25
N SER A 318 13.20 19.04 -28.47
CA SER A 318 13.37 19.84 -29.67
C SER A 318 14.57 19.41 -30.50
N ASP A 319 15.69 19.09 -29.86
CA ASP A 319 16.89 18.72 -30.59
C ASP A 319 16.96 17.22 -30.85
N VAL A 320 15.94 16.48 -30.42
CA VAL A 320 15.97 15.02 -30.58
C VAL A 320 15.67 14.66 -32.04
N PRO A 321 16.23 13.58 -32.57
CA PRO A 321 15.91 13.21 -33.96
C PRO A 321 14.60 12.46 -34.09
N VAL A 322 14.10 11.87 -33.00
CA VAL A 322 12.86 11.12 -33.05
C VAL A 322 11.69 12.10 -33.14
N GLU A 323 10.79 11.85 -34.09
CA GLU A 323 9.63 12.72 -34.28
C GLU A 323 8.64 12.55 -33.13
N ASN A 324 8.13 13.68 -32.65
CA ASN A 324 7.14 13.68 -31.57
C ASN A 324 5.81 13.18 -32.10
N LEU A 325 5.58 11.87 -32.02
CA LEU A 325 4.35 11.29 -32.55
C LEU A 325 3.15 11.58 -31.64
N TYR A 326 3.38 11.74 -30.35
CA TYR A 326 2.29 12.05 -29.44
C TYR A 326 1.94 13.54 -29.53
N PRO A 327 0.70 13.91 -29.25
CA PRO A 327 0.36 15.32 -29.03
C PRO A 327 0.69 15.83 -27.64
N SER A 328 1.38 15.04 -26.83
CA SER A 328 1.68 15.36 -25.45
C SER A 328 3.05 16.04 -25.35
N LYS A 329 3.57 16.18 -24.13
CA LYS A 329 4.88 16.76 -23.92
C LYS A 329 5.96 15.68 -24.08
N TYR A 330 7.21 16.08 -23.83
CA TYR A 330 8.34 15.17 -23.98
C TYR A 330 8.49 14.30 -22.75
N THR A 331 8.84 13.03 -22.98
CA THR A 331 9.10 12.06 -21.93
C THR A 331 10.07 11.02 -22.48
N GLN A 332 10.23 9.91 -21.75
CA GLN A 332 11.08 8.85 -22.25
C GLN A 332 10.32 7.91 -23.19
N GLN A 333 9.02 7.69 -22.91
CA GLN A 333 8.22 6.80 -23.75
C GLN A 333 7.91 7.40 -25.11
N VAL A 334 7.98 8.73 -25.26
CA VAL A 334 7.68 9.36 -26.53
C VAL A 334 8.79 9.16 -27.55
N CYS A 335 9.96 8.71 -27.13
CA CYS A 335 11.02 8.33 -28.05
C CYS A 335 11.10 6.84 -28.30
N ILE A 336 10.91 6.02 -27.26
CA ILE A 336 11.03 4.59 -27.39
C ILE A 336 9.85 4.02 -28.18
N HIS A 337 8.64 4.47 -27.86
CA HIS A 337 7.43 3.92 -28.46
C HIS A 337 7.01 4.65 -29.74
N SER A 338 7.78 5.64 -30.19
CA SER A 338 7.54 6.28 -31.47
C SER A 338 8.55 5.89 -32.54
N CYS A 339 9.81 5.65 -32.17
CA CYS A 339 10.75 5.08 -33.11
C CYS A 339 10.37 3.64 -33.44
N PHE A 340 9.83 2.93 -32.45
CA PHE A 340 9.33 1.58 -32.67
C PHE A 340 8.11 1.59 -33.58
N GLN A 341 7.33 2.67 -33.56
CA GLN A 341 6.22 2.82 -34.50
C GLN A 341 6.75 3.14 -35.89
N GLU A 342 7.75 4.02 -35.99
CA GLU A 342 8.31 4.38 -37.28
C GLU A 342 9.22 3.30 -37.86
N SER A 343 9.75 2.40 -37.02
CA SER A 343 10.51 1.27 -37.55
C SER A 343 9.59 0.28 -38.25
N MET A 344 8.33 0.19 -37.84
CA MET A 344 7.34 -0.59 -38.56
C MET A 344 7.03 0.03 -39.92
N ILE A 345 7.14 1.36 -40.03
CA ILE A 345 6.93 2.03 -41.30
C ILE A 345 8.10 1.78 -42.24
N LYS A 346 9.31 1.69 -41.68
CA LYS A 346 10.49 1.44 -42.51
C LYS A 346 10.55 -0.02 -42.97
N GLU A 347 10.24 -0.96 -42.07
CA GLU A 347 10.34 -2.37 -42.41
C GLU A 347 9.16 -2.83 -43.25
N CYS A 348 7.94 -2.51 -42.84
CA CYS A 348 6.74 -3.00 -43.47
C CYS A 348 5.84 -1.82 -43.86
N GLY A 349 4.66 -2.15 -44.38
CA GLY A 349 3.70 -1.12 -44.75
C GLY A 349 2.57 -1.03 -43.75
N CYS A 350 2.87 -1.27 -42.48
CA CYS A 350 1.86 -1.39 -41.44
C CYS A 350 2.12 -0.39 -40.32
N ALA A 351 1.05 0.04 -39.67
CA ALA A 351 1.11 0.83 -38.46
C ALA A 351 0.56 0.03 -37.29
N TYR A 352 1.14 0.20 -36.12
CA TYR A 352 0.77 -0.62 -34.96
C TYR A 352 -0.40 0.01 -34.21
N ILE A 353 -1.20 -0.84 -33.59
CA ILE A 353 -2.52 -0.43 -33.11
C ILE A 353 -2.52 0.08 -31.67
N PHE A 354 -1.61 -0.39 -30.82
CA PHE A 354 -1.61 0.04 -29.41
C PHE A 354 -1.09 1.46 -29.23
N TYR A 355 -0.45 2.03 -30.26
CA TYR A 355 0.07 3.38 -30.22
C TYR A 355 -0.59 4.22 -31.30
N PRO A 356 -0.65 5.55 -31.15
CA PRO A 356 -1.31 6.40 -32.15
C PRO A 356 -0.61 6.36 -33.51
N ARG A 357 -1.34 6.88 -34.49
CA ARG A 357 -1.05 6.66 -35.90
C ARG A 357 -0.92 7.99 -36.63
N PRO A 358 0.11 8.15 -37.47
CA PRO A 358 0.19 9.33 -38.33
C PRO A 358 -0.85 9.25 -39.45
N GLN A 359 -1.19 10.43 -39.98
CA GLN A 359 -2.28 10.54 -40.94
C GLN A 359 -1.91 10.05 -42.33
N ASN A 360 -0.64 9.83 -42.63
CA ASN A 360 -0.20 9.42 -43.96
C ASN A 360 -0.18 7.90 -44.13
N VAL A 361 -0.69 7.14 -43.16
CA VAL A 361 -0.72 5.69 -43.25
C VAL A 361 -1.89 5.20 -42.41
N GLU A 362 -2.46 4.07 -42.82
CA GLU A 362 -3.53 3.41 -42.06
C GLU A 362 -2.94 2.33 -41.16
N TYR A 363 -3.80 1.75 -40.34
CA TYR A 363 -3.38 0.60 -39.53
C TYR A 363 -3.26 -0.64 -40.41
N CYS A 364 -2.66 -1.68 -39.85
CA CYS A 364 -2.36 -2.89 -40.61
C CYS A 364 -3.43 -3.94 -40.38
N ASP A 365 -3.61 -4.81 -41.38
CA ASP A 365 -4.56 -5.90 -41.31
C ASP A 365 -3.95 -7.11 -42.01
N TYR A 366 -4.34 -8.32 -41.56
CA TYR A 366 -3.77 -9.53 -42.13
C TYR A 366 -4.27 -9.78 -43.55
N ARG A 367 -5.49 -9.35 -43.85
CA ARG A 367 -5.99 -9.42 -45.23
C ARG A 367 -5.28 -8.39 -46.10
N LYS A 368 -4.83 -7.29 -45.50
CA LYS A 368 -4.07 -6.29 -46.24
C LYS A 368 -2.61 -6.69 -46.36
N HIS A 369 -2.01 -7.16 -45.26
CA HIS A 369 -0.62 -7.57 -45.23
C HIS A 369 -0.53 -8.88 -44.46
N SER A 370 -0.25 -9.98 -45.18
CA SER A 370 -0.32 -11.30 -44.56
C SER A 370 0.87 -11.62 -43.68
N SER A 371 1.91 -10.79 -43.69
CA SER A 371 3.11 -11.01 -42.91
C SER A 371 3.29 -9.95 -41.82
N TRP A 372 2.19 -9.54 -41.18
CA TRP A 372 2.29 -8.55 -40.13
C TRP A 372 2.80 -9.17 -38.83
N GLY A 373 2.40 -10.41 -38.54
CA GLY A 373 2.82 -11.06 -37.31
C GLY A 373 4.30 -11.39 -37.30
N TYR A 374 4.84 -11.76 -38.47
CA TYR A 374 6.28 -11.91 -38.59
C TYR A 374 6.98 -10.57 -38.50
N CYS A 375 6.33 -9.50 -38.96
CA CYS A 375 6.96 -8.18 -38.96
C CYS A 375 7.05 -7.61 -37.56
N TYR A 376 6.15 -8.01 -36.67
CA TYR A 376 6.19 -7.52 -35.30
C TYR A 376 7.04 -8.40 -34.39
N TYR A 377 7.03 -9.71 -34.64
CA TYR A 377 7.77 -10.63 -33.76
C TYR A 377 9.27 -10.56 -34.02
N LYS A 378 9.66 -10.31 -35.27
CA LYS A 378 11.08 -10.22 -35.59
C LYS A 378 11.69 -8.92 -35.09
N LEU A 379 10.90 -7.84 -35.09
CA LEU A 379 11.44 -6.55 -34.64
C LEU A 379 11.51 -6.47 -33.12
N GLN A 380 10.58 -7.14 -32.43
CA GLN A 380 10.53 -7.07 -30.97
C GLN A 380 11.72 -7.79 -30.33
N VAL A 381 12.12 -8.92 -30.89
CA VAL A 381 13.32 -9.60 -30.40
C VAL A 381 14.58 -8.92 -30.89
N ASP A 382 14.49 -8.07 -31.92
CA ASP A 382 15.62 -7.30 -32.39
C ASP A 382 15.77 -5.97 -31.66
N PHE A 383 14.67 -5.44 -31.10
CA PHE A 383 14.72 -4.18 -30.38
C PHE A 383 15.36 -4.34 -29.00
N SER A 384 15.22 -5.51 -28.38
CA SER A 384 15.78 -5.73 -27.05
C SER A 384 17.29 -5.86 -27.06
N SER A 385 17.88 -6.20 -28.21
CA SER A 385 19.33 -6.34 -28.33
C SER A 385 20.02 -5.02 -28.64
N ASP A 386 19.28 -3.90 -28.60
CA ASP A 386 19.77 -2.54 -28.87
C ASP A 386 20.41 -2.44 -30.26
N HIS A 387 19.76 -3.08 -31.24
CA HIS A 387 20.26 -3.03 -32.61
C HIS A 387 19.76 -1.80 -33.36
N LEU A 388 18.54 -1.35 -33.06
CA LEU A 388 18.06 -0.11 -33.65
C LEU A 388 18.74 1.11 -33.04
N GLY A 389 19.26 1.00 -31.83
CA GLY A 389 19.95 2.11 -31.21
C GLY A 389 19.05 3.22 -30.72
N CYS A 390 17.74 2.95 -30.57
CA CYS A 390 16.79 3.98 -30.17
C CYS A 390 16.97 4.38 -28.71
N PHE A 391 17.56 3.51 -27.88
CA PHE A 391 17.88 3.88 -26.51
C PHE A 391 19.01 4.90 -26.46
N THR A 392 19.86 4.94 -27.49
CA THR A 392 21.01 5.84 -27.51
C THR A 392 20.74 7.12 -28.28
N LYS A 393 19.78 7.12 -29.20
CA LYS A 393 19.53 8.31 -30.00
C LYS A 393 18.81 9.39 -29.19
N CYS A 394 17.73 9.02 -28.51
CA CYS A 394 16.96 9.96 -27.72
C CYS A 394 17.52 10.03 -26.31
N ARG A 395 17.63 11.24 -25.77
CA ARG A 395 18.17 11.46 -24.44
C ARG A 395 17.06 11.36 -23.40
N LYS A 396 17.46 11.55 -22.14
CA LYS A 396 16.52 11.49 -21.02
C LYS A 396 15.87 12.86 -20.80
N PRO A 397 14.62 12.88 -20.37
CA PRO A 397 13.98 14.16 -20.03
C PRO A 397 14.46 14.69 -18.69
N CYS A 398 14.67 16.01 -18.63
CA CYS A 398 15.10 16.65 -17.40
C CYS A 398 13.97 16.84 -16.40
N SER A 399 12.72 16.70 -16.83
CA SER A 399 11.56 16.84 -15.95
C SER A 399 10.93 15.46 -15.79
N VAL A 400 11.40 14.72 -14.80
CA VAL A 400 10.90 13.38 -14.49
C VAL A 400 10.08 13.47 -13.22
N THR A 401 8.80 13.12 -13.32
CA THR A 401 7.87 13.15 -12.19
C THR A 401 7.25 11.76 -12.05
N SER A 402 7.74 10.99 -11.08
CA SER A 402 7.23 9.66 -10.81
C SER A 402 6.36 9.70 -9.56
N TYR A 403 5.39 8.79 -9.50
CA TYR A 403 4.43 8.72 -8.40
C TYR A 403 4.60 7.40 -7.68
N GLN A 404 5.06 7.45 -6.43
CA GLN A 404 5.06 6.27 -5.58
C GLN A 404 3.63 5.91 -5.19
N LEU A 405 3.30 4.64 -5.29
CA LEU A 405 1.92 4.18 -5.13
C LEU A 405 1.87 3.05 -4.10
N SER A 406 1.16 3.29 -3.00
CA SER A 406 0.87 2.27 -2.01
C SER A 406 -0.62 1.96 -2.03
N ALA A 407 -1.02 0.96 -1.24
CA ALA A 407 -2.40 0.50 -1.24
C ALA A 407 -2.89 0.29 0.19
N GLY A 408 -4.21 0.23 0.32
CA GLY A 408 -4.88 -0.12 1.55
C GLY A 408 -6.26 -0.65 1.25
N TYR A 409 -6.58 -1.84 1.76
CA TYR A 409 -7.73 -2.61 1.30
C TYR A 409 -8.72 -2.83 2.44
N SER A 410 -10.00 -2.72 2.13
CA SER A 410 -11.07 -2.98 3.08
C SER A 410 -12.35 -3.25 2.31
N ARG A 411 -13.13 -4.24 2.76
CA ARG A 411 -14.37 -4.60 2.07
C ARG A 411 -15.39 -3.49 2.19
N TRP A 412 -15.98 -3.13 1.05
CA TRP A 412 -16.86 -1.95 0.99
C TRP A 412 -18.27 -2.19 1.51
N PRO A 413 -18.97 -3.31 1.24
CA PRO A 413 -20.25 -3.49 1.94
C PRO A 413 -20.11 -4.27 3.24
N SER A 414 -20.99 -3.94 4.18
CA SER A 414 -21.13 -4.68 5.43
C SER A 414 -22.33 -5.62 5.31
N VAL A 415 -22.68 -6.27 6.42
CA VAL A 415 -23.93 -7.05 6.42
C VAL A 415 -25.13 -6.13 6.55
N THR A 416 -24.95 -4.92 7.08
CA THR A 416 -25.99 -3.92 7.10
C THR A 416 -26.09 -3.15 5.80
N SER A 417 -25.02 -3.12 5.02
CA SER A 417 -25.05 -2.43 3.73
C SER A 417 -25.72 -3.27 2.65
N GLN A 418 -25.55 -4.60 2.71
CA GLN A 418 -26.17 -5.48 1.72
C GLN A 418 -27.69 -5.51 1.82
N GLU A 419 -28.24 -5.14 2.98
CA GLU A 419 -29.68 -4.97 3.11
C GLU A 419 -30.14 -3.63 2.55
N TRP A 420 -29.29 -2.61 2.62
CA TRP A 420 -29.69 -1.23 2.40
C TRP A 420 -29.10 -0.57 1.15
N VAL A 421 -27.81 -0.79 0.87
CA VAL A 421 -27.17 -0.08 -0.23
C VAL A 421 -27.64 -0.62 -1.58
N PHE A 422 -27.71 -1.95 -1.69
CA PHE A 422 -28.18 -2.56 -2.94
C PHE A 422 -29.66 -2.29 -3.20
N GLN A 423 -30.44 -1.99 -2.16
CA GLN A 423 -31.78 -1.46 -2.37
C GLN A 423 -31.73 -0.01 -2.82
N MET A 424 -30.77 0.76 -2.28
CA MET A 424 -30.60 2.15 -2.68
C MET A 424 -30.00 2.26 -4.08
N LEU A 425 -29.05 1.37 -4.41
CA LEU A 425 -28.35 1.49 -5.69
C LEU A 425 -29.21 1.00 -6.85
N SER A 426 -30.12 0.04 -6.60
CA SER A 426 -30.95 -0.47 -7.68
C SER A 426 -32.02 0.52 -8.09
N ARG A 427 -32.49 1.37 -7.17
CA ARG A 427 -33.47 2.38 -7.51
C ARG A 427 -32.85 3.57 -8.22
N GLN A 428 -31.53 3.70 -8.19
CA GLN A 428 -30.86 4.88 -8.74
C GLN A 428 -30.40 4.67 -10.19
N ASN A 429 -29.57 3.65 -10.42
CA ASN A 429 -28.92 3.48 -11.72
C ASN A 429 -29.10 2.07 -12.28
N ASN A 430 -30.14 1.35 -11.82
CA ASN A 430 -30.58 0.06 -12.36
C ASN A 430 -29.47 -1.00 -12.30
N TYR A 431 -29.06 -1.33 -11.08
CA TYR A 431 -28.02 -2.31 -10.84
C TYR A 431 -28.58 -3.46 -10.02
N THR A 432 -28.51 -4.66 -10.56
CA THR A 432 -28.98 -5.85 -9.87
C THR A 432 -27.91 -6.40 -8.95
N VAL A 433 -28.32 -7.20 -7.98
CA VAL A 433 -27.43 -7.77 -6.97
C VAL A 433 -26.98 -9.14 -7.44
N ASN A 434 -25.76 -9.52 -7.05
CA ASN A 434 -25.21 -10.84 -7.34
C ASN A 434 -24.72 -11.44 -6.04
N ASN A 435 -25.22 -12.62 -5.69
CA ASN A 435 -24.88 -13.26 -4.43
C ASN A 435 -23.48 -13.87 -4.44
N LYS A 436 -22.92 -14.16 -5.61
CA LYS A 436 -21.58 -14.73 -5.68
C LYS A 436 -20.53 -13.68 -5.36
N ARG A 437 -20.48 -12.60 -6.15
CA ARG A 437 -19.52 -11.54 -5.97
C ARG A 437 -20.23 -10.19 -6.01
N ASN A 438 -19.60 -9.19 -5.38
CA ASN A 438 -20.05 -7.82 -5.48
C ASN A 438 -19.28 -7.13 -6.60
N GLY A 439 -20.00 -6.37 -7.41
CA GLY A 439 -19.41 -5.80 -8.61
C GLY A 439 -18.90 -4.37 -8.45
N VAL A 440 -19.53 -3.59 -7.58
CA VAL A 440 -19.13 -2.21 -7.40
C VAL A 440 -17.84 -2.15 -6.59
N ALA A 441 -17.14 -1.02 -6.71
CA ALA A 441 -15.87 -0.82 -6.02
C ALA A 441 -15.66 0.66 -5.76
N LYS A 442 -15.17 0.99 -4.56
CA LYS A 442 -14.93 2.36 -4.17
C LYS A 442 -13.43 2.65 -4.22
N VAL A 443 -13.07 3.75 -4.85
CA VAL A 443 -11.67 4.16 -5.04
C VAL A 443 -11.47 5.51 -4.36
N ASN A 444 -10.42 5.63 -3.55
CA ASN A 444 -10.08 6.87 -2.89
C ASN A 444 -8.64 7.26 -3.22
N ILE A 445 -8.48 8.31 -4.02
CA ILE A 445 -7.16 8.88 -4.28
C ILE A 445 -6.82 9.84 -3.16
N PHE A 446 -5.59 9.75 -2.65
CA PHE A 446 -5.24 10.40 -1.39
C PHE A 446 -3.78 10.83 -1.40
N PHE A 447 -3.51 11.99 -0.81
CA PHE A 447 -2.15 12.49 -0.61
C PHE A 447 -1.70 12.22 0.82
N LYS A 448 -0.49 11.71 0.97
CA LYS A 448 0.01 11.35 2.30
C LYS A 448 0.31 12.58 3.13
N GLU A 449 1.02 13.57 2.57
CA GLU A 449 1.35 14.77 3.30
C GLU A 449 1.50 15.93 2.33
N LEU A 450 1.67 17.13 2.89
CA LEU A 450 1.59 18.37 2.10
C LEU A 450 2.79 18.53 1.18
N ASN A 451 3.98 18.19 1.65
CA ASN A 451 5.17 18.37 0.86
C ASN A 451 5.34 17.23 -0.14
N TYR A 452 6.41 17.30 -0.92
CA TYR A 452 6.81 16.22 -1.82
C TYR A 452 8.30 16.35 -2.07
N LYS A 453 8.98 15.21 -2.05
CA LYS A 453 10.44 15.19 -2.09
C LYS A 453 10.93 15.57 -3.48
N THR A 454 11.66 16.68 -3.58
CA THR A 454 12.19 17.17 -4.85
C THR A 454 13.65 16.79 -4.96
N ASN A 455 13.99 16.04 -5.99
CA ASN A 455 15.37 15.63 -6.26
C ASN A 455 16.03 16.59 -7.24
N SER A 456 16.17 17.84 -6.82
CA SER A 456 16.71 18.88 -7.68
C SER A 456 18.22 18.77 -7.75
N GLU A 457 18.75 18.71 -8.97
CA GLU A 457 20.19 18.71 -9.20
C GLU A 457 20.65 20.15 -9.40
N SER A 458 21.80 20.47 -8.80
CA SER A 458 22.36 21.81 -8.84
C SER A 458 23.80 21.75 -9.33
N PRO A 459 24.25 22.75 -10.09
CA PRO A 459 25.67 22.79 -10.47
C PRO A 459 26.56 23.14 -9.28
N SER A 460 27.86 23.03 -9.52
CA SER A 460 28.84 23.24 -8.45
C SER A 460 28.98 24.73 -8.13
N VAL A 461 29.79 25.02 -7.12
CA VAL A 461 29.98 26.39 -6.66
C VAL A 461 30.83 27.15 -7.66
N THR A 462 30.28 28.24 -8.19
CA THR A 462 30.88 29.13 -9.20
C THR A 462 31.40 28.40 -10.43
N UNK A 463 35.80 23.64 -6.76
CA UNK A 463 37.03 24.42 -6.75
C UNK A 463 37.81 24.24 -8.05
N UNK A 464 37.22 24.70 -9.14
CA UNK A 464 37.85 24.58 -10.46
C UNK A 464 38.66 25.84 -10.80
N UNK A 465 38.69 26.78 -9.87
CA UNK A 465 39.43 28.02 -10.08
C UNK A 465 40.79 27.95 -9.40
N UNK A 466 41.20 26.74 -9.03
CA UNK A 466 42.49 26.53 -8.39
C UNK A 466 43.63 26.68 -9.40
N UNK A 467 43.32 26.44 -10.66
CA UNK A 467 44.30 26.60 -11.73
C UNK A 467 44.61 28.08 -11.94
N UNK A 468 43.61 28.92 -11.76
CA UNK A 468 43.79 30.37 -11.83
C UNK A 468 44.52 30.85 -10.59
N UNK A 469 44.32 30.13 -9.48
CA UNK A 469 45.03 30.42 -8.25
C UNK A 469 46.48 29.99 -8.37
N UNK A 470 46.72 28.96 -9.16
CA UNK A 470 48.07 28.47 -9.42
C UNK A 470 48.72 29.28 -10.54
N UNK A 471 47.90 29.99 -11.30
CA UNK A 471 48.38 30.80 -12.42
C UNK A 471 49.14 32.02 -11.91
N UNK A 472 48.57 32.70 -10.92
CA UNK A 472 49.22 33.85 -10.32
C UNK A 472 50.34 33.40 -9.39
N UNK A 473 50.22 32.17 -8.89
CA UNK A 473 51.23 31.59 -8.03
C UNK A 473 52.48 31.26 -8.83
N UNK A 474 52.29 30.82 -10.07
CA UNK A 474 53.39 30.52 -10.97
C UNK A 474 53.93 31.80 -11.60
N UNK A 475 53.11 32.85 -11.57
CA UNK A 475 53.51 34.15 -12.09
C UNK A 475 54.50 34.82 -11.15
N UNK A 476 54.40 34.49 -9.87
CA UNK A 476 55.32 35.02 -8.87
C UNK A 476 56.35 33.98 -8.47
N UNK A 477 56.47 32.93 -9.28
CA UNK A 477 57.43 31.86 -9.01
C UNK A 477 58.69 32.02 -9.83
N UNK A 478 58.52 32.23 -11.14
CA UNK A 478 59.65 32.39 -12.04
C UNK A 478 60.30 33.76 -11.85
N UNK A 479 59.50 34.74 -11.45
CA UNK A 479 60.00 36.10 -11.21
C UNK A 479 60.83 36.15 -9.94
N UNK A 480 60.43 35.37 -8.94
CA UNK A 480 61.14 35.33 -7.68
C UNK A 480 62.39 34.46 -7.78
N UNK A 481 62.37 33.54 -8.75
CA UNK A 481 63.49 32.63 -8.98
C UNK A 481 64.68 33.37 -9.59
N UNK A 482 64.39 34.42 -10.35
CA UNK A 482 65.43 35.20 -11.00
C UNK A 482 66.18 36.07 -9.98
N UNK A 483 65.49 36.43 -8.91
CA UNK A 483 66.11 37.24 -7.86
C UNK A 483 67.02 36.39 -6.98
N UNK A 484 66.78 35.09 -6.94
CA UNK A 484 67.59 34.17 -6.15
C UNK A 484 68.96 33.97 -6.78
N UNK A 485 68.99 33.88 -8.11
CA UNK A 485 70.23 33.70 -8.85
C UNK A 485 71.01 35.00 -8.93
N UNK A 486 70.30 36.12 -8.86
CA UNK A 486 70.91 37.44 -8.94
C UNK A 486 71.33 37.94 -7.56
N UNK A 487 70.99 37.18 -6.53
CA UNK A 487 71.32 37.54 -5.16
C UNK A 487 72.80 37.35 -4.88
N UNK A 488 73.42 36.42 -5.61
CA UNK A 488 74.84 36.14 -5.45
C UNK A 488 75.68 37.26 -6.05
N UNK A 489 75.32 37.66 -7.27
CA UNK A 489 75.98 38.71 -8.05
C UNK A 489 77.49 38.48 -8.23
N UNK B 1 67.02 44.23 8.35
CA UNK B 1 66.46 43.23 9.25
C UNK B 1 66.48 41.85 8.63
N UNK B 2 67.67 41.39 8.23
CA UNK B 2 67.81 40.09 7.60
C UNK B 2 67.68 38.97 8.64
N UNK B 3 68.09 39.27 9.87
CA UNK B 3 68.01 38.30 10.96
C UNK B 3 66.57 38.19 11.47
N UNK B 4 65.84 39.30 11.41
CA UNK B 4 64.45 39.32 11.85
C UNK B 4 63.54 38.69 10.81
N UNK B 5 63.99 38.71 9.55
CA UNK B 5 63.22 38.12 8.47
C UNK B 5 63.34 36.60 8.49
N UNK B 6 64.43 36.11 9.06
CA UNK B 6 64.66 34.67 9.17
C UNK B 6 63.74 34.05 10.22
N UNK B 7 63.38 34.86 11.22
CA UNK B 7 62.49 34.41 12.28
C UNK B 7 61.05 34.34 11.76
N UNK B 8 60.73 35.19 10.80
CA UNK B 8 59.40 35.21 10.19
C UNK B 8 59.30 34.15 9.11
N UNK B 9 60.45 33.62 8.68
CA UNK B 9 60.49 32.58 7.67
C UNK B 9 60.01 31.25 8.25
N UNK B 10 60.28 31.06 9.55
CA UNK B 10 59.83 29.86 10.24
C UNK B 10 58.37 30.01 10.64
N UNK B 11 57.94 31.25 10.88
CA UNK B 11 56.57 31.54 11.25
C UNK B 11 55.64 31.37 10.06
N UNK B 12 56.17 31.67 8.87
CA UNK B 12 55.40 31.52 7.63
C UNK B 12 55.28 30.05 7.27
N UNK B 13 56.28 29.27 7.65
CA UNK B 13 56.27 27.83 7.41
C UNK B 13 55.42 27.14 8.47
N UNK B 14 55.22 27.82 9.60
CA UNK B 14 54.41 27.28 10.69
C UNK B 14 52.94 27.30 10.32
N UNK B 15 52.53 28.32 9.57
CA UNK B 15 51.14 28.43 9.11
C UNK B 15 50.89 27.41 8.01
N UNK B 16 51.93 27.10 7.25
CA UNK B 16 51.84 26.07 6.22
C UNK B 16 51.77 24.69 6.85
N UNK B 17 52.41 24.54 8.00
CA UNK B 17 52.38 23.30 8.75
C UNK B 17 51.02 23.13 9.43
N UNK B 18 50.40 24.26 9.78
CA UNK B 18 49.08 24.25 10.39
C UNK B 18 48.01 23.94 9.36
N UNK B 19 48.29 24.29 8.11
CA UNK B 19 47.37 24.02 7.00
C UNK B 19 47.66 22.64 6.42
N UNK B 20 48.80 22.07 6.79
CA UNK B 20 49.18 20.74 6.32
C UNK B 20 48.36 19.67 7.02
N UNK B 21 47.89 19.98 8.22
CA UNK B 21 47.03 19.08 8.98
C UNK B 21 45.64 19.05 8.38
N UNK B 22 45.24 20.16 7.76
CA UNK B 22 43.95 20.26 7.10
C UNK B 22 43.92 19.43 5.82
N UNK B 23 45.08 19.31 5.18
CA UNK B 23 45.22 18.50 3.98
C UNK B 23 45.22 17.02 4.33
N UNK B 24 45.67 16.72 5.55
CA UNK B 24 45.69 15.34 6.04
C UNK B 24 44.32 14.94 6.57
N UNK B 25 43.60 15.90 7.13
CA UNK B 25 42.28 15.65 7.69
C UNK B 25 41.25 15.48 6.57
N THR B 26 41.50 16.10 5.43
CA THR B 26 40.61 16.01 4.28
C THR B 26 40.73 14.62 3.65
N TYR B 27 41.97 14.13 3.54
CA TYR B 27 42.21 12.82 2.95
C TYR B 27 41.71 11.70 3.86
N LEU B 28 41.75 11.92 5.18
CA LEU B 28 41.27 10.89 6.10
C LEU B 28 39.77 11.05 6.37
N SER B 29 39.16 12.09 5.80
CA SER B 29 37.71 12.26 5.95
C SER B 29 36.95 11.30 5.04
N TRP B 30 37.50 11.05 3.85
CA TRP B 30 36.97 10.12 2.84
C TRP B 30 35.55 10.53 2.41
N GLU B 31 35.41 11.77 1.96
CA GLU B 31 34.12 12.31 1.62
C GLU B 31 33.67 11.84 0.24
N VAL B 32 32.37 11.58 0.10
CA VAL B 32 31.77 11.15 -1.15
C VAL B 32 30.65 12.12 -1.51
N SER B 33 30.26 12.13 -2.77
CA SER B 33 29.15 12.95 -3.25
C SER B 33 28.15 12.08 -3.98
N VAL B 34 26.88 12.14 -3.56
CA VAL B 34 25.85 11.29 -4.13
C VAL B 34 25.34 11.91 -5.43
N SER B 35 24.74 11.07 -6.26
CA SER B 35 24.22 11.48 -7.56
C SER B 35 23.07 10.57 -7.94
N LEU B 36 22.15 11.10 -8.75
CA LEU B 36 20.92 10.40 -9.12
C LEU B 36 20.86 10.17 -10.62
N SER B 37 20.42 8.99 -11.02
CA SER B 37 20.15 8.65 -12.40
C SER B 37 18.84 7.86 -12.45
N VAL B 38 17.79 8.49 -12.97
CA VAL B 38 16.47 7.89 -13.06
C VAL B 38 16.08 7.78 -14.52
N GLY B 39 15.79 6.56 -14.96
CA GLY B 39 15.41 6.32 -16.34
C GLY B 39 15.34 4.86 -16.68
N PHE B 40 14.59 4.50 -17.71
CA PHE B 40 14.47 3.11 -18.12
C PHE B 40 15.61 2.74 -19.06
N LYS B 41 16.31 1.65 -18.72
CA LYS B 41 17.32 1.07 -19.60
C LYS B 41 17.17 -0.44 -19.58
N THR B 42 18.00 -1.12 -20.36
CA THR B 42 17.98 -2.57 -20.46
C THR B 42 18.55 -3.18 -19.19
N MET B 43 17.66 -3.74 -18.37
CA MET B 43 18.04 -4.41 -17.13
C MET B 43 17.52 -5.84 -17.16
N ASP B 44 18.34 -6.78 -16.70
CA ASP B 44 17.95 -8.18 -16.64
C ASP B 44 16.79 -8.38 -15.66
N PHE B 45 15.92 -9.31 -16.00
CA PHE B 45 14.71 -9.55 -15.22
C PHE B 45 15.06 -10.25 -13.91
N PRO B 46 14.54 -9.78 -12.78
CA PRO B 46 14.92 -10.36 -11.49
C PRO B 46 14.34 -11.76 -11.29
N ALA B 47 15.01 -12.52 -10.42
CA ALA B 47 14.62 -13.88 -10.16
C ALA B 47 13.36 -13.91 -9.30
N VAL B 48 12.34 -14.61 -9.78
CA VAL B 48 11.06 -14.72 -9.09
C VAL B 48 11.03 -16.05 -8.37
N THR B 49 11.05 -16.01 -7.05
CA THR B 49 11.05 -17.21 -6.22
C THR B 49 9.63 -17.51 -5.76
N ILE B 50 9.16 -18.72 -6.04
CA ILE B 50 7.81 -19.15 -5.70
C ILE B 50 7.89 -20.17 -4.57
N CYS B 51 7.17 -19.90 -3.48
CA CYS B 51 7.09 -20.82 -2.35
C CYS B 51 5.63 -20.87 -1.91
N ASN B 52 5.37 -21.66 -0.87
CA ASN B 52 4.03 -21.72 -0.29
C ASN B 52 4.17 -21.90 1.22
N ALA B 53 3.15 -21.46 1.95
CA ALA B 53 3.14 -21.61 3.39
C ALA B 53 3.01 -23.07 3.79
N SER B 54 2.25 -23.84 3.02
CA SER B 54 2.16 -25.28 3.26
C SER B 54 3.35 -25.98 2.64
N PRO B 55 4.20 -26.63 3.42
CA PRO B 55 5.46 -27.16 2.88
C PRO B 55 5.32 -28.48 2.15
N PHE B 56 4.31 -29.29 2.49
CA PHE B 56 4.23 -30.64 1.96
C PHE B 56 2.79 -30.98 1.59
N LYS B 57 2.63 -32.13 0.94
CA LYS B 57 1.31 -32.67 0.61
C LYS B 57 0.81 -33.50 1.78
N TYR B 58 -0.39 -33.16 2.27
CA TYR B 58 -0.93 -33.86 3.43
C TYR B 58 -1.37 -35.28 3.09
N SER B 59 -1.76 -35.52 1.84
CA SER B 59 -2.17 -36.85 1.42
C SER B 59 -1.00 -37.79 1.19
N LYS B 60 0.24 -37.29 1.23
CA LYS B 60 1.43 -38.12 1.04
C LYS B 60 2.38 -38.02 2.23
N ILE B 61 1.90 -37.53 3.37
CA ILE B 61 2.72 -37.38 4.57
C ILE B 61 2.02 -37.94 5.81
N LYS B 62 0.81 -38.48 5.66
CA LYS B 62 -0.06 -38.79 6.79
C LYS B 62 0.49 -39.92 7.65
N HIS B 63 1.33 -40.79 7.08
CA HIS B 63 1.90 -41.88 7.86
C HIS B 63 3.15 -41.44 8.61
N LEU B 64 3.64 -40.23 8.34
CA LEU B 64 4.80 -39.73 9.09
C LEU B 64 4.39 -39.18 10.45
N LEU B 65 3.32 -38.38 10.49
CA LEU B 65 2.91 -37.67 11.70
C LEU B 65 1.48 -38.04 12.11
N LYS B 66 1.11 -39.31 11.99
CA LYS B 66 -0.23 -39.76 12.37
C LYS B 66 -0.42 -39.70 13.88
N ASP B 67 0.65 -39.95 14.64
CA ASP B 67 0.55 -39.91 16.10
C ASP B 67 0.40 -38.48 16.60
N LEU B 68 1.01 -37.52 15.90
CA LEU B 68 0.92 -36.13 16.33
C LEU B 68 -0.43 -35.52 15.99
N ASP B 69 -1.00 -35.89 14.83
CA ASP B 69 -2.29 -35.34 14.43
C ASP B 69 -3.42 -35.91 15.29
N GLU B 70 -3.29 -37.15 15.76
CA GLU B 70 -4.25 -37.70 16.70
C GLU B 70 -4.09 -37.04 18.07
N LEU B 71 -2.87 -36.66 18.43
CA LEU B 71 -2.62 -36.01 19.71
C LEU B 71 -3.15 -34.59 19.70
N MET B 72 -3.18 -33.95 18.53
CA MET B 72 -3.62 -32.56 18.45
C MET B 72 -5.12 -32.43 18.66
N GLU B 73 -5.89 -33.41 18.21
CA GLU B 73 -7.33 -33.37 18.39
C GLU B 73 -7.72 -33.62 19.85
N ALA B 74 -6.86 -34.32 20.59
CA ALA B 74 -7.12 -34.52 22.02
C ALA B 74 -6.86 -33.25 22.81
N VAL B 75 -5.90 -32.44 22.37
CA VAL B 75 -5.62 -31.16 23.04
C VAL B 75 -6.75 -30.17 22.77
N LEU B 76 -7.29 -30.19 21.55
CA LEU B 76 -8.38 -29.28 21.20
C LEU B 76 -9.69 -29.71 21.84
N GLU B 77 -9.78 -30.95 22.31
CA GLU B 77 -11.03 -31.44 22.87
C GLU B 77 -11.27 -30.86 24.27
N ARG B 78 -10.23 -30.79 25.09
CA ARG B 78 -10.41 -30.31 26.46
C ARG B 78 -10.47 -28.79 26.52
N ILE B 79 -9.76 -28.10 25.62
CA ILE B 79 -9.70 -26.64 25.68
C ILE B 79 -11.01 -26.04 25.19
N LEU B 80 -11.57 -26.58 24.10
CA LEU B 80 -12.80 -26.02 23.55
C LEU B 80 -14.00 -26.44 24.37
N ALA B 81 -14.30 -27.75 24.42
CA ALA B 81 -15.50 -28.22 25.09
C ALA B 81 -15.29 -29.65 25.58
N PRO B 82 -15.08 -29.87 26.89
CA PRO B 82 -14.90 -31.21 27.44
C PRO B 82 -16.19 -32.01 27.44
N ALA B 89 -11.70 -40.48 26.01
CA ALA B 89 -10.59 -41.36 26.28
C ALA B 89 -9.67 -41.49 25.07
N THR B 90 -8.36 -41.57 25.31
CA THR B 90 -7.36 -41.68 24.26
C THR B 90 -6.75 -43.07 24.35
N ARG B 91 -6.94 -43.88 23.30
CA ARG B 91 -6.43 -45.25 23.30
C ARG B 91 -4.92 -45.27 23.08
N ASN B 92 -4.47 -44.74 21.94
CA ASN B 92 -3.05 -44.66 21.61
C ASN B 92 -2.72 -43.17 21.39
N LEU B 93 -2.36 -42.49 22.48
CA LEU B 93 -2.10 -41.06 22.40
C LEU B 93 -0.62 -40.77 22.17
N ASN B 94 0.27 -41.75 22.43
CA ASN B 94 1.71 -41.67 22.22
C ASN B 94 2.31 -40.51 23.04
N PHE B 95 2.30 -40.72 24.37
CA PHE B 95 2.74 -39.70 25.33
C PHE B 95 4.21 -39.34 25.21
N SER B 96 5.02 -40.16 24.51
CA SER B 96 6.45 -39.88 24.37
C SER B 96 6.68 -38.63 23.53
N ILE B 97 5.80 -38.35 22.58
CA ILE B 97 5.84 -37.08 21.86
C ILE B 97 5.42 -35.95 22.79
N TRP B 98 4.43 -36.21 23.65
CA TRP B 98 3.95 -35.18 24.57
C TRP B 98 4.94 -34.91 25.69
N ASN B 99 5.72 -35.93 26.07
CA ASN B 99 6.65 -35.75 27.19
C ASN B 99 7.94 -35.07 26.75
N HIS B 100 8.10 -34.84 25.45
CA HIS B 100 9.23 -34.08 24.92
C HIS B 100 9.18 -32.64 25.41
N THR B 101 8.14 -31.91 25.00
CA THR B 101 7.84 -30.57 25.51
C THR B 101 6.40 -30.51 25.98
N PRO B 102 6.14 -30.84 27.24
CA PRO B 102 4.76 -30.80 27.73
C PRO B 102 4.26 -29.38 27.92
N LEU B 103 3.09 -29.11 27.36
CA LEU B 103 2.45 -27.80 27.52
C LEU B 103 1.96 -27.65 28.95
N VAL B 104 2.33 -26.55 29.60
CA VAL B 104 2.04 -26.36 31.01
C VAL B 104 1.05 -25.23 31.20
N LEU B 105 0.68 -24.97 32.46
CA LEU B 105 -0.31 -23.95 32.79
C LEU B 105 0.20 -23.13 33.95
N ILE B 106 0.14 -21.81 33.81
CA ILE B 106 0.59 -20.88 34.85
C ILE B 106 -0.61 -20.03 35.27
N ASP B 107 -0.89 -20.02 36.58
CA ASP B 107 -2.01 -19.29 37.14
C ASP B 107 -1.48 -18.13 37.98
N GLU B 108 -1.96 -16.93 37.71
CA GLU B 108 -1.61 -15.74 38.48
C GLU B 108 -2.77 -15.20 39.30
N ARG B 109 -3.71 -16.06 39.71
CA ARG B 109 -4.80 -15.60 40.55
C ARG B 109 -4.33 -15.33 41.97
N ASN B 110 -3.46 -16.17 42.49
CA ASN B 110 -2.88 -16.00 43.82
C ASN B 110 -1.43 -15.57 43.66
N PRO B 111 -1.08 -14.32 43.99
CA PRO B 111 0.33 -13.93 43.90
C PRO B 111 1.17 -14.50 45.02
N HIS B 112 0.55 -14.91 46.12
CA HIS B 112 1.31 -15.48 47.23
C HIS B 112 1.72 -16.91 46.94
N HIS B 113 0.89 -17.65 46.20
CA HIS B 113 1.18 -19.04 45.87
C HIS B 113 0.66 -19.35 44.47
N PRO B 114 1.52 -19.37 43.46
CA PRO B 114 1.07 -19.78 42.13
C PRO B 114 0.93 -21.30 42.03
N MET B 115 -0.12 -21.77 41.37
CA MET B 115 -0.40 -23.19 41.23
C MET B 115 -0.41 -23.56 39.76
N VAL B 116 -0.04 -24.80 39.46
CA VAL B 116 0.05 -25.30 38.10
C VAL B 116 -0.84 -26.54 37.97
N LEU B 117 -1.32 -26.80 36.76
CA LEU B 117 -2.05 -28.01 36.43
C LEU B 117 -1.67 -28.40 35.01
N ASP B 118 -0.82 -29.42 34.88
CA ASP B 118 -0.09 -29.65 33.63
C ASP B 118 -0.40 -31.01 33.02
N LEU B 119 -1.62 -31.51 33.16
CA LEU B 119 -1.94 -32.81 32.58
C LEU B 119 -2.21 -32.69 31.08
N PHE B 120 -3.29 -31.97 30.72
CA PHE B 120 -3.68 -31.64 29.33
C PHE B 120 -3.81 -32.90 28.46
N GLY B 121 -4.62 -33.85 28.90
CA GLY B 121 -4.80 -35.08 28.15
C GLY B 121 -3.67 -36.07 28.39
N ALA B 132 -19.05 -27.35 32.87
CA ALA B 132 -18.29 -26.18 33.32
C ALA B 132 -17.25 -26.58 34.36
N SER B 133 -17.16 -27.88 34.64
CA SER B 133 -16.22 -28.37 35.65
C SER B 133 -14.82 -28.61 35.09
N GLU B 134 -14.69 -28.88 33.79
CA GLU B 134 -13.41 -29.16 33.18
C GLU B 134 -12.94 -28.05 32.24
N LYS B 135 -13.54 -26.86 32.34
CA LYS B 135 -13.03 -25.71 31.61
C LYS B 135 -11.73 -25.25 32.26
N ILE B 136 -10.86 -24.63 31.47
CA ILE B 136 -9.49 -24.33 31.89
C ILE B 136 -9.26 -22.84 31.70
N CYS B 137 -9.34 -22.07 32.80
CA CYS B 137 -8.84 -20.70 32.97
C CYS B 137 -9.30 -19.72 31.87
N ASN B 138 -10.62 -19.49 31.83
CA ASN B 138 -11.16 -18.52 30.89
C ASN B 138 -10.97 -17.07 31.33
N ALA B 139 -10.38 -16.83 32.50
CA ALA B 139 -10.23 -15.48 33.02
C ALA B 139 -8.96 -14.84 32.47
N HIS B 140 -8.59 -13.68 33.04
CA HIS B 140 -7.44 -12.92 32.55
C HIS B 140 -6.14 -13.36 33.19
N GLY B 141 -6.21 -13.94 34.40
CA GLY B 141 -5.00 -14.33 35.11
C GLY B 141 -4.30 -15.55 34.55
N CYS B 142 -4.97 -16.30 33.68
CA CYS B 142 -4.39 -17.50 33.10
C CYS B 142 -3.31 -17.16 32.08
N LYS B 143 -2.23 -17.92 32.09
CA LYS B 143 -1.15 -17.80 31.11
C LYS B 143 -0.70 -19.20 30.71
N MET B 144 -1.16 -19.65 29.55
CA MET B 144 -0.75 -20.95 29.02
C MET B 144 0.65 -20.84 28.43
N ALA B 145 1.58 -21.65 28.93
CA ALA B 145 2.98 -21.53 28.53
C ALA B 145 3.55 -22.93 28.32
N MET B 146 4.88 -22.99 28.16
CA MET B 146 5.60 -24.23 27.91
C MET B 146 6.70 -24.38 28.96
N ARG B 147 7.34 -25.54 28.97
CA ARG B 147 8.52 -25.77 29.79
C ARG B 147 9.61 -26.39 28.92
N LEU B 148 10.86 -26.08 29.26
CA LEU B 148 12.02 -26.57 28.53
C LEU B 148 12.99 -27.12 29.56
N CYS B 149 13.13 -28.44 29.63
CA CYS B 149 13.83 -29.12 30.71
C CYS B 149 15.04 -29.85 30.13
N SER B 150 16.23 -29.49 30.61
CA SER B 150 17.48 -30.09 30.14
C SER B 150 17.93 -31.14 31.16
N LEU B 151 17.24 -32.29 31.13
CA LEU B 151 17.50 -33.45 32.01
C LEU B 151 17.41 -33.10 33.49
N ASN B 152 16.58 -32.11 33.85
CA ASN B 152 16.41 -31.68 35.22
C ASN B 152 15.07 -31.00 35.32
N ARG B 153 14.26 -31.42 36.29
CA ARG B 153 12.92 -30.87 36.49
C ARG B 153 12.92 -29.65 37.40
N THR B 154 14.08 -29.11 37.76
CA THR B 154 14.19 -27.90 38.54
C THR B 154 14.77 -26.73 37.77
N GLN B 155 15.38 -26.98 36.60
CA GLN B 155 15.95 -25.94 35.76
C GLN B 155 15.11 -25.72 34.50
N CYS B 156 13.79 -25.84 34.64
CA CYS B 156 12.87 -25.73 33.53
C CYS B 156 12.40 -24.28 33.40
N THR B 157 12.68 -23.67 32.25
CA THR B 157 12.27 -22.30 32.00
C THR B 157 10.82 -22.28 31.52
N PHE B 158 10.32 -21.08 31.27
CA PHE B 158 8.95 -20.90 30.81
C PHE B 158 8.92 -19.92 29.64
N ARG B 159 8.59 -20.43 28.46
CA ARG B 159 8.31 -19.58 27.31
C ARG B 159 6.86 -19.13 27.42
N ASN B 160 6.66 -17.97 28.01
CA ASN B 160 5.33 -17.51 28.38
C ASN B 160 4.53 -17.06 27.17
N PHE B 161 3.28 -17.49 27.11
CA PHE B 161 2.34 -17.05 26.10
C PHE B 161 1.07 -16.59 26.80
N THR B 162 0.41 -15.58 26.24
CA THR B 162 -0.80 -15.04 26.84
C THR B 162 -2.06 -15.35 26.03
N SER B 163 -1.92 -15.70 24.76
CA SER B 163 -3.05 -16.11 23.94
C SER B 163 -2.81 -17.53 23.48
N ALA B 164 -3.77 -18.42 23.77
CA ALA B 164 -3.61 -19.85 23.50
C ALA B 164 -3.96 -20.23 22.07
N THR B 165 -4.10 -19.26 21.16
CA THR B 165 -4.45 -19.59 19.78
C THR B 165 -3.22 -20.06 19.00
N GLN B 166 -2.23 -19.19 18.86
CA GLN B 166 -1.03 -19.53 18.12
C GLN B 166 0.09 -20.04 19.03
N ALA B 167 -0.13 -20.06 20.34
CA ALA B 167 0.79 -20.77 21.23
C ALA B 167 0.77 -22.27 20.97
N LEU B 168 -0.40 -22.80 20.63
CA LEU B 168 -0.49 -24.18 20.17
C LEU B 168 0.15 -24.36 18.80
N THR B 169 0.11 -23.31 17.98
CA THR B 169 0.76 -23.37 16.66
C THR B 169 2.27 -23.35 16.80
N GLU B 170 2.80 -22.46 17.66
CA GLU B 170 4.23 -22.42 17.92
C GLU B 170 4.73 -23.66 18.64
N TRP B 171 3.86 -24.32 19.42
CA TRP B 171 4.20 -25.63 19.95
C TRP B 171 4.24 -26.67 18.83
N TYR B 172 3.34 -26.55 17.86
CA TYR B 172 3.26 -27.49 16.76
C TYR B 172 4.42 -27.39 15.80
N ILE B 173 5.04 -26.20 15.70
CA ILE B 173 6.21 -26.05 14.84
C ILE B 173 7.40 -26.81 15.42
N LEU B 174 7.61 -26.70 16.74
CA LEU B 174 8.76 -27.34 17.38
C LEU B 174 8.58 -28.85 17.44
N GLN B 175 7.33 -29.33 17.53
CA GLN B 175 7.11 -30.77 17.52
C GLN B 175 7.28 -31.35 16.12
N ALA B 176 6.88 -30.60 15.10
CA ALA B 176 7.08 -31.05 13.73
C ALA B 176 8.55 -31.00 13.33
N THR B 177 9.29 -30.01 13.84
CA THR B 177 10.71 -29.86 13.52
C THR B 177 11.52 -31.05 14.05
N ASN B 178 11.08 -31.62 15.18
CA ASN B 178 11.73 -32.81 15.70
C ASN B 178 11.42 -34.03 14.85
N ILE B 179 10.33 -33.97 14.08
CA ILE B 179 9.95 -35.10 13.22
C ILE B 179 10.67 -35.01 11.88
N PHE B 180 10.72 -33.82 11.29
CA PHE B 180 11.31 -33.67 9.96
C PHE B 180 12.84 -33.75 10.00
N ALA B 181 13.43 -33.64 11.20
CA ALA B 181 14.89 -33.70 11.29
C ALA B 181 15.40 -35.12 11.10
N GLN B 182 14.69 -36.11 11.63
CA GLN B 182 15.15 -37.49 11.50
C GLN B 182 14.77 -38.08 10.15
N VAL B 183 13.86 -37.44 9.43
CA VAL B 183 13.53 -37.86 8.07
C VAL B 183 14.69 -37.49 7.15
N PRO B 184 15.18 -38.39 6.29
CA PRO B 184 16.23 -38.02 5.34
C PRO B 184 15.74 -37.02 4.31
N GLN B 185 16.67 -36.23 3.78
CA GLN B 185 16.31 -35.07 2.98
C GLN B 185 15.83 -35.47 1.58
N GLN B 186 16.48 -36.46 0.96
CA GLN B 186 16.17 -36.80 -0.42
C GLN B 186 14.81 -37.48 -0.53
N GLU B 187 14.43 -38.26 0.48
CA GLU B 187 13.11 -38.86 0.49
C GLU B 187 12.03 -37.82 0.77
N LEU B 188 12.37 -36.77 1.52
CA LEU B 188 11.39 -35.78 1.95
C LEU B 188 11.00 -34.82 0.82
N VAL B 189 11.79 -34.75 -0.25
CA VAL B 189 11.46 -33.89 -1.38
C VAL B 189 10.25 -34.43 -2.14
N GLU B 190 10.13 -35.76 -2.25
CA GLU B 190 9.10 -36.39 -3.08
C GLU B 190 7.70 -36.17 -2.51
N MET B 191 7.58 -36.01 -1.19
CA MET B 191 6.29 -35.76 -0.57
C MET B 191 5.98 -34.27 -0.43
N SER B 192 6.77 -33.40 -1.07
CA SER B 192 6.47 -31.99 -1.12
C SER B 192 5.67 -31.68 -2.39
N TYR B 193 5.51 -30.41 -2.71
CA TYR B 193 4.78 -30.03 -3.91
C TYR B 193 5.64 -30.26 -5.15
N PRO B 194 5.15 -31.00 -6.15
CA PRO B 194 5.91 -31.15 -7.38
C PRO B 194 5.89 -29.88 -8.21
N GLY B 195 6.79 -29.84 -9.19
CA GLY B 195 6.83 -28.70 -10.10
C GLY B 195 5.68 -28.72 -11.10
N GLU B 196 5.22 -29.92 -11.46
CA GLU B 196 4.12 -30.03 -12.41
C GLU B 196 2.77 -29.73 -11.77
N GLN B 197 2.65 -29.92 -10.46
CA GLN B 197 1.37 -29.74 -9.78
C GLN B 197 1.18 -28.32 -9.26
N MET B 198 2.23 -27.73 -8.69
CA MET B 198 2.10 -26.42 -8.05
C MET B 198 1.94 -25.31 -9.08
N ILE B 199 2.78 -25.30 -10.10
CA ILE B 199 2.64 -24.37 -11.23
C ILE B 199 2.36 -25.17 -12.49
N LEU B 200 1.43 -24.67 -13.31
CA LEU B 200 1.08 -25.34 -14.55
C LEU B 200 1.32 -24.46 -15.77
N ALA B 201 0.88 -23.21 -15.74
CA ALA B 201 0.99 -22.30 -16.88
C ALA B 201 2.06 -21.26 -16.59
N CYS B 202 3.02 -21.15 -17.50
CA CYS B 202 4.10 -20.17 -17.43
C CYS B 202 4.08 -19.39 -18.73
N LEU B 203 4.13 -18.06 -18.63
CA LEU B 203 4.09 -17.19 -19.80
C LEU B 203 5.11 -16.07 -19.61
N PHE B 204 5.86 -15.77 -20.68
CA PHE B 204 6.81 -14.67 -20.66
C PHE B 204 6.47 -13.57 -21.65
N GLY B 205 5.75 -13.88 -22.72
CA GLY B 205 5.32 -12.86 -23.66
C GLY B 205 5.87 -13.08 -25.06
N ALA B 206 7.10 -13.53 -25.15
CA ALA B 206 7.75 -13.81 -26.43
C ALA B 206 8.21 -15.25 -26.54
N GLU B 207 8.68 -15.84 -25.46
CA GLU B 207 9.17 -17.21 -25.46
C GLU B 207 8.44 -18.03 -24.41
N PRO B 208 8.11 -19.29 -24.71
CA PRO B 208 7.45 -20.14 -23.70
C PRO B 208 8.43 -20.61 -22.64
N CYS B 209 7.87 -20.95 -21.48
CA CYS B 209 8.63 -21.45 -20.35
C CYS B 209 7.88 -22.63 -19.74
N ASN B 210 8.62 -23.65 -19.32
CA ASN B 210 8.04 -24.87 -18.79
C ASN B 210 8.47 -25.08 -17.34
N TYR B 211 8.13 -26.23 -16.78
CA TYR B 211 8.62 -26.61 -15.46
C TYR B 211 10.11 -26.93 -15.49
N ARG B 212 10.61 -27.36 -16.66
CA ARG B 212 12.02 -27.74 -16.78
C ARG B 212 12.94 -26.54 -16.73
N ASN B 213 12.46 -25.36 -17.12
CA ASN B 213 13.27 -24.15 -17.03
C ASN B 213 13.43 -23.72 -15.58
N PHE B 214 12.52 -24.12 -14.71
CA PHE B 214 12.65 -23.86 -13.29
C PHE B 214 13.63 -24.84 -12.65
N THR B 215 14.31 -24.38 -11.60
CA THR B 215 15.08 -25.27 -10.74
C THR B 215 14.52 -25.17 -9.32
N SER B 216 14.98 -26.08 -8.46
CA SER B 216 14.36 -26.29 -7.17
C SER B 216 15.36 -26.12 -6.04
N ILE B 217 14.90 -25.50 -4.95
CA ILE B 217 15.62 -25.46 -3.68
C ILE B 217 14.73 -26.05 -2.62
N PHE B 218 15.19 -27.11 -1.97
CA PHE B 218 14.43 -27.68 -0.87
C PHE B 218 14.64 -26.83 0.37
N TYR B 219 13.81 -25.81 0.54
CA TYR B 219 13.85 -25.10 1.81
C TYR B 219 13.16 -25.95 2.87
N PRO B 220 13.76 -26.10 4.06
CA PRO B 220 13.24 -27.08 5.02
C PRO B 220 11.91 -26.69 5.65
N HIS B 221 11.55 -25.41 5.69
CA HIS B 221 10.33 -25.08 6.42
C HIS B 221 9.15 -24.78 5.49
N TYR B 222 9.41 -24.32 4.27
CA TYR B 222 8.34 -24.14 3.29
C TYR B 222 8.38 -25.16 2.17
N GLY B 223 9.16 -26.23 2.32
CA GLY B 223 9.12 -27.29 1.33
C GLY B 223 9.84 -26.93 0.04
N ASN B 224 9.38 -27.52 -1.05
CA ASN B 224 10.01 -27.33 -2.34
C ASN B 224 9.62 -25.97 -2.91
N CYS B 225 10.63 -25.16 -3.23
CA CYS B 225 10.44 -23.87 -3.85
C CYS B 225 11.01 -23.89 -5.27
N TYR B 226 10.66 -22.86 -6.04
CA TYR B 226 11.09 -22.77 -7.43
C TYR B 226 11.41 -21.33 -7.77
N ILE B 227 12.46 -21.15 -8.58
CA ILE B 227 12.85 -19.82 -9.04
C ILE B 227 12.73 -19.79 -10.56
N PHE B 228 12.56 -18.58 -11.09
CA PHE B 228 12.38 -18.44 -12.54
C PHE B 228 13.71 -18.58 -13.28
N ASN B 229 14.72 -17.78 -12.92
CA ASN B 229 15.99 -17.86 -13.62
C ASN B 229 17.14 -17.52 -12.68
N TRP B 230 18.31 -18.06 -13.01
CA TRP B 230 19.57 -17.70 -12.36
C TRP B 230 20.62 -17.45 -13.42
N GLY B 231 21.83 -17.14 -12.95
CA GLY B 231 22.98 -17.19 -13.84
C GLY B 231 23.67 -18.54 -13.80
N MET B 232 23.25 -19.40 -12.86
CA MET B 232 23.86 -20.72 -12.72
C MET B 232 23.36 -21.67 -13.79
N THR B 233 22.06 -21.70 -14.02
CA THR B 233 21.49 -22.63 -14.99
C THR B 233 21.75 -22.16 -16.41
N GLU B 234 21.24 -20.98 -16.76
CA GLU B 234 21.44 -20.40 -18.09
C GLU B 234 21.80 -18.93 -17.89
N LYS B 235 21.83 -18.21 -19.01
CA LYS B 235 22.02 -16.77 -18.94
C LYS B 235 20.72 -16.08 -18.56
N ALA B 236 20.83 -14.82 -18.13
CA ALA B 236 19.65 -14.07 -17.73
C ALA B 236 18.84 -13.66 -18.95
N LEU B 237 17.54 -13.41 -18.72
CA LEU B 237 16.65 -12.99 -19.79
C LEU B 237 16.33 -11.50 -19.64
N PRO B 238 16.86 -10.65 -20.51
CA PRO B 238 16.58 -9.22 -20.42
C PRO B 238 15.23 -8.85 -21.01
N SER B 239 14.65 -7.78 -20.47
CA SER B 239 13.40 -7.23 -20.96
C SER B 239 13.56 -5.72 -21.07
N ALA B 240 13.54 -5.21 -22.29
CA ALA B 240 13.85 -3.81 -22.58
C ALA B 240 12.61 -3.03 -23.00
N ASN B 241 11.48 -3.32 -22.35
CA ASN B 241 10.24 -2.60 -22.62
C ASN B 241 9.28 -2.57 -21.43
N PRO B 242 8.83 -1.40 -21.01
CA PRO B 242 7.86 -1.33 -19.91
C PRO B 242 6.47 -1.73 -20.39
N GLY B 243 5.91 -2.75 -19.76
CA GLY B 243 4.61 -3.23 -20.18
C GLY B 243 4.09 -4.39 -19.37
N THR B 244 2.81 -4.31 -18.97
CA THR B 244 2.16 -5.41 -18.28
C THR B 244 1.90 -6.58 -19.21
N GLU B 245 1.76 -6.33 -20.51
CA GLU B 245 1.64 -7.42 -21.48
C GLU B 245 2.95 -8.19 -21.59
N PHE B 246 4.08 -7.49 -21.52
CA PHE B 246 5.37 -8.14 -21.44
C PHE B 246 5.64 -8.52 -19.98
N GLY B 247 6.83 -9.10 -19.74
CA GLY B 247 7.15 -9.56 -18.41
C GLY B 247 6.52 -10.89 -18.09
N LEU B 248 6.76 -11.35 -16.87
CA LEU B 248 6.39 -12.68 -16.46
C LEU B 248 4.90 -12.75 -16.11
N LYS B 249 4.21 -13.74 -16.68
CA LYS B 249 2.82 -14.03 -16.35
C LYS B 249 2.71 -15.48 -15.92
N LEU B 250 2.17 -15.70 -14.72
CA LEU B 250 2.13 -17.04 -14.13
C LEU B 250 0.72 -17.37 -13.69
N ILE B 251 0.33 -18.63 -13.86
CA ILE B 251 -0.94 -19.15 -13.39
C ILE B 251 -0.63 -20.35 -12.50
N LEU B 252 -0.89 -20.22 -11.21
CA LEU B 252 -0.57 -21.25 -10.23
C LEU B 252 -1.77 -22.14 -9.98
N ASP B 253 -1.51 -23.30 -9.38
CA ASP B 253 -2.55 -24.26 -9.00
C ASP B 253 -2.18 -24.76 -7.61
N ILE B 254 -2.85 -24.24 -6.58
CA ILE B 254 -2.52 -24.51 -5.19
C ILE B 254 -3.60 -25.41 -4.60
N GLY B 255 -3.17 -26.49 -3.97
CA GLY B 255 -4.07 -27.43 -3.32
C GLY B 255 -4.48 -27.00 -1.93
N GLN B 256 -5.47 -26.09 -1.85
CA GLN B 256 -5.91 -25.56 -0.56
C GLN B 256 -6.51 -26.65 0.33
N GLU B 257 -7.15 -27.64 -0.28
CA GLU B 257 -7.63 -28.79 0.50
C GLU B 257 -6.53 -29.79 0.80
N ASP B 258 -5.32 -29.58 0.28
CA ASP B 258 -4.21 -30.49 0.48
C ASP B 258 -3.14 -29.89 1.39
N TYR B 259 -3.47 -28.82 2.12
CA TYR B 259 -2.54 -28.20 3.04
C TYR B 259 -2.30 -29.08 4.26
N VAL B 260 -1.20 -28.80 4.95
CA VAL B 260 -1.07 -29.30 6.32
C VAL B 260 -2.01 -28.50 7.21
N PRO B 261 -2.91 -29.14 7.97
CA PRO B 261 -4.02 -28.38 8.58
C PRO B 261 -3.63 -27.55 9.78
N PHE B 262 -2.47 -27.79 10.37
CA PHE B 262 -2.07 -27.07 11.58
C PHE B 262 -0.78 -26.26 11.44
N LEU B 263 0.08 -26.58 10.47
CA LEU B 263 1.35 -25.88 10.36
C LEU B 263 1.20 -24.58 9.59
N ALA B 264 0.29 -24.54 8.62
CA ALA B 264 0.15 -23.38 7.75
C ALA B 264 -1.31 -22.93 7.78
N SER B 265 -1.57 -21.82 8.49
CA SER B 265 -2.92 -21.28 8.50
C SER B 265 -3.17 -20.42 7.27
N THR B 266 -2.17 -19.64 6.85
CA THR B 266 -2.33 -18.73 5.73
C THR B 266 -2.41 -19.50 4.41
N ALA B 267 -3.46 -19.21 3.63
CA ALA B 267 -3.74 -19.94 2.40
C ALA B 267 -3.10 -19.32 1.17
N GLY B 268 -2.42 -18.18 1.32
CA GLY B 268 -1.81 -17.54 0.19
C GLY B 268 -0.55 -18.23 -0.30
N VAL B 269 -0.06 -17.76 -1.43
CA VAL B 269 1.14 -18.31 -2.04
C VAL B 269 2.24 -17.25 -1.96
N ARG B 270 3.49 -17.71 -1.88
CA ARG B 270 4.62 -16.82 -1.64
C ARG B 270 5.28 -16.43 -2.95
N LEU B 271 5.42 -15.11 -3.15
CA LEU B 271 6.15 -14.57 -4.30
C LEU B 271 7.27 -13.70 -3.75
N MET B 272 8.46 -13.84 -4.32
CA MET B 272 9.66 -13.20 -3.79
C MET B 272 10.45 -12.57 -4.93
N LEU B 273 11.21 -11.54 -4.59
CA LEU B 273 12.07 -10.85 -5.55
C LEU B 273 13.43 -10.62 -4.91
N HIS B 274 14.47 -10.97 -5.65
CA HIS B 274 15.84 -10.82 -5.17
C HIS B 274 16.76 -10.64 -6.37
N GLU B 275 18.06 -10.77 -6.15
CA GLU B 275 19.06 -10.50 -7.18
C GLU B 275 19.09 -11.64 -8.21
N GLN B 276 19.92 -11.45 -9.23
CA GLN B 276 20.00 -12.43 -10.31
C GLN B 276 20.75 -13.69 -9.87
N ARG B 277 21.92 -13.51 -9.24
CA ARG B 277 22.70 -14.63 -8.72
C ARG B 277 22.87 -14.43 -7.22
N SER B 278 21.89 -14.93 -6.45
CA SER B 278 21.90 -14.82 -5.01
C SER B 278 20.99 -15.90 -4.42
N TYR B 279 21.26 -16.26 -3.18
CA TYR B 279 20.39 -17.19 -2.49
C TYR B 279 19.08 -16.50 -2.12
N PRO B 280 17.94 -17.02 -2.56
CA PRO B 280 16.66 -16.36 -2.24
C PRO B 280 16.27 -16.51 -0.77
N PHE B 281 16.35 -15.41 -0.02
CA PHE B 281 15.93 -15.44 1.37
C PHE B 281 14.41 -15.36 1.45
N ILE B 282 13.84 -16.24 2.28
CA ILE B 282 12.41 -16.54 2.17
C ILE B 282 11.59 -15.75 3.18
N ARG B 283 12.01 -15.76 4.44
CA ARG B 283 11.31 -14.97 5.43
C ARG B 283 11.95 -13.62 5.66
N ASP B 284 13.06 -13.31 4.99
CA ASP B 284 13.61 -11.97 5.06
C ASP B 284 12.85 -11.00 4.16
N GLU B 285 12.59 -11.42 2.92
CA GLU B 285 11.86 -10.57 1.98
C GLU B 285 10.93 -11.40 1.09
N GLY B 286 9.65 -11.45 1.44
CA GLY B 286 8.65 -12.18 0.68
C GLY B 286 7.27 -11.61 0.93
N ILE B 287 6.53 -11.43 -0.16
CA ILE B 287 5.17 -10.89 -0.12
C ILE B 287 4.19 -11.99 -0.46
N TYR B 288 2.98 -11.90 0.12
CA TYR B 288 1.94 -12.87 -0.18
C TYR B 288 1.22 -12.52 -1.47
N ALA B 289 0.76 -13.54 -2.18
CA ALA B 289 -0.07 -13.37 -3.37
C ALA B 289 -1.37 -14.13 -3.15
N MET B 290 -2.49 -13.46 -3.38
CA MET B 290 -3.79 -13.98 -3.00
C MET B 290 -4.38 -14.86 -4.09
N SER B 291 -4.98 -15.98 -3.67
CA SER B 291 -5.65 -16.88 -4.60
C SER B 291 -6.92 -16.26 -5.15
N GLY B 292 -7.24 -16.61 -6.38
CA GLY B 292 -8.40 -16.07 -7.07
C GLY B 292 -8.23 -14.67 -7.61
N THR B 293 -7.05 -14.08 -7.46
CA THR B 293 -6.79 -12.71 -7.89
C THR B 293 -5.60 -12.67 -8.82
N GLU B 294 -5.51 -11.58 -9.59
CA GLU B 294 -4.32 -11.30 -10.40
C GLU B 294 -3.41 -10.37 -9.60
N THR B 295 -2.39 -10.94 -8.98
CA THR B 295 -1.43 -10.14 -8.22
C THR B 295 -0.55 -9.39 -9.21
N SER B 296 -0.93 -8.16 -9.52
CA SER B 296 -0.24 -7.33 -10.50
C SER B 296 0.85 -6.56 -9.77
N ILE B 297 2.11 -6.84 -10.11
CA ILE B 297 3.26 -6.28 -9.42
C ILE B 297 4.12 -5.53 -10.43
N GLY B 298 4.29 -4.24 -10.20
CA GLY B 298 5.27 -3.45 -10.94
C GLY B 298 6.52 -3.30 -10.10
N VAL B 299 7.65 -3.71 -10.68
CA VAL B 299 8.89 -3.83 -9.94
C VAL B 299 9.72 -2.56 -10.09
N LEU B 300 10.69 -2.40 -9.20
CA LEU B 300 11.66 -1.32 -9.27
C LEU B 300 13.05 -1.90 -9.08
N VAL B 301 14.06 -1.14 -9.51
CA VAL B 301 15.45 -1.52 -9.33
C VAL B 301 16.09 -0.44 -8.47
N ASP B 302 16.09 -0.66 -7.16
CA ASP B 302 16.65 0.29 -6.20
C ASP B 302 18.06 -0.17 -5.85
N LYS B 303 19.06 0.48 -6.44
CA LYS B 303 20.44 0.09 -6.27
C LYS B 303 21.20 1.13 -5.45
N LEU B 304 22.16 0.64 -4.68
CA LEU B 304 23.05 1.48 -3.89
C LEU B 304 24.49 1.17 -4.30
N GLN B 305 25.22 2.19 -4.72
CA GLN B 305 26.59 2.03 -5.20
C GLN B 305 27.54 2.58 -4.14
N ARG B 306 28.05 1.68 -3.30
CA ARG B 306 29.06 2.05 -2.33
C ARG B 306 30.39 2.28 -3.04
N MET B 307 31.05 3.38 -2.69
CA MET B 307 32.33 3.73 -3.32
C MET B 307 33.48 3.19 -2.47
N GLY B 308 33.69 1.88 -2.63
CA GLY B 308 34.88 1.23 -2.10
C GLY B 308 34.84 1.04 -0.59
N GLU B 309 35.80 0.24 -0.12
CA GLU B 309 36.03 -0.01 1.30
C GLU B 309 36.70 1.10 2.14
N PRO B 310 37.62 1.97 1.65
CA PRO B 310 38.16 2.97 2.59
C PRO B 310 37.21 4.12 2.86
N TYR B 311 36.30 4.43 1.92
CA TYR B 311 35.35 5.50 2.14
C TYR B 311 34.26 5.09 3.11
N SER B 312 33.74 3.87 2.97
CA SER B 312 32.67 3.35 3.79
C SER B 312 32.94 1.87 4.02
N PRO B 313 32.61 1.34 5.20
CA PRO B 313 32.85 -0.08 5.47
C PRO B 313 31.99 -0.98 4.58
N CYS B 314 32.67 -1.83 3.81
CA CYS B 314 32.00 -2.68 2.84
C CYS B 314 32.84 -3.92 2.56
N THR B 315 32.14 -4.98 2.13
CA THR B 315 32.77 -6.22 1.65
C THR B 315 32.20 -6.52 0.27
N VAL B 316 32.93 -6.13 -0.77
CA VAL B 316 32.43 -6.27 -2.14
C VAL B 316 32.60 -7.71 -2.62
N ASN B 317 33.55 -8.45 -2.03
CA ASN B 317 33.81 -9.81 -2.49
C ASN B 317 33.23 -10.83 -1.52
N GLY B 318 33.42 -10.62 -0.22
CA GLY B 318 32.93 -11.54 0.79
C GLY B 318 34.00 -12.32 1.51
N SER B 319 35.28 -12.08 1.20
CA SER B 319 36.35 -12.83 1.85
C SER B 319 36.81 -12.16 3.14
N GLU B 320 36.31 -10.95 3.43
CA GLU B 320 36.74 -10.23 4.62
C GLU B 320 36.06 -10.77 5.87
N VAL B 321 34.95 -11.48 5.70
CA VAL B 321 34.20 -12.01 6.85
C VAL B 321 34.93 -13.23 7.39
N PRO B 322 35.25 -13.27 8.69
CA PRO B 322 35.93 -14.46 9.24
C PRO B 322 35.02 -15.68 9.32
N VAL B 323 33.70 -15.47 9.43
CA VAL B 323 32.78 -16.59 9.52
C VAL B 323 32.60 -17.21 8.15
N GLN B 324 32.79 -18.52 8.06
CA GLN B 324 32.59 -19.24 6.81
C GLN B 324 31.11 -19.29 6.46
N ASN B 325 30.84 -19.27 5.15
CA ASN B 325 29.47 -19.28 4.65
C ASN B 325 29.02 -20.71 4.41
N PHE B 326 27.88 -21.07 4.99
CA PHE B 326 27.29 -22.40 4.79
C PHE B 326 26.32 -22.43 3.61
N TYR B 327 26.38 -21.43 2.73
CA TYR B 327 25.54 -21.37 1.54
C TYR B 327 26.32 -21.68 0.27
N SER B 328 27.46 -22.35 0.40
CA SER B 328 28.29 -22.68 -0.76
C SER B 328 27.83 -23.93 -1.48
N ASP B 329 26.83 -24.64 -0.95
CA ASP B 329 26.31 -25.82 -1.64
C ASP B 329 25.51 -25.43 -2.88
N TYR B 330 24.86 -24.27 -2.86
CA TYR B 330 24.09 -23.79 -3.99
C TYR B 330 24.91 -22.92 -4.93
N ASN B 331 26.14 -22.58 -4.53
CA ASN B 331 27.09 -21.75 -5.30
C ASN B 331 26.48 -20.39 -5.63
N THR B 332 26.14 -19.64 -4.58
CA THR B 332 25.56 -18.33 -4.69
C THR B 332 26.62 -17.27 -4.45
N THR B 333 26.21 -16.01 -4.39
CA THR B 333 27.11 -14.90 -4.10
C THR B 333 26.92 -14.42 -2.68
N TYR B 334 27.77 -13.48 -2.28
CA TYR B 334 27.71 -12.94 -0.93
C TYR B 334 26.51 -12.01 -0.78
N SER B 335 25.93 -11.99 0.41
CA SER B 335 24.76 -11.17 0.70
C SER B 335 24.85 -10.68 2.14
N ILE B 336 23.82 -9.95 2.57
CA ILE B 336 23.76 -9.47 3.93
C ILE B 336 23.31 -10.56 4.89
N GLN B 337 22.18 -11.19 4.57
CA GLN B 337 21.52 -12.12 5.48
C GLN B 337 22.20 -13.49 5.53
N ALA B 338 23.23 -13.72 4.69
CA ALA B 338 23.95 -14.99 4.75
C ALA B 338 24.80 -15.09 6.00
N CYS B 339 25.24 -13.97 6.56
CA CYS B 339 26.03 -14.00 7.78
C CYS B 339 25.16 -14.30 9.00
N LEU B 340 23.98 -13.67 9.08
CA LEU B 340 23.17 -13.74 10.30
C LEU B 340 22.55 -15.11 10.52
N ARG B 341 22.31 -15.86 9.43
CA ARG B 341 21.75 -17.20 9.57
C ARG B 341 22.82 -18.27 9.72
N SER B 342 24.00 -18.07 9.12
CA SER B 342 25.06 -19.06 9.24
C SER B 342 25.73 -19.00 10.61
N CYS B 343 25.86 -17.81 11.19
CA CYS B 343 26.48 -17.69 12.50
C CYS B 343 25.56 -18.21 13.60
N PHE B 344 24.25 -18.02 13.45
CA PHE B 344 23.31 -18.48 14.47
C PHE B 344 23.24 -20.01 14.48
N GLN B 345 23.51 -20.65 13.35
CA GLN B 345 23.77 -22.09 13.35
C GLN B 345 25.14 -22.39 13.93
N ASP B 346 26.13 -21.53 13.67
CA ASP B 346 27.49 -21.76 14.16
C ASP B 346 27.59 -21.54 15.66
N HIS B 347 26.87 -20.55 16.19
CA HIS B 347 26.80 -20.37 17.64
C HIS B 347 26.02 -21.49 18.32
N MET B 348 25.16 -22.20 17.58
CA MET B 348 24.48 -23.35 18.14
C MET B 348 25.44 -24.52 18.31
N ILE B 349 26.30 -24.76 17.31
CA ILE B 349 27.23 -25.90 17.32
C ILE B 349 28.26 -25.73 18.43
N ARG B 350 28.71 -24.50 18.67
CA ARG B 350 29.67 -24.25 19.74
C ARG B 350 29.06 -24.42 21.13
N ASN B 351 27.74 -24.36 21.25
CA ASN B 351 27.05 -24.65 22.49
C ASN B 351 26.51 -26.07 22.54
N CYS B 352 25.93 -26.55 21.44
CA CYS B 352 25.35 -27.89 21.37
C CYS B 352 25.69 -28.48 20.00
N ASN B 353 26.52 -29.51 19.98
CA ASN B 353 27.01 -30.08 18.73
C ASN B 353 25.95 -30.88 17.97
N CYS B 354 24.90 -30.19 17.51
CA CYS B 354 23.86 -30.76 16.67
C CYS B 354 23.19 -29.62 15.92
N GLY B 355 22.83 -29.87 14.66
CA GLY B 355 22.34 -28.84 13.78
C GLY B 355 20.83 -28.70 13.77
N HIS B 356 20.37 -27.47 13.63
CA HIS B 356 18.93 -27.20 13.59
C HIS B 356 18.39 -27.41 12.18
N TYR B 357 17.11 -27.79 12.11
CA TYR B 357 16.53 -28.25 10.85
C TYR B 357 16.22 -27.09 9.90
N LEU B 358 15.78 -25.94 10.42
CA LEU B 358 15.38 -24.83 9.55
C LEU B 358 16.54 -24.13 8.88
N TYR B 359 17.78 -24.42 9.27
CA TYR B 359 18.95 -23.86 8.64
C TYR B 359 19.72 -24.95 7.92
N PRO B 360 20.49 -24.62 6.87
CA PRO B 360 21.24 -25.67 6.14
C PRO B 360 22.34 -26.28 6.99
N LEU B 361 22.38 -27.61 7.02
CA LEU B 361 23.30 -28.32 7.89
C LEU B 361 24.71 -28.26 7.30
N PRO B 362 25.74 -28.10 8.13
CA PRO B 362 27.11 -28.19 7.63
C PRO B 362 27.46 -29.61 7.20
N ARG B 363 28.54 -29.71 6.42
CA ARG B 363 28.96 -31.00 5.91
C ARG B 363 29.61 -31.82 7.02
N GLY B 364 29.18 -33.07 7.15
CA GLY B 364 29.70 -33.97 8.16
C GLY B 364 28.95 -33.98 9.47
N GLU B 365 28.05 -33.02 9.70
CA GLU B 365 27.30 -32.95 10.94
C GLU B 365 25.99 -33.72 10.81
N LYS B 366 25.10 -33.55 11.78
CA LYS B 366 23.83 -34.25 11.80
C LYS B 366 22.76 -33.31 12.35
N TYR B 367 21.54 -33.41 11.80
CA TYR B 367 20.43 -32.67 12.36
C TYR B 367 20.10 -33.13 13.77
N CYS B 368 19.65 -32.20 14.60
CA CYS B 368 19.53 -32.46 16.02
C CYS B 368 18.20 -33.13 16.33
N ASN B 369 18.28 -34.30 16.97
CA ASN B 369 17.12 -35.16 17.21
C ASN B 369 17.03 -35.47 18.69
N ASN B 370 15.82 -35.80 19.16
CA ASN B 370 15.65 -36.16 20.57
C ASN B 370 16.24 -37.54 20.87
N ARG B 371 16.35 -38.41 19.87
CA ARG B 371 16.95 -39.72 20.05
C ARG B 371 18.45 -39.63 20.29
N ASP B 372 19.09 -38.53 19.90
CA ASP B 372 20.51 -38.34 20.10
C ASP B 372 20.84 -37.17 21.02
N PHE B 373 20.02 -36.13 21.04
CA PHE B 373 20.25 -34.95 21.88
C PHE B 373 18.93 -34.48 22.45
N PRO B 374 18.59 -34.91 23.68
CA PRO B 374 17.35 -34.44 24.31
C PRO B 374 17.38 -32.99 24.75
N ASP B 375 18.53 -32.34 24.74
CA ASP B 375 18.65 -30.94 25.13
C ASP B 375 18.36 -29.96 24.00
N TRP B 376 17.76 -30.43 22.90
CA TRP B 376 17.51 -29.59 21.74
C TRP B 376 16.46 -28.52 22.01
N ALA B 377 15.49 -28.80 22.85
CA ALA B 377 14.37 -27.88 23.04
C ALA B 377 14.76 -26.64 23.83
N HIS B 378 15.77 -26.76 24.70
CA HIS B 378 16.21 -25.62 25.52
C HIS B 378 17.46 -24.95 24.98
N CYS B 379 18.33 -25.69 24.28
CA CYS B 379 19.57 -25.10 23.77
C CYS B 379 19.30 -24.18 22.60
N TYR B 380 18.24 -24.43 21.84
CA TYR B 380 17.91 -23.60 20.69
C TYR B 380 17.06 -22.38 21.06
N SER B 381 16.06 -22.56 21.92
CA SER B 381 15.17 -21.47 22.26
C SER B 381 15.79 -20.45 23.19
N ASP B 382 16.80 -20.84 23.98
CA ASP B 382 17.49 -19.87 24.81
C ASP B 382 18.40 -18.97 23.96
N LEU B 383 19.02 -19.54 22.94
CA LEU B 383 19.79 -18.73 21.99
C LEU B 383 18.89 -17.92 21.07
N GLN B 384 17.63 -18.37 20.89
CA GLN B 384 16.72 -17.67 20.00
C GLN B 384 16.25 -16.35 20.61
N MET B 385 15.82 -16.39 21.86
CA MET B 385 15.39 -15.19 22.58
C MET B 385 16.55 -14.62 23.40
N SER B 386 17.64 -14.31 22.70
CA SER B 386 18.83 -13.73 23.31
C SER B 386 19.24 -12.52 22.48
N VAL B 387 19.13 -11.33 23.07
CA VAL B 387 19.45 -10.11 22.33
C VAL B 387 20.96 -9.99 22.15
N ALA B 388 21.73 -10.35 23.17
CA ALA B 388 23.19 -10.20 23.11
C ALA B 388 23.82 -11.23 22.17
N GLN B 389 23.16 -12.37 21.96
CA GLN B 389 23.69 -13.35 21.00
C GLN B 389 23.49 -12.87 19.57
N ARG B 390 22.33 -12.27 19.28
CA ARG B 390 22.05 -11.79 17.93
C ARG B 390 22.82 -10.50 17.64
N GLU B 391 23.14 -9.73 18.69
CA GLU B 391 23.88 -8.48 18.52
C GLU B 391 25.32 -8.73 18.11
N THR B 392 25.88 -9.90 18.46
CA THR B 392 27.25 -10.22 18.12
C THR B 392 27.44 -10.39 16.61
N CYS B 393 26.50 -11.07 15.96
CA CYS B 393 26.60 -11.31 14.52
C CYS B 393 26.38 -10.05 13.68
N ILE B 394 25.72 -9.03 14.25
CA ILE B 394 25.49 -7.80 13.51
C ILE B 394 26.79 -7.02 13.35
N GLY B 395 27.53 -6.86 14.45
CA GLY B 395 28.80 -6.17 14.39
C GLY B 395 29.96 -6.97 13.86
N MET B 396 29.80 -8.28 13.72
CA MET B 396 30.89 -9.14 13.23
C MET B 396 30.93 -9.15 11.71
N CYS B 397 29.83 -9.51 11.07
CA CYS B 397 29.77 -9.44 9.61
C CYS B 397 29.52 -8.01 9.16
N LYS B 398 29.99 -7.70 7.97
CA LYS B 398 29.95 -6.34 7.43
C LYS B 398 28.91 -6.26 6.31
N GLU B 399 28.85 -5.11 5.66
CA GLU B 399 27.84 -4.83 4.65
C GLU B 399 28.35 -5.23 3.26
N SER B 400 27.57 -4.91 2.22
CA SER B 400 27.92 -5.25 0.85
C SER B 400 27.75 -4.02 -0.02
N CYS B 401 28.65 -3.87 -0.99
CA CYS B 401 28.69 -2.70 -1.87
C CYS B 401 27.60 -2.70 -2.92
N ASN B 402 27.23 -3.85 -3.46
CA ASN B 402 26.16 -3.92 -4.45
C ASN B 402 24.81 -4.14 -3.80
N ASP B 403 24.41 -3.20 -2.95
CA ASP B 403 23.13 -3.29 -2.27
C ASP B 403 22.02 -2.99 -3.27
N THR B 404 21.11 -3.95 -3.45
CA THR B 404 20.04 -3.84 -4.45
C THR B 404 18.73 -4.23 -3.78
N GLN B 405 17.89 -3.23 -3.49
CA GLN B 405 16.54 -3.46 -3.01
C GLN B 405 15.57 -3.51 -4.17
N TYR B 406 14.39 -4.06 -3.92
CA TYR B 406 13.36 -4.23 -4.95
C TYR B 406 12.04 -3.68 -4.43
N LYS B 407 11.78 -2.41 -4.74
CA LYS B 407 10.47 -1.84 -4.44
C LYS B 407 9.43 -2.41 -5.40
N MET B 408 8.20 -2.47 -4.94
CA MET B 408 7.14 -3.10 -5.72
C MET B 408 5.81 -2.41 -5.43
N THR B 409 4.91 -2.50 -6.39
CA THR B 409 3.56 -1.94 -6.30
C THR B 409 2.57 -3.08 -6.53
N ILE B 410 1.97 -3.56 -5.45
CA ILE B 410 1.10 -4.73 -5.48
C ILE B 410 -0.35 -4.26 -5.56
N SER B 411 -1.04 -4.67 -6.62
CA SER B 411 -2.47 -4.46 -6.77
C SER B 411 -3.09 -5.73 -7.31
N MET B 412 -4.28 -6.06 -6.81
CA MET B 412 -4.91 -7.32 -7.17
C MET B 412 -6.38 -7.12 -7.55
N ALA B 413 -6.83 -7.92 -8.52
CA ALA B 413 -8.20 -7.92 -8.96
C ALA B 413 -8.62 -9.36 -9.23
N ASP B 414 -9.90 -9.65 -8.96
CA ASP B 414 -10.42 -11.02 -8.99
C ASP B 414 -10.36 -11.59 -10.40
N TRP B 415 -9.55 -12.63 -10.58
CA TRP B 415 -9.22 -13.12 -11.92
C TRP B 415 -10.33 -13.96 -12.59
N PRO B 416 -10.85 -15.06 -12.03
CA PRO B 416 -11.78 -15.87 -12.84
C PRO B 416 -13.16 -15.22 -12.93
N SER B 417 -13.66 -15.14 -14.16
CA SER B 417 -14.91 -14.45 -14.43
C SER B 417 -16.08 -15.42 -14.35
N GLU B 418 -17.29 -14.83 -14.34
CA GLU B 418 -18.50 -15.64 -14.35
C GLU B 418 -18.75 -16.27 -15.72
N ALA B 419 -18.20 -15.68 -16.78
CA ALA B 419 -18.33 -16.26 -18.11
C ALA B 419 -17.31 -17.36 -18.37
N SER B 420 -16.13 -17.28 -17.75
CA SER B 420 -15.10 -18.27 -17.96
C SER B 420 -15.08 -19.36 -16.89
N GLU B 421 -15.93 -19.26 -15.86
CA GLU B 421 -15.95 -20.26 -14.81
C GLU B 421 -16.44 -21.61 -15.34
N ASP B 422 -17.40 -21.58 -16.26
CA ASP B 422 -17.75 -22.80 -17.00
C ASP B 422 -16.70 -23.14 -18.04
N TRP B 423 -15.91 -22.16 -18.48
CA TRP B 423 -14.99 -22.32 -19.59
C TRP B 423 -13.56 -22.65 -19.16
N ILE B 424 -12.94 -21.77 -18.38
CA ILE B 424 -11.48 -21.84 -18.20
C ILE B 424 -11.07 -22.95 -17.23
N PHE B 425 -11.98 -23.43 -16.39
CA PHE B 425 -11.65 -24.53 -15.50
C PHE B 425 -11.67 -25.88 -16.20
N HIS B 426 -12.40 -25.99 -17.31
CA HIS B 426 -12.39 -27.24 -18.07
C HIS B 426 -11.08 -27.45 -18.81
N VAL B 427 -10.41 -26.36 -19.18
CA VAL B 427 -9.10 -26.47 -19.83
C VAL B 427 -8.06 -26.98 -18.86
N LEU B 428 -8.10 -26.49 -17.62
CA LEU B 428 -7.19 -26.97 -16.58
C LEU B 428 -7.59 -28.32 -16.02
N SER B 429 -8.79 -28.82 -16.33
CA SER B 429 -9.27 -30.09 -15.82
C SER B 429 -8.71 -31.29 -16.57
N GLN B 430 -7.90 -31.08 -17.60
CA GLN B 430 -7.32 -32.18 -18.35
C GLN B 430 -5.84 -32.01 -18.67
N GLU B 431 -5.24 -30.86 -18.36
CA GLU B 431 -3.78 -30.74 -18.45
C GLU B 431 -3.09 -31.34 -17.23
N ARG B 432 -3.84 -31.62 -16.17
CA ARG B 432 -3.35 -32.38 -15.03
C ARG B 432 -3.85 -33.81 -15.05
N ASP B 433 -3.92 -34.40 -16.24
CA ASP B 433 -4.51 -35.72 -16.44
C ASP B 433 -3.61 -36.80 -15.85
N GLN B 434 -3.87 -37.18 -14.61
CA GLN B 434 -3.16 -38.27 -13.95
C GLN B 434 -4.15 -39.38 -13.61
N SER B 435 -3.62 -40.59 -13.51
CA SER B 435 -4.45 -41.76 -13.22
C SER B 435 -4.70 -41.98 -11.74
N THR B 436 -4.18 -41.10 -10.88
CA THR B 436 -4.33 -41.24 -9.43
C THR B 436 -5.21 -40.15 -8.84
N ASN B 437 -4.87 -38.88 -9.06
CA ASN B 437 -5.59 -37.79 -8.43
C ASN B 437 -5.42 -36.52 -9.27
N ILE B 438 -6.41 -35.65 -9.20
CA ILE B 438 -6.38 -34.36 -9.88
C ILE B 438 -6.98 -33.31 -8.94
N THR B 439 -6.42 -32.12 -8.95
CA THR B 439 -6.90 -31.01 -8.13
C THR B 439 -7.76 -30.09 -8.99
N LEU B 440 -9.01 -29.91 -8.59
CA LEU B 440 -9.97 -29.09 -9.31
C LEU B 440 -10.56 -28.03 -8.39
N SER B 441 -9.69 -27.35 -7.65
CA SER B 441 -10.14 -26.32 -6.72
C SER B 441 -10.58 -25.09 -7.48
N ARG B 442 -11.86 -24.73 -7.34
CA ARG B 442 -12.41 -23.57 -8.03
C ARG B 442 -11.90 -22.27 -7.44
N LYS B 443 -11.50 -22.26 -6.17
CA LYS B 443 -10.99 -21.07 -5.50
C LYS B 443 -9.60 -21.33 -4.92
N GLY B 444 -8.75 -22.00 -5.70
CA GLY B 444 -7.42 -22.32 -5.24
C GLY B 444 -6.33 -22.06 -6.25
N ILE B 445 -6.63 -21.29 -7.29
CA ILE B 445 -5.67 -20.96 -8.33
C ILE B 445 -5.28 -19.49 -8.20
N VAL B 446 -4.05 -19.20 -8.61
CA VAL B 446 -3.45 -17.88 -8.44
C VAL B 446 -3.00 -17.36 -9.79
N LYS B 447 -3.46 -16.17 -10.16
CA LYS B 447 -3.00 -15.48 -11.35
C LYS B 447 -1.91 -14.49 -10.95
N LEU B 448 -0.80 -14.49 -11.70
CA LEU B 448 0.31 -13.60 -11.42
C LEU B 448 0.67 -12.79 -12.64
N ASN B 449 1.21 -11.59 -12.41
CA ASN B 449 1.60 -10.71 -13.50
C ASN B 449 2.71 -9.81 -12.97
N ILE B 450 3.94 -10.04 -13.42
CA ILE B 450 5.11 -9.30 -12.97
C ILE B 450 5.70 -8.56 -14.17
N TYR B 451 5.91 -7.25 -14.00
CA TYR B 451 6.29 -6.39 -15.10
C TYR B 451 7.17 -5.26 -14.59
N PHE B 452 7.94 -4.67 -15.49
CA PHE B 452 8.70 -3.48 -15.18
C PHE B 452 7.81 -2.25 -15.26
N GLN B 453 8.14 -1.25 -14.43
CA GLN B 453 7.36 -0.03 -14.36
C GLN B 453 7.98 0.96 -15.35
N GLU B 454 7.60 2.24 -15.26
CA GLU B 454 8.13 3.25 -16.17
C GLU B 454 9.60 3.55 -15.89
N PHE B 455 9.90 4.00 -14.67
CA PHE B 455 11.26 4.34 -14.28
C PHE B 455 11.75 3.28 -13.30
N ASN B 456 12.71 2.46 -13.74
CA ASN B 456 13.24 1.42 -12.86
C ASN B 456 14.45 1.88 -12.07
N TYR B 457 15.29 2.73 -12.66
CA TYR B 457 16.51 3.17 -12.00
C TYR B 457 16.22 4.16 -10.89
N ARG B 458 16.51 3.78 -9.66
CA ARG B 458 16.62 4.70 -8.52
C ARG B 458 17.95 4.36 -7.86
N THR B 459 19.02 4.95 -8.37
CA THR B 459 20.37 4.58 -7.97
C THR B 459 21.04 5.71 -7.20
N ILE B 460 21.96 5.31 -6.32
CA ILE B 460 22.73 6.25 -5.51
C ILE B 460 24.19 5.91 -5.78
N GLU B 461 24.82 6.64 -6.69
CA GLU B 461 26.24 6.47 -6.96
C GLU B 461 27.04 7.55 -6.22
N GLU B 462 28.25 7.19 -5.82
CA GLU B 462 29.09 8.05 -4.99
C GLU B 462 30.39 8.34 -5.72
N SER B 463 30.68 9.62 -5.93
CA SER B 463 31.89 10.05 -6.60
C SER B 463 32.95 10.40 -5.57
N ALA B 464 34.21 10.11 -5.90
CA ALA B 464 35.30 10.42 -4.99
C ALA B 464 35.65 11.90 -5.04
N ALA B 465 35.62 12.56 -3.88
CA ALA B 465 35.99 13.96 -3.77
C ALA B 465 37.44 14.18 -3.39
N ASN B 466 38.20 13.09 -3.17
CA ASN B 466 39.60 13.19 -2.78
C ASN B 466 40.47 13.14 -4.02
N ASN B 467 40.60 14.30 -4.67
CA ASN B 467 41.47 14.44 -5.82
C ASN B 467 42.88 14.83 -5.38
N ILE B 468 43.75 15.02 -6.36
CA ILE B 468 45.12 15.41 -6.07
C ILE B 468 45.19 16.94 -6.13
N UNK B 469 44.12 17.55 -6.63
CA UNK B 469 44.06 18.98 -6.81
C UNK B 469 43.66 19.71 -5.53
N UNK B 470 42.44 19.46 -5.07
CA UNK B 470 41.88 20.19 -3.93
C UNK B 470 42.46 19.74 -2.60
N UNK B 471 43.04 18.54 -2.56
CA UNK B 471 43.53 17.98 -1.31
C UNK B 471 45.03 18.17 -1.14
N UNK B 472 45.74 18.43 -2.23
CA UNK B 472 47.19 18.55 -2.16
C UNK B 472 47.71 19.77 -2.92
N UNK B 473 47.28 19.90 -4.18
CA UNK B 473 47.76 20.98 -5.04
C UNK B 473 47.16 22.33 -4.63
N UNK B 474 46.01 22.30 -3.97
CA UNK B 474 45.36 23.51 -3.50
C UNK B 474 46.12 24.09 -2.31
N UNK B 475 46.67 23.22 -1.48
CA UNK B 475 47.45 23.63 -0.33
C UNK B 475 48.88 23.95 -0.74
N UNK B 476 49.29 23.42 -1.89
CA UNK B 476 50.64 23.61 -2.40
C UNK B 476 50.82 25.03 -2.91
N UNK B 477 49.88 25.51 -3.73
CA UNK B 477 49.95 26.84 -4.31
C UNK B 477 49.66 27.92 -3.27
N UNK B 478 48.88 27.54 -2.26
CA UNK B 478 48.54 28.47 -1.18
C UNK B 478 49.76 28.71 -0.30
N UNK B 479 50.54 27.65 -0.07
CA UNK B 479 51.76 27.76 0.71
C UNK B 479 52.85 28.43 -0.12
N UNK B 480 52.76 28.26 -1.44
CA UNK B 480 53.71 28.88 -2.35
C UNK B 480 53.43 30.36 -2.49
N UNK B 481 52.18 30.75 -2.25
CA UNK B 481 51.77 32.15 -2.28
C UNK B 481 52.38 32.88 -1.09
N UNK B 482 52.48 32.18 0.02
CA UNK B 482 53.13 32.73 1.21
C UNK B 482 54.65 32.65 1.05
N UNK B 483 55.10 31.65 0.30
CA UNK B 483 56.52 31.45 0.07
C UNK B 483 57.06 32.50 -0.89
N UNK B 484 56.22 32.91 -1.85
CA UNK B 484 56.60 33.95 -2.80
C UNK B 484 56.51 35.31 -2.13
N UNK B 485 55.70 35.40 -1.08
CA UNK B 485 55.55 36.63 -0.32
C UNK B 485 56.81 36.92 0.49
N UNK B 486 57.51 35.85 0.87
CA UNK B 486 58.79 35.99 1.55
C UNK B 486 59.85 36.44 0.54
N UNK B 487 59.67 36.04 -0.70
CA UNK B 487 60.57 36.43 -1.78
C UNK B 487 60.15 37.77 -2.37
N UNK B 488 58.95 38.22 -2.01
CA UNK B 488 58.43 39.51 -2.47
C UNK B 488 59.16 40.64 -1.76
N UNK B 489 59.44 40.45 -0.48
CA UNK B 489 60.18 41.43 0.30
C UNK B 489 61.67 41.34 -0.04
N UNK B 490 62.08 40.15 -0.49
CA UNK B 490 63.47 39.94 -0.88
C UNK B 490 63.76 40.58 -2.23
N UNK B 491 62.76 40.61 -3.10
CA UNK B 491 62.89 41.23 -4.42
C UNK B 491 62.92 42.75 -4.29
N UNK B 492 62.22 43.26 -3.28
CA UNK B 492 62.20 44.69 -2.99
C UNK B 492 63.52 45.11 -2.37
N UNK B 493 64.15 44.19 -1.66
CA UNK B 493 65.46 44.43 -1.07
C UNK B 493 66.55 44.30 -2.13
N UNK B 494 66.23 43.59 -3.21
CA UNK B 494 67.16 43.41 -4.31
C UNK B 494 66.89 44.44 -5.40
N UNK B 495 65.93 45.32 -5.18
CA UNK B 495 65.59 46.37 -6.13
C UNK B 495 66.19 47.70 -5.70
N UNK C 1 63.67 53.26 -9.81
CA UNK C 1 62.61 52.40 -9.29
C UNK C 1 61.27 52.77 -9.92
N UNK C 2 61.30 53.32 -11.12
CA UNK C 2 60.09 53.71 -11.84
C UNK C 2 59.35 52.48 -12.34
N UNK C 3 60.11 51.46 -12.73
CA UNK C 3 59.53 50.20 -13.16
C UNK C 3 59.29 49.28 -11.98
N UNK C 4 59.86 49.65 -10.83
CA UNK C 4 59.70 48.87 -9.61
C UNK C 4 58.40 49.22 -8.90
N UNK C 5 57.75 50.30 -9.34
CA UNK C 5 56.47 50.71 -8.81
C UNK C 5 55.33 50.11 -9.63
N UNK C 6 55.68 49.27 -10.58
CA UNK C 6 54.70 48.61 -11.44
C UNK C 6 54.93 47.10 -11.46
N UNK C 7 56.16 46.69 -11.19
CA UNK C 7 56.51 45.27 -11.16
C UNK C 7 55.95 44.61 -9.91
N UNK C 8 56.14 45.27 -8.76
CA UNK C 8 55.62 44.77 -7.50
C UNK C 8 54.13 45.07 -7.39
N UNK C 9 53.68 46.09 -8.10
CA UNK C 9 52.27 46.47 -8.12
C UNK C 9 51.45 45.47 -8.92
N UNK C 10 52.09 44.83 -9.90
CA UNK C 10 51.44 43.79 -10.68
C UNK C 10 51.27 42.53 -9.84
N UNK C 11 52.21 42.32 -8.92
CA UNK C 11 52.13 41.21 -7.98
C UNK C 11 51.14 41.58 -6.87
N UNK C 12 51.01 42.87 -6.61
CA UNK C 12 50.10 43.36 -5.58
C UNK C 12 48.66 43.31 -6.08
N UNK C 13 48.46 43.59 -7.36
CA UNK C 13 47.13 43.55 -7.96
C UNK C 13 46.67 42.12 -8.14
N UNK C 14 47.63 41.22 -8.35
CA UNK C 14 47.34 39.80 -8.48
C UNK C 14 47.10 39.19 -7.11
N UNK C 15 47.63 39.83 -6.07
CA UNK C 15 47.46 39.38 -4.71
C UNK C 15 46.02 39.60 -4.26
N UNK C 16 45.47 40.76 -4.60
CA UNK C 16 44.10 41.12 -4.24
C UNK C 16 43.10 40.25 -5.00
N UNK C 17 43.47 39.85 -6.21
CA UNK C 17 42.65 38.93 -7.00
C UNK C 17 42.73 37.53 -6.41
N UNK C 18 43.88 37.22 -5.82
CA UNK C 18 44.07 35.94 -5.14
C UNK C 18 43.41 35.97 -3.77
N UNK C 19 43.27 37.17 -3.21
CA UNK C 19 42.62 37.34 -1.92
C UNK C 19 41.10 37.35 -2.09
N UNK C 20 40.63 37.86 -3.22
CA UNK C 20 39.21 37.90 -3.50
C UNK C 20 38.70 36.51 -3.87
N UNK C 21 39.53 35.73 -4.56
CA UNK C 21 39.18 34.38 -4.97
C UNK C 21 39.20 33.43 -3.76
N UNK C 22 39.96 33.79 -2.74
CA UNK C 22 40.00 33.02 -1.50
C UNK C 22 38.93 33.50 -0.54
N UNK C 23 38.18 34.53 -0.95
CA UNK C 23 37.11 35.08 -0.13
C UNK C 23 35.74 34.82 -0.76
N UNK C 24 35.72 34.75 -2.09
CA UNK C 24 34.48 34.49 -2.81
C UNK C 24 34.04 33.04 -2.63
N UNK C 25 35.03 32.15 -2.50
CA UNK C 25 34.74 30.74 -2.27
C UNK C 25 34.65 30.45 -0.78
N UNK C 26 34.99 31.44 0.04
CA UNK C 26 34.91 31.30 1.49
C UNK C 26 33.47 31.43 1.98
N UNK C 27 32.80 32.47 1.54
CA UNK C 27 31.43 32.73 1.96
C UNK C 27 30.45 31.80 1.24
N UNK C 28 30.83 31.36 0.04
CA UNK C 28 29.97 30.50 -0.76
C UNK C 28 29.94 29.07 -0.21
N UNK C 29 31.07 28.63 0.35
CA UNK C 29 31.15 27.30 0.93
C UNK C 29 30.55 27.28 2.33
N PHE C 30 30.36 28.46 2.91
CA PHE C 30 29.75 28.59 4.22
C PHE C 30 28.26 28.28 4.14
N TYR C 31 27.64 28.61 3.01
CA TYR C 31 26.24 28.31 2.76
C TYR C 31 26.04 27.08 1.89
N THR C 32 27.10 26.34 1.60
CA THR C 32 27.03 25.17 0.74
C THR C 32 26.87 23.91 1.60
N VAL C 33 25.81 23.15 1.35
CA VAL C 33 25.55 21.91 2.06
C VAL C 33 25.75 20.75 1.11
N SER C 34 25.94 19.56 1.69
CA SER C 34 26.15 18.35 0.93
C SER C 34 25.23 17.25 1.44
N VAL C 35 24.72 16.44 0.53
CA VAL C 35 23.82 15.34 0.87
C VAL C 35 24.66 14.13 1.23
N SER C 36 24.46 13.59 2.42
CA SER C 36 25.17 12.41 2.90
C SER C 36 24.17 11.28 3.07
N ILE C 37 24.24 10.29 2.18
CA ILE C 37 23.38 9.12 2.22
C ILE C 37 24.19 7.96 2.77
N LYS C 38 23.75 7.41 3.91
CA LYS C 38 24.45 6.31 4.55
C LYS C 38 23.45 5.44 5.29
N VAL C 39 23.50 4.14 5.04
CA VAL C 39 22.67 3.17 5.73
C VAL C 39 23.56 2.24 6.55
N HIS C 40 23.16 1.98 7.80
CA HIS C 40 23.96 1.18 8.70
C HIS C 40 23.04 0.29 9.52
N PHE C 41 23.65 -0.63 10.26
CA PHE C 41 22.93 -1.68 10.98
C PHE C 41 23.01 -1.41 12.48
N ARG C 42 21.86 -1.38 13.13
CA ARG C 42 21.77 -1.22 14.58
C ARG C 42 20.42 -1.75 15.03
N LYS C 43 20.18 -1.65 16.34
CA LYS C 43 18.89 -1.99 16.92
C LYS C 43 17.89 -0.91 16.53
N LEU C 44 17.06 -1.19 15.54
CA LEU C 44 16.10 -0.21 15.06
C LEU C 44 14.97 -0.03 16.07
N ASP C 45 14.71 1.23 16.42
CA ASP C 45 13.61 1.55 17.33
C ASP C 45 12.28 1.29 16.62
N PHE C 46 11.47 0.40 17.19
CA PHE C 46 10.21 0.05 16.58
C PHE C 46 9.22 1.20 16.74
N PRO C 47 8.53 1.60 15.67
CA PRO C 47 7.67 2.79 15.76
C PRO C 47 6.39 2.52 16.52
N ALA C 48 5.75 3.61 16.95
CA ALA C 48 4.51 3.53 17.71
C ALA C 48 3.38 3.17 16.76
N VAL C 49 2.95 1.92 16.81
CA VAL C 49 1.89 1.41 15.94
C VAL C 49 0.54 1.67 16.61
N THR C 50 -0.30 2.46 15.95
CA THR C 50 -1.62 2.81 16.47
C THR C 50 -2.68 2.04 15.69
N ILE C 51 -3.52 1.32 16.40
CA ILE C 51 -4.62 0.57 15.80
C ILE C 51 -5.92 1.32 16.07
N CYS C 52 -6.60 1.71 15.00
CA CYS C 52 -7.88 2.41 15.09
C CYS C 52 -8.91 1.65 14.28
N ASN C 53 -10.06 1.36 14.91
CA ASN C 53 -11.15 0.70 14.22
C ASN C 53 -11.98 1.74 13.48
N ILE C 54 -12.45 1.40 12.27
CA ILE C 54 -13.29 2.32 11.51
C ILE C 54 -14.70 2.30 12.07
N ASN C 55 -15.03 1.28 12.86
CA ASN C 55 -16.31 1.15 13.52
C ASN C 55 -16.39 2.16 14.67
N PRO C 56 -17.40 3.03 14.70
CA PRO C 56 -17.63 3.88 15.88
C PRO C 56 -18.20 3.12 17.07
N TYR C 57 -18.72 3.89 18.04
CA TYR C 57 -19.40 3.39 19.23
C TYR C 57 -20.44 2.31 18.90
N LYS C 58 -20.66 1.40 19.86
CA LYS C 58 -21.51 0.23 19.65
C LYS C 58 -22.93 0.61 19.28
N TYR C 59 -23.43 0.01 18.19
CA TYR C 59 -24.72 0.42 17.64
C TYR C 59 -25.86 -0.01 18.55
N SER C 60 -25.69 -1.12 19.27
CA SER C 60 -26.70 -1.53 20.24
C SER C 60 -26.67 -0.65 21.48
N THR C 61 -25.53 -0.02 21.77
CA THR C 61 -25.39 0.87 22.91
C THR C 61 -25.85 2.29 22.61
N VAL C 62 -25.63 2.75 21.37
CA VAL C 62 -25.89 4.15 21.02
C VAL C 62 -27.33 4.38 20.54
N ARG C 63 -28.23 3.41 20.76
CA ARG C 63 -29.61 3.54 20.34
C ARG C 63 -30.33 4.68 21.04
N HIS C 64 -30.22 4.75 22.37
CA HIS C 64 -30.95 5.77 23.12
C HIS C 64 -30.27 7.14 23.04
N LEU C 65 -29.08 7.20 22.43
CA LEU C 65 -28.51 8.50 22.08
C LEU C 65 -29.01 8.97 20.72
N LEU C 66 -29.12 8.05 19.76
CA LEU C 66 -29.46 8.41 18.38
C LEU C 66 -30.73 7.74 17.88
N ALA C 67 -31.76 7.61 18.72
CA ALA C 67 -33.03 7.05 18.24
C ALA C 67 -33.76 8.06 17.38
N ASP C 68 -33.59 9.35 17.67
CA ASP C 68 -34.32 10.38 16.93
C ASP C 68 -33.73 10.61 15.54
N LEU C 69 -32.43 10.34 15.38
CA LEU C 69 -31.77 10.64 14.11
C LEU C 69 -32.05 9.57 13.07
N GLU C 70 -32.11 8.30 13.49
CA GLU C 70 -32.34 7.22 12.54
C GLU C 70 -33.80 7.17 12.09
N GLN C 71 -34.72 7.70 12.90
CA GLN C 71 -36.11 7.81 12.48
C GLN C 71 -36.27 8.94 11.48
N GLU C 72 -35.51 10.02 11.64
CA GLU C 72 -35.52 11.11 10.68
C GLU C 72 -34.82 10.71 9.38
N THR C 73 -33.81 9.85 9.47
CA THR C 73 -33.07 9.43 8.28
C THR C 73 -33.91 8.50 7.41
N ARG C 74 -34.55 7.51 8.02
CA ARG C 74 -35.39 6.59 7.27
C ARG C 74 -36.68 7.23 6.77
N GLU C 75 -37.13 8.32 7.41
CA GLU C 75 -38.28 9.06 6.90
C GLU C 75 -37.92 9.79 5.61
N ALA C 76 -36.71 10.35 5.53
CA ALA C 76 -36.26 11.01 4.31
C ALA C 76 -35.98 10.02 3.19
N LEU C 77 -35.70 8.76 3.51
CA LEU C 77 -35.49 7.76 2.47
C LEU C 77 -36.81 7.37 1.81
N LYS C 78 -37.90 7.44 2.56
CA LYS C 78 -39.20 7.07 2.00
C LYS C 78 -39.75 8.19 1.11
N SER C 79 -39.49 9.44 1.48
CA SER C 79 -40.01 10.57 0.71
C SER C 79 -39.19 10.80 -0.54
N LEU C 80 -37.87 10.56 -0.46
CA LEU C 80 -37.01 10.81 -1.61
C LEU C 80 -36.94 9.60 -2.54
N TYR C 81 -36.86 8.40 -1.97
CA TYR C 81 -36.72 7.19 -2.78
C TYR C 81 -37.61 6.06 -2.27
N PHE C 106 -32.05 17.99 19.59
CA PHE C 106 -32.18 17.78 18.15
C PHE C 106 -33.12 18.81 17.54
N SER C 107 -32.78 19.27 16.33
CA SER C 107 -33.60 20.23 15.61
C SER C 107 -33.56 19.90 14.12
N HIS C 108 -34.36 20.63 13.36
CA HIS C 108 -34.51 20.43 11.92
C HIS C 108 -33.99 21.65 11.14
N ARG C 109 -32.86 22.20 11.58
CA ARG C 109 -32.35 23.45 11.00
C ARG C 109 -31.81 23.28 9.59
N ILE C 110 -31.44 22.06 9.20
CA ILE C 110 -30.92 21.84 7.86
C ILE C 110 -31.57 20.63 7.18
N PRO C 111 -32.78 20.77 6.66
CA PRO C 111 -33.36 19.69 5.83
C PRO C 111 -32.73 19.70 4.44
N LEU C 112 -32.74 18.52 3.82
CA LEU C 112 -32.19 18.36 2.48
C LEU C 112 -33.28 18.63 1.45
N LEU C 113 -32.94 19.39 0.41
CA LEU C 113 -33.87 19.82 -0.62
C LEU C 113 -33.57 19.10 -1.93
N ILE C 114 -34.31 19.48 -2.97
CA ILE C 114 -34.20 18.87 -4.30
C ILE C 114 -33.96 20.00 -5.29
N PHE C 115 -32.86 19.91 -6.03
CA PHE C 115 -32.53 20.92 -7.03
C PHE C 115 -32.74 20.38 -8.44
N GLN C 152 -31.77 15.96 -11.44
CA GLN C 152 -32.03 15.41 -10.12
C GLN C 152 -30.79 15.59 -9.23
N VAL C 153 -30.81 16.64 -8.41
CA VAL C 153 -29.67 17.03 -7.58
C VAL C 153 -30.11 17.03 -6.12
N VAL C 154 -29.43 16.25 -5.29
CA VAL C 154 -29.64 16.26 -3.86
C VAL C 154 -28.62 17.18 -3.22
N GLY C 155 -29.09 18.16 -2.45
CA GLY C 155 -28.19 19.11 -1.85
C GLY C 155 -28.70 19.77 -0.58
N PHE C 156 -28.05 20.84 -0.16
CA PHE C 156 -28.41 21.55 1.05
C PHE C 156 -28.43 23.05 0.79
N GLN C 157 -28.85 23.80 1.80
CA GLN C 157 -28.79 25.26 1.80
C GLN C 157 -28.13 25.67 3.11
N LEU C 158 -26.81 25.78 3.10
CA LEU C 158 -26.04 26.15 4.30
C LEU C 158 -26.18 27.66 4.50
N CYS C 159 -27.29 28.04 5.13
CA CYS C 159 -27.60 29.44 5.39
C CYS C 159 -27.08 29.85 6.76
N SER C 160 -26.71 31.13 6.87
CA SER C 160 -26.27 31.71 8.13
C SER C 160 -27.48 32.33 8.84
N ASN C 161 -27.20 33.14 9.88
CA ASN C 161 -28.26 33.88 10.54
C ASN C 161 -28.85 34.96 9.63
N ASP C 162 -28.05 35.47 8.70
CA ASP C 162 -28.54 36.36 7.64
C ASP C 162 -28.54 35.56 6.34
N THR C 163 -29.64 35.64 5.60
CA THR C 163 -29.80 34.91 4.35
C THR C 163 -29.30 35.67 3.14
N SER C 164 -28.46 36.69 3.34
CA SER C 164 -27.90 37.43 2.22
C SER C 164 -26.84 36.61 1.48
N ASP C 165 -26.15 35.72 2.19
CA ASP C 165 -25.17 34.83 1.57
C ASP C 165 -25.37 33.44 2.18
N CYS C 166 -26.14 32.60 1.50
CA CYS C 166 -26.41 31.24 1.92
C CYS C 166 -25.58 30.29 1.07
N ALA C 167 -24.70 29.52 1.71
CA ALA C 167 -23.84 28.59 1.00
C ALA C 167 -24.66 27.42 0.45
N THR C 168 -24.22 26.91 -0.70
CA THR C 168 -24.96 25.89 -1.42
C THR C 168 -24.12 24.62 -1.53
N TYR C 169 -24.81 23.51 -1.78
CA TYR C 169 -24.21 22.20 -1.95
C TYR C 169 -24.89 21.48 -3.10
N THR C 170 -24.10 21.03 -4.07
CA THR C 170 -24.60 20.28 -5.22
C THR C 170 -23.93 18.91 -5.24
N PHE C 171 -24.74 17.87 -5.39
CA PHE C 171 -24.26 16.48 -5.40
C PHE C 171 -25.06 15.68 -6.42
N SER C 172 -24.49 14.57 -6.88
CA SER C 172 -25.11 13.78 -7.92
C SER C 172 -25.62 12.43 -7.42
N SER C 173 -24.77 11.62 -6.81
CA SER C 173 -25.12 10.27 -6.39
C SER C 173 -25.88 10.31 -5.07
N GLY C 174 -26.92 9.49 -4.97
CA GLY C 174 -27.72 9.49 -3.76
C GLY C 174 -27.11 8.66 -2.66
N ILE C 175 -26.25 7.71 -3.01
CA ILE C 175 -25.66 6.81 -2.02
C ILE C 175 -24.57 7.54 -1.23
N ASN C 176 -23.94 8.54 -1.84
CA ASN C 176 -22.91 9.31 -1.15
C ASN C 176 -23.45 10.61 -0.58
N ALA C 177 -24.66 11.02 -0.97
CA ALA C 177 -25.25 12.22 -0.40
C ALA C 177 -26.01 11.91 0.88
N ILE C 178 -26.34 10.64 1.11
CA ILE C 178 -27.07 10.28 2.32
C ILE C 178 -26.10 10.06 3.48
N GLN C 179 -24.84 9.73 3.18
CA GLN C 179 -23.87 9.53 4.24
C GLN C 179 -23.38 10.86 4.80
N GLU C 180 -23.25 11.88 3.94
CA GLU C 180 -22.69 13.15 4.37
C GLU C 180 -23.67 13.95 5.20
N TRP C 181 -24.96 13.64 5.10
CA TRP C 181 -25.94 14.24 6.01
C TRP C 181 -25.88 13.57 7.38
N TYR C 182 -25.50 12.30 7.42
CA TYR C 182 -25.42 11.59 8.69
C TYR C 182 -24.13 11.94 9.44
N LYS C 183 -23.06 12.26 8.69
CA LYS C 183 -21.80 12.64 9.32
C LYS C 183 -21.89 14.01 9.98
N LEU C 184 -22.82 14.85 9.50
CA LEU C 184 -22.96 16.18 10.07
C LEU C 184 -23.60 16.14 11.45
N HIS C 185 -24.67 15.37 11.61
CA HIS C 185 -25.34 15.28 12.90
C HIS C 185 -24.52 14.47 13.89
N TYR C 186 -23.63 13.60 13.41
CA TYR C 186 -22.87 12.74 14.30
C TYR C 186 -21.79 13.53 15.03
N MET C 187 -21.37 14.66 14.46
CA MET C 187 -20.34 15.47 15.10
C MET C 187 -20.88 16.20 16.33
N ASN C 188 -22.19 16.46 16.35
CA ASN C 188 -22.73 17.37 17.35
C ASN C 188 -23.49 16.63 18.44
N ILE C 189 -24.07 15.47 18.12
CA ILE C 189 -24.80 14.70 19.13
C ILE C 189 -23.82 14.11 20.15
N MET C 190 -22.70 13.57 19.66
CA MET C 190 -21.66 13.08 20.56
C MET C 190 -20.78 14.19 21.11
N ALA C 191 -20.98 15.44 20.65
CA ALA C 191 -20.23 16.56 21.23
C ALA C 191 -20.73 16.90 22.63
N GLN C 192 -22.04 16.80 22.88
CA GLN C 192 -22.58 17.07 24.19
C GLN C 192 -22.44 15.89 25.14
N VAL C 193 -22.04 14.73 24.65
CA VAL C 193 -21.71 13.61 25.53
C VAL C 193 -20.40 13.93 26.25
N PRO C 194 -20.31 13.73 27.56
CA PRO C 194 -19.03 13.94 28.26
C PRO C 194 -18.00 12.90 27.86
N LEU C 195 -16.73 13.26 28.10
CA LEU C 195 -15.63 12.38 27.71
C LEU C 195 -15.56 11.13 28.59
N GLU C 196 -16.06 11.23 29.82
CA GLU C 196 -16.10 10.06 30.70
C GLU C 196 -17.13 9.03 30.23
N LYS C 197 -18.18 9.49 29.53
CA LYS C 197 -19.15 8.57 28.98
C LYS C 197 -18.72 7.98 27.64
N LYS C 198 -17.71 8.57 27.00
CA LYS C 198 -17.25 8.04 25.71
C LYS C 198 -16.41 6.79 25.89
N ILE C 199 -15.81 6.60 27.06
CA ILE C 199 -14.91 5.47 27.26
C ILE C 199 -15.70 4.18 27.44
N ASN C 200 -16.82 4.24 28.17
CA ASN C 200 -17.60 3.04 28.43
C ASN C 200 -18.39 2.61 27.19
N MET C 201 -18.68 3.55 26.28
CA MET C 201 -19.50 3.22 25.12
C MET C 201 -18.69 2.67 23.95
N SER C 202 -17.43 3.06 23.82
CA SER C 202 -16.60 2.63 22.70
C SER C 202 -15.99 1.27 22.98
N TYR C 203 -15.05 0.86 22.13
CA TYR C 203 -14.34 -0.40 22.29
C TYR C 203 -13.41 -0.36 23.49
N SER C 204 -13.42 -1.45 24.25
CA SER C 204 -12.52 -1.62 25.37
C SER C 204 -11.22 -2.24 24.87
N ALA C 205 -10.27 -2.40 25.79
CA ALA C 205 -8.94 -2.88 25.41
C ALA C 205 -8.93 -4.38 25.11
N GLU C 206 -9.95 -5.11 25.56
CA GLU C 206 -10.02 -6.54 25.34
C GLU C 206 -10.82 -6.92 24.10
N GLU C 207 -11.59 -6.00 23.53
CA GLU C 207 -12.46 -6.35 22.41
C GLU C 207 -11.70 -6.38 21.09
N LEU C 208 -10.99 -5.30 20.77
CA LEU C 208 -10.25 -5.24 19.50
C LEU C 208 -9.00 -6.11 19.55
N LEU C 209 -8.40 -6.28 20.72
CA LEU C 209 -7.15 -6.99 20.85
C LEU C 209 -7.41 -8.45 21.23
N VAL C 210 -6.81 -9.36 20.47
CA VAL C 210 -6.92 -10.79 20.71
C VAL C 210 -5.55 -11.43 20.92
N THR C 211 -4.65 -11.25 19.97
CA THR C 211 -3.31 -11.83 20.01
C THR C 211 -2.28 -10.73 19.83
N CYS C 212 -1.33 -10.66 20.75
CA CYS C 212 -0.29 -9.63 20.73
C CYS C 212 1.05 -10.37 20.81
N PHE C 213 1.70 -10.53 19.66
CA PHE C 213 3.01 -11.16 19.58
C PHE C 213 4.04 -10.16 19.09
N PHE C 214 5.20 -10.14 19.76
CA PHE C 214 6.30 -9.28 19.34
C PHE C 214 7.60 -9.91 19.86
N ASP C 215 8.37 -10.50 18.93
CA ASP C 215 9.69 -11.09 19.18
C ASP C 215 9.60 -12.20 20.24
N GLY C 216 8.53 -12.99 20.15
CA GLY C 216 8.31 -14.10 21.07
C GLY C 216 7.61 -13.72 22.37
N VAL C 217 7.86 -12.51 22.89
CA VAL C 217 7.23 -12.07 24.12
C VAL C 217 5.77 -11.76 23.84
N SER C 218 4.87 -12.45 24.54
CA SER C 218 3.44 -12.29 24.33
C SER C 218 2.97 -11.09 25.13
N CYS C 219 2.79 -9.96 24.45
CA CYS C 219 2.22 -8.76 25.05
C CYS C 219 0.71 -8.90 25.21
N ASP C 220 0.09 -7.88 25.78
CA ASP C 220 -1.34 -7.87 26.09
C ASP C 220 -1.86 -6.45 25.90
N ALA C 221 -3.06 -6.21 26.43
CA ALA C 221 -3.66 -4.89 26.37
C ALA C 221 -3.10 -3.96 27.43
N ARG C 222 -2.30 -4.49 28.36
CA ARG C 222 -1.70 -3.66 29.40
C ARG C 222 -0.60 -2.78 28.84
N ASN C 223 -0.02 -3.16 27.70
CA ASN C 223 1.01 -2.33 27.09
C ASN C 223 0.39 -1.25 26.21
N PHE C 224 -0.79 -1.53 25.66
CA PHE C 224 -1.52 -0.53 24.89
C PHE C 224 -2.09 0.55 25.80
N THR C 225 -2.20 1.76 25.26
CA THR C 225 -2.71 2.91 25.99
C THR C 225 -4.02 3.38 25.38
N LEU C 226 -4.82 4.05 26.21
CA LEU C 226 -6.14 4.52 25.83
C LEU C 226 -6.01 5.87 25.14
N PHE C 227 -6.02 5.86 23.81
CA PHE C 227 -6.00 7.08 23.01
C PHE C 227 -7.35 7.23 22.32
N HIS C 228 -8.23 8.04 22.91
CA HIS C 228 -9.57 8.25 22.39
C HIS C 228 -9.51 9.19 21.19
N HIS C 229 -10.32 8.90 20.18
CA HIS C 229 -10.42 9.72 18.99
C HIS C 229 -11.89 9.93 18.64
N PRO C 230 -12.30 11.14 18.26
CA PRO C 230 -13.73 11.39 18.02
C PRO C 230 -14.26 10.75 16.75
N MET C 231 -13.39 10.39 15.81
CA MET C 231 -13.82 9.78 14.56
C MET C 231 -13.76 8.27 14.59
N HIS C 232 -13.04 7.67 15.54
CA HIS C 232 -12.84 6.23 15.52
C HIS C 232 -12.96 5.60 16.90
N GLY C 233 -13.45 6.31 17.90
CA GLY C 233 -13.60 5.72 19.22
C GLY C 233 -12.29 5.63 19.96
N ASN C 234 -12.02 4.44 20.52
CA ASN C 234 -10.80 4.22 21.30
C ASN C 234 -9.75 3.59 20.39
N CYS C 235 -8.66 4.33 20.16
CA CYS C 235 -7.50 3.79 19.48
C CYS C 235 -6.48 3.30 20.52
N TYR C 236 -5.78 2.24 20.18
CA TYR C 236 -4.78 1.66 21.07
C TYR C 236 -3.43 1.61 20.36
N THR C 237 -2.39 2.04 21.06
CA THR C 237 -1.08 2.27 20.47
C THR C 237 -0.04 1.39 21.12
N PHE C 238 0.67 0.62 20.30
CA PHE C 238 1.74 -0.25 20.78
C PHE C 238 3.06 0.52 20.84
N ASN C 239 3.88 0.17 21.83
CA ASN C 239 5.24 0.70 22.03
C ASN C 239 5.21 2.23 22.23
N ASN C 240 4.24 2.69 23.01
CA ASN C 240 4.13 4.10 23.38
C ASN C 240 3.64 4.14 24.82
N ARG C 241 4.57 4.15 25.76
CA ARG C 241 4.26 4.20 27.19
C ARG C 241 5.20 5.17 27.88
N GLU C 242 4.67 5.92 28.84
CA GLU C 242 5.48 6.85 29.59
C GLU C 242 6.35 6.11 30.60
N ASN C 243 7.60 6.57 30.72
CA ASN C 243 8.63 5.99 31.61
C ASN C 243 8.85 4.50 31.33
N GLU C 244 8.97 4.17 30.04
CA GLU C 244 9.12 2.79 29.60
C GLU C 244 10.15 2.75 28.47
N THR C 245 10.98 1.71 28.50
CA THR C 245 11.97 1.51 27.44
C THR C 245 11.27 1.17 26.13
N ILE C 246 11.62 1.91 25.07
CA ILE C 246 11.04 1.67 23.75
C ILE C 246 11.55 0.35 23.20
N LEU C 247 10.63 -0.52 22.80
CA LEU C 247 10.99 -1.82 22.26
C LEU C 247 11.65 -1.67 20.89
N SER C 248 12.64 -2.50 20.63
CA SER C 248 13.42 -2.44 19.40
C SER C 248 13.50 -3.81 18.76
N THR C 249 13.37 -3.85 17.44
CA THR C 249 13.52 -5.10 16.72
C THR C 249 14.99 -5.46 16.56
N SER C 250 15.25 -6.74 16.37
CA SER C 250 16.61 -7.25 16.25
C SER C 250 16.86 -8.10 15.01
N MET C 251 15.85 -8.81 14.50
CA MET C 251 15.99 -9.59 13.28
C MET C 251 14.87 -9.21 12.32
N GLY C 252 15.24 -8.92 11.08
CA GLY C 252 14.24 -8.56 10.09
C GLY C 252 13.42 -9.74 9.64
N GLY C 253 12.18 -9.45 9.25
CA GLY C 253 11.28 -10.48 8.78
C GLY C 253 9.94 -10.50 9.49
N SER C 254 8.96 -11.16 8.89
CA SER C 254 7.60 -11.19 9.42
C SER C 254 7.46 -12.10 10.63
N GLU C 255 8.46 -12.92 10.95
CA GLU C 255 8.36 -13.81 12.10
C GLU C 255 8.47 -13.02 13.41
N TYR C 256 9.34 -12.02 13.45
CA TYR C 256 9.61 -11.26 14.67
C TYR C 256 9.16 -9.81 14.54
N GLY C 257 8.02 -9.59 13.91
CA GLY C 257 7.39 -8.29 13.83
C GLY C 257 6.32 -8.12 14.88
N LEU C 258 5.32 -7.30 14.55
CA LEU C 258 4.17 -7.09 15.42
C LEU C 258 3.01 -7.89 14.86
N GLN C 259 2.73 -9.03 15.49
CA GLN C 259 1.73 -9.99 15.00
C GLN C 259 0.44 -9.78 15.80
N VAL C 260 -0.53 -9.11 15.18
CA VAL C 260 -1.77 -8.70 15.84
C VAL C 260 -2.95 -9.33 15.12
N ILE C 261 -3.82 -9.99 15.87
CA ILE C 261 -5.09 -10.51 15.36
C ILE C 261 -6.21 -9.65 15.93
N LEU C 262 -7.00 -9.04 15.06
CA LEU C 262 -8.04 -8.12 15.46
C LEU C 262 -9.41 -8.80 15.43
N TYR C 263 -10.42 -8.06 15.86
CA TYR C 263 -11.80 -8.54 15.85
C TYR C 263 -12.74 -7.35 15.81
N ILE C 264 -13.65 -7.33 14.83
CA ILE C 264 -14.70 -6.32 14.74
C ILE C 264 -16.02 -7.07 14.55
N ASN C 265 -17.03 -6.71 15.36
CA ASN C 265 -18.30 -7.42 15.33
C ASN C 265 -19.06 -7.08 14.04
N GLU C 266 -19.62 -8.11 13.41
CA GLU C 266 -20.26 -7.95 12.12
C GLU C 266 -21.68 -7.41 12.23
N GLU C 267 -22.45 -7.86 13.21
CA GLU C 267 -23.83 -7.43 13.35
C GLU C 267 -23.98 -6.15 14.17
N GLU C 268 -22.89 -5.40 14.39
CA GLU C 268 -22.92 -4.25 15.28
C GLU C 268 -22.17 -3.09 14.65
N TYR C 269 -22.48 -2.81 13.39
CA TYR C 269 -21.96 -1.62 12.71
C TYR C 269 -23.01 -0.51 12.70
N ASN C 270 -22.55 0.69 12.34
CA ASN C 270 -23.45 1.81 12.14
C ASN C 270 -23.75 1.91 10.65
N PRO C 271 -24.99 1.62 10.22
CA PRO C 271 -25.24 1.47 8.77
C PRO C 271 -25.24 2.78 7.98
N PHE C 272 -25.10 3.93 8.62
CA PHE C 272 -25.15 5.21 7.92
C PHE C 272 -23.87 6.01 8.02
N LEU C 273 -22.99 5.71 8.97
CA LEU C 273 -21.76 6.48 9.12
C LEU C 273 -20.74 6.08 8.06
N VAL C 274 -20.32 4.82 8.07
CA VAL C 274 -19.39 4.31 7.07
C VAL C 274 -19.90 2.96 6.59
N SER C 275 -19.79 2.72 5.29
CA SER C 275 -20.27 1.46 4.73
C SER C 275 -19.21 0.37 4.84
N SER C 276 -17.94 0.75 4.78
CA SER C 276 -16.85 -0.21 4.74
C SER C 276 -16.57 -0.78 6.13
N THR C 277 -15.89 -1.92 6.14
CA THR C 277 -15.49 -2.60 7.37
C THR C 277 -13.98 -2.72 7.39
N GLY C 278 -13.40 -2.54 8.58
CA GLY C 278 -11.98 -2.78 8.72
C GLY C 278 -11.19 -1.73 9.47
N ALA C 279 -10.44 -2.18 10.47
CA ALA C 279 -9.63 -1.27 11.28
C ALA C 279 -8.48 -0.72 10.47
N LYS C 280 -8.08 0.51 10.80
CA LYS C 280 -7.01 1.21 10.12
C LYS C 280 -5.80 1.31 11.04
N VAL C 281 -4.61 1.31 10.43
CA VAL C 281 -3.35 1.29 11.18
C VAL C 281 -2.45 2.40 10.64
N ILE C 282 -1.74 3.07 11.53
CA ILE C 282 -0.87 4.19 11.19
C ILE C 282 0.51 3.92 11.78
N ILE C 283 1.54 3.94 10.93
CA ILE C 283 2.91 3.84 11.38
C ILE C 283 3.43 5.24 11.65
N HIS C 284 3.86 5.48 12.88
CA HIS C 284 4.36 6.79 13.28
C HIS C 284 5.32 6.62 14.45
N ARG C 285 6.15 7.63 14.67
CA ARG C 285 7.12 7.59 15.76
C ARG C 285 6.44 7.95 17.08
N GLN C 286 7.25 8.02 18.14
CA GLN C 286 6.70 8.13 19.49
C GLN C 286 6.22 9.55 19.79
N ASP C 287 7.10 10.54 19.61
CA ASP C 287 6.80 11.89 20.05
C ASP C 287 5.80 12.62 19.16
N GLU C 288 5.63 12.19 17.91
CA GLU C 288 4.71 12.87 17.02
C GLU C 288 3.28 12.40 17.23
N TYR C 289 2.34 13.24 16.79
CA TYR C 289 0.93 12.89 16.85
C TYR C 289 0.62 11.86 15.76
N PRO C 290 -0.22 10.87 16.05
CA PRO C 290 -0.47 9.81 15.04
C PRO C 290 -1.22 10.29 13.80
N PHE C 291 -2.14 11.24 13.96
CA PHE C 291 -2.90 11.87 12.86
C PHE C 291 -3.69 10.82 12.07
N VAL C 292 -4.65 10.21 12.77
CA VAL C 292 -5.44 9.12 12.20
C VAL C 292 -6.73 9.68 11.60
N GLU C 293 -6.82 11.01 11.51
CA GLU C 293 -7.99 11.64 10.91
C GLU C 293 -8.03 11.39 9.41
N ASP C 294 -6.96 11.76 8.71
CA ASP C 294 -6.91 11.74 7.25
C ASP C 294 -6.08 10.58 6.72
N VAL C 295 -4.89 10.37 7.26
CA VAL C 295 -4.01 9.30 6.79
C VAL C 295 -4.56 7.98 7.29
N GLY C 296 -4.58 6.97 6.41
CA GLY C 296 -5.10 5.68 6.79
C GLY C 296 -4.81 4.56 5.82
N THR C 297 -4.34 3.43 6.36
CA THR C 297 -4.12 2.21 5.58
C THR C 297 -5.05 1.14 6.14
N GLU C 298 -6.18 0.94 5.47
CA GLU C 298 -7.24 0.08 5.97
C GLU C 298 -6.88 -1.39 5.78
N ILE C 299 -7.48 -2.23 6.62
CA ILE C 299 -7.19 -3.66 6.69
C ILE C 299 -8.48 -4.43 6.45
N GLU C 300 -8.44 -5.41 5.56
CA GLU C 300 -9.60 -6.25 5.32
C GLU C 300 -9.88 -7.14 6.53
N THR C 301 -11.16 -7.29 6.85
CA THR C 301 -11.56 -8.02 8.05
C THR C 301 -11.44 -9.53 7.88
N ALA C 302 -11.69 -10.04 6.67
CA ALA C 302 -11.85 -11.48 6.51
C ALA C 302 -10.53 -12.23 6.54
N MET C 303 -9.41 -11.55 6.27
CA MET C 303 -8.16 -12.24 5.98
C MET C 303 -7.00 -11.27 6.19
N VAL C 304 -5.77 -11.80 6.06
CA VAL C 304 -4.57 -11.15 6.58
C VAL C 304 -4.16 -10.00 5.67
N THR C 305 -3.50 -9.00 6.27
CA THR C 305 -2.88 -7.89 5.55
C THR C 305 -1.52 -7.65 6.20
N SER C 306 -0.47 -8.18 5.60
CA SER C 306 0.88 -8.00 6.12
C SER C 306 1.51 -6.74 5.52
N ILE C 307 2.18 -5.97 6.35
CA ILE C 307 2.74 -4.68 5.97
C ILE C 307 4.24 -4.69 6.23
N GLY C 308 5.02 -4.43 5.19
CA GLY C 308 6.44 -4.17 5.34
C GLY C 308 6.72 -2.68 5.36
N MET C 309 7.83 -2.31 5.97
CA MET C 309 8.17 -0.91 6.14
C MET C 309 9.67 -0.72 6.12
N HIS C 310 10.09 0.54 5.99
CA HIS C 310 11.50 0.92 5.99
C HIS C 310 11.67 2.25 6.70
N LEU C 311 12.77 2.38 7.43
CA LEU C 311 13.04 3.57 8.22
C LEU C 311 13.89 4.53 7.38
N THR C 312 13.26 5.57 6.86
CA THR C 312 13.93 6.59 6.07
C THR C 312 13.97 7.88 6.86
N GLU C 313 15.18 8.36 7.17
CA GLU C 313 15.34 9.58 7.95
C GLU C 313 15.50 10.78 7.03
N SER C 314 15.37 11.97 7.63
CA SER C 314 15.49 13.22 6.88
C SER C 314 15.96 14.30 7.85
N PHE C 315 17.22 14.70 7.72
CA PHE C 315 17.82 15.70 8.59
C PHE C 315 18.21 16.92 7.78
N LYS C 316 17.74 18.09 8.21
CA LYS C 316 18.13 19.37 7.62
C LYS C 316 18.57 20.30 8.76
N LEU C 317 19.03 21.49 8.40
CA LEU C 317 19.49 22.48 9.36
C LEU C 317 18.64 23.74 9.26
N SER C 318 18.38 24.36 10.41
CA SER C 318 17.35 25.39 10.52
C SER C 318 17.89 26.83 10.41
N GLU C 319 18.76 27.24 11.33
CA GLU C 319 18.96 28.67 11.55
C GLU C 319 19.88 29.37 10.54
N PRO C 320 21.06 28.86 10.15
CA PRO C 320 21.82 29.54 9.09
C PRO C 320 21.36 29.24 7.68
N TYR C 321 20.26 28.51 7.52
CA TYR C 321 19.93 27.75 6.33
C TYR C 321 18.43 27.84 6.13
N SER C 322 17.87 26.88 5.38
CA SER C 322 16.43 26.79 5.17
C SER C 322 15.67 26.70 6.49
N GLN C 323 14.54 27.39 6.55
CA GLN C 323 13.89 27.70 7.81
C GLN C 323 13.18 26.48 8.41
N CYS C 324 13.43 26.25 9.69
CA CYS C 324 12.69 25.26 10.48
C CYS C 324 12.54 25.78 11.90
N THR C 325 11.95 24.96 12.75
CA THR C 325 12.01 25.12 14.19
C THR C 325 11.87 23.74 14.82
N GLU C 326 12.37 23.62 16.06
CA GLU C 326 12.35 22.33 16.75
C GLU C 326 11.30 22.26 17.85
N ASP C 327 10.90 23.41 18.40
CA ASP C 327 9.86 23.43 19.44
C ASP C 327 8.87 24.57 19.25
N GLY C 328 8.78 25.13 18.05
CA GLY C 328 7.90 26.26 17.82
C GLY C 328 8.37 27.55 18.43
N SER C 329 9.69 27.75 18.52
CA SER C 329 10.24 28.97 19.11
C SER C 329 10.14 30.17 18.18
N ASP C 330 9.87 29.96 16.90
CA ASP C 330 9.79 31.06 15.94
C ASP C 330 8.40 31.68 15.86
N VAL C 331 7.35 30.89 16.10
CA VAL C 331 5.98 31.35 15.94
C VAL C 331 5.32 31.33 17.30
N PRO C 332 4.30 32.18 17.52
CA PRO C 332 3.53 32.10 18.76
C PRO C 332 2.37 31.11 18.69
N ILE C 333 2.40 30.22 17.70
CA ILE C 333 1.33 29.25 17.50
C ILE C 333 1.40 28.19 18.60
N ARG C 334 0.35 28.11 19.41
CA ARG C 334 0.31 27.19 20.53
C ARG C 334 -0.01 25.78 20.04
N ASN C 335 0.82 24.81 20.45
CA ASN C 335 0.64 23.42 20.05
C ASN C 335 -0.44 22.80 20.93
N ILE C 336 -1.62 22.60 20.34
CA ILE C 336 -2.73 22.01 21.07
C ILE C 336 -2.52 20.51 21.23
N TYR C 337 -1.89 19.88 20.24
CA TYR C 337 -1.71 18.43 20.23
C TYR C 337 -0.71 17.94 21.26
N ASN C 338 0.16 18.83 21.77
CA ASN C 338 1.22 18.50 22.73
C ASN C 338 2.14 17.40 22.20
N ALA C 339 2.61 17.56 20.97
CA ALA C 339 3.47 16.58 20.33
C ALA C 339 4.70 17.28 19.78
N ALA C 340 5.52 16.52 19.04
CA ALA C 340 6.67 17.09 18.36
C ALA C 340 6.20 17.98 17.21
N TYR C 341 7.07 18.90 16.79
CA TYR C 341 6.69 19.85 15.76
C TYR C 341 6.71 19.19 14.39
N SER C 342 5.69 19.49 13.58
CA SER C 342 5.65 19.09 12.18
C SER C 342 4.81 20.10 11.42
N LEU C 343 4.83 19.99 10.09
CA LEU C 343 4.07 20.94 9.28
C LEU C 343 2.59 20.61 9.32
N GLN C 344 2.23 19.34 9.51
CA GLN C 344 0.83 18.95 9.56
C GLN C 344 0.17 19.40 10.86
N ILE C 345 0.91 19.35 11.97
CA ILE C 345 0.37 19.75 13.27
C ILE C 345 0.20 21.26 13.34
N CYS C 346 1.14 22.00 12.73
CA CYS C 346 1.10 23.46 12.82
C CYS C 346 -0.04 24.06 12.01
N LEU C 347 -0.47 23.37 10.95
CA LEU C 347 -1.60 23.88 10.16
C LEU C 347 -2.92 23.71 10.89
N HIS C 348 -3.10 22.60 11.59
CA HIS C 348 -4.31 22.41 12.39
C HIS C 348 -4.31 23.26 13.65
N SER C 349 -3.13 23.65 14.14
CA SER C 349 -3.06 24.41 15.38
C SER C 349 -3.49 25.86 15.16
N CYS C 350 -3.04 26.48 14.06
CA CYS C 350 -3.44 27.85 13.77
C CYS C 350 -4.88 27.92 13.27
N PHE C 351 -5.44 26.80 12.81
CA PHE C 351 -6.83 26.80 12.36
C PHE C 351 -7.79 26.90 13.54
N GLN C 352 -7.54 26.14 14.61
CA GLN C 352 -8.39 26.20 15.79
C GLN C 352 -8.14 27.45 16.62
N THR C 353 -7.01 28.13 16.40
CA THR C 353 -6.79 29.41 17.07
C THR C 353 -7.71 30.49 16.51
N LYS C 354 -7.80 30.58 15.18
CA LYS C 354 -8.68 31.55 14.55
C LYS C 354 -10.14 31.12 14.58
N MET C 355 -10.41 29.84 14.84
CA MET C 355 -11.79 29.36 14.87
C MET C 355 -12.51 29.80 16.14
N VAL C 356 -11.81 29.78 17.28
CA VAL C 356 -12.43 30.20 18.53
C VAL C 356 -12.65 31.71 18.53
N GLU C 357 -11.73 32.46 17.94
CA GLU C 357 -11.85 33.91 17.91
C GLU C 357 -12.97 34.38 16.97
N LYS C 358 -13.24 33.61 15.91
CA LYS C 358 -14.25 34.01 14.92
C LYS C 358 -15.57 33.26 15.11
N CYS C 359 -15.54 31.93 15.08
CA CYS C 359 -16.77 31.16 15.17
C CYS C 359 -17.28 31.06 16.60
N GLY C 360 -16.38 30.99 17.58
CA GLY C 360 -16.76 30.93 18.98
C GLY C 360 -16.81 29.54 19.58
N CYS C 361 -16.41 28.51 18.84
CA CYS C 361 -16.41 27.15 19.34
C CYS C 361 -15.34 26.35 18.60
N ALA C 362 -15.13 25.12 19.05
CA ALA C 362 -14.07 24.26 18.55
C ALA C 362 -14.65 23.08 17.79
N GLN C 363 -13.94 22.67 16.74
CA GLN C 363 -14.38 21.56 15.89
C GLN C 363 -14.30 20.24 16.65
N TYR C 364 -15.29 19.38 16.41
CA TYR C 364 -15.37 18.13 17.16
C TYR C 364 -14.31 17.12 16.73
N SER C 365 -13.89 17.16 15.46
CA SER C 365 -12.85 16.24 15.01
C SER C 365 -11.49 16.62 15.56
N GLN C 366 -11.22 17.92 15.69
CA GLN C 366 -9.99 18.41 16.28
C GLN C 366 -10.06 18.28 17.81
N PRO C 367 -8.92 18.11 18.48
CA PRO C 367 -8.94 18.02 19.94
C PRO C 367 -9.23 19.37 20.58
N LEU C 368 -9.57 19.31 21.86
CA LEU C 368 -10.03 20.50 22.57
C LEU C 368 -8.85 21.40 22.93
N PRO C 369 -8.89 22.68 22.59
CA PRO C 369 -7.99 23.65 23.20
C PRO C 369 -8.49 24.00 24.59
N PRO C 370 -7.66 24.60 25.45
CA PRO C 370 -8.12 25.05 26.76
C PRO C 370 -9.00 26.30 26.75
N ALA C 371 -9.42 26.80 25.58
CA ALA C 371 -10.21 28.02 25.52
C ALA C 371 -11.68 27.76 25.82
N ALA C 372 -12.33 26.94 24.99
CA ALA C 372 -13.77 26.74 25.11
C ALA C 372 -14.10 25.29 24.77
N ASN C 373 -15.40 24.99 24.67
CA ASN C 373 -15.90 23.66 24.43
C ASN C 373 -16.11 23.42 22.94
N TYR C 374 -16.83 22.35 22.59
CA TYR C 374 -17.10 21.99 21.21
C TYR C 374 -18.14 22.91 20.58
N CYS C 375 -18.54 22.59 19.35
CA CYS C 375 -19.62 23.27 18.66
C CYS C 375 -20.91 22.46 18.78
N ASN C 376 -22.04 23.15 18.62
CA ASN C 376 -23.35 22.50 18.68
C ASN C 376 -24.32 23.33 17.87
N TYR C 377 -25.18 22.65 17.10
CA TYR C 377 -26.12 23.37 16.23
C TYR C 377 -27.31 23.91 17.02
N GLN C 378 -27.76 23.16 18.04
CA GLN C 378 -28.87 23.64 18.84
C GLN C 378 -28.41 24.71 19.84
N GLN C 379 -27.11 24.76 20.12
CA GLN C 379 -26.58 25.82 20.97
C GLN C 379 -26.20 27.03 20.13
N HIS C 380 -25.62 26.82 18.96
CA HIS C 380 -25.15 27.89 18.08
C HIS C 380 -25.71 27.68 16.69
N PRO C 381 -26.48 28.63 16.14
CA PRO C 381 -27.03 28.41 14.80
C PRO C 381 -26.02 28.61 13.68
N ASN C 382 -25.10 29.57 13.83
CA ASN C 382 -24.33 30.07 12.69
C ASN C 382 -22.87 29.65 12.69
N TRP C 383 -22.49 28.58 13.39
CA TRP C 383 -21.11 28.14 13.34
C TRP C 383 -20.84 27.31 12.08
N MET C 384 -21.91 26.76 11.49
CA MET C 384 -21.75 25.91 10.32
C MET C 384 -21.34 26.72 9.09
N TYR C 385 -21.95 27.89 8.90
CA TYR C 385 -21.51 28.77 7.84
C TYR C 385 -20.17 29.39 8.18
N CYS C 386 -19.87 29.56 9.47
CA CYS C 386 -18.57 30.07 9.88
C CYS C 386 -17.49 29.03 9.65
N TYR C 387 -17.83 27.75 9.76
CA TYR C 387 -16.87 26.69 9.50
C TYR C 387 -16.55 26.59 8.02
N TYR C 388 -17.53 26.86 7.15
CA TYR C 388 -17.29 26.85 5.72
C TYR C 388 -16.60 28.13 5.27
N GLN C 389 -16.72 29.20 6.07
CA GLN C 389 -16.13 30.48 5.71
C GLN C 389 -14.61 30.45 5.83
N LEU C 390 -14.08 29.68 6.78
CA LEU C 390 -12.63 29.59 6.94
C LEU C 390 -11.99 28.81 5.81
N HIS C 391 -12.63 27.71 5.38
CA HIS C 391 -12.05 26.87 4.33
C HIS C 391 -12.06 27.54 2.97
N ARG C 392 -12.94 28.52 2.75
CA ARG C 392 -12.83 29.33 1.54
C ARG C 392 -11.60 30.23 1.59
N ALA C 393 -11.22 30.68 2.78
CA ALA C 393 -10.04 31.51 2.96
C ALA C 393 -8.79 30.72 3.33
N PHE C 394 -8.94 29.44 3.70
CA PHE C 394 -7.78 28.62 4.04
C PHE C 394 -7.03 28.18 2.79
N VAL C 395 -7.73 28.09 1.65
CA VAL C 395 -7.07 27.74 0.40
C VAL C 395 -6.17 28.88 -0.06
N GLN C 396 -6.65 30.11 0.06
CA GLN C 396 -5.84 31.28 -0.24
C GLN C 396 -5.04 31.66 1.00
N GLU C 397 -4.34 32.80 0.95
CA GLU C 397 -3.44 33.21 2.02
C GLU C 397 -4.08 34.27 2.93
N GLU C 398 -5.38 34.17 3.18
CA GLU C 398 -6.03 35.14 4.06
C GLU C 398 -5.69 34.88 5.52
N LEU C 399 -5.66 33.60 5.93
CA LEU C 399 -5.31 33.27 7.30
C LEU C 399 -3.82 33.48 7.57
N GLY C 400 -2.97 33.22 6.57
CA GLY C 400 -1.55 33.40 6.74
C GLY C 400 -0.83 32.28 7.43
N CYS C 401 -1.45 31.09 7.53
CA CYS C 401 -0.77 29.96 8.15
C CYS C 401 0.36 29.44 7.28
N GLN C 402 0.27 29.61 5.95
CA GLN C 402 1.38 29.26 5.08
C GLN C 402 2.53 30.26 5.24
N SER C 403 2.20 31.53 5.49
CA SER C 403 3.24 32.56 5.59
C SER C 403 3.90 32.57 6.96
N VAL C 404 3.12 32.45 8.03
CA VAL C 404 3.67 32.57 9.38
C VAL C 404 4.41 31.29 9.78
N CYS C 405 3.76 30.14 9.65
CA CYS C 405 4.35 28.90 10.12
C CYS C 405 5.40 28.38 9.15
N LYS C 406 6.45 27.80 9.70
CA LYS C 406 7.58 27.27 8.94
C LYS C 406 7.46 25.76 8.83
N GLU C 407 8.50 25.13 8.26
CA GLU C 407 8.54 23.69 8.09
C GLU C 407 9.30 23.06 9.25
N ALA C 408 9.55 21.75 9.16
CA ALA C 408 10.29 21.02 10.19
C ALA C 408 11.44 20.28 9.52
N CYS C 409 12.65 20.45 10.07
CA CYS C 409 13.83 19.82 9.49
C CYS C 409 13.88 18.32 9.80
N SER C 410 13.92 17.96 11.08
CA SER C 410 14.13 16.58 11.49
C SER C 410 12.79 15.86 11.55
N PHE C 411 12.58 14.91 10.65
CA PHE C 411 11.39 14.08 10.66
C PHE C 411 11.70 12.75 9.99
N LYS C 412 10.99 11.71 10.41
CA LYS C 412 11.12 10.38 9.84
C LYS C 412 9.86 10.03 9.05
N GLU C 413 9.99 9.06 8.15
CA GLU C 413 8.89 8.66 7.29
C GLU C 413 9.08 7.21 6.88
N TRP C 414 7.99 6.45 6.89
CA TRP C 414 8.02 5.03 6.56
C TRP C 414 7.31 4.78 5.24
N THR C 415 7.88 3.89 4.43
CA THR C 415 7.30 3.49 3.15
C THR C 415 6.64 2.13 3.33
N LEU C 416 5.33 2.08 3.15
CA LEU C 416 4.55 0.87 3.40
C LEU C 416 4.36 0.10 2.11
N THR C 417 4.77 -1.19 2.12
CA THR C 417 4.57 -2.11 1.00
C THR C 417 3.74 -3.28 1.52
N THR C 418 2.46 -3.28 1.20
CA THR C 418 1.53 -4.25 1.78
C THR C 418 1.46 -5.51 0.91
N SER C 419 0.88 -6.56 1.51
CA SER C 419 0.67 -7.83 0.84
C SER C 419 -0.43 -8.57 1.59
N LEU C 420 -1.31 -9.24 0.84
CA LEU C 420 -2.50 -9.85 1.42
C LEU C 420 -2.62 -11.31 1.00
N ALA C 421 -3.36 -12.07 1.81
CA ALA C 421 -3.61 -13.49 1.59
C ALA C 421 -4.82 -13.89 2.41
N GLN C 422 -5.30 -15.12 2.19
CA GLN C 422 -6.36 -15.68 3.03
C GLN C 422 -5.74 -16.24 4.29
N TRP C 423 -6.07 -15.65 5.43
CA TRP C 423 -5.61 -16.22 6.71
C TRP C 423 -6.47 -17.37 7.21
N PRO C 424 -7.82 -17.33 7.13
CA PRO C 424 -8.53 -18.62 7.34
C PRO C 424 -8.53 -19.43 6.05
N SER C 425 -7.89 -20.60 6.10
CA SER C 425 -7.90 -21.49 4.96
C SER C 425 -9.12 -22.42 5.04
N VAL C 426 -9.27 -23.25 4.01
CA VAL C 426 -10.39 -24.18 3.98
C VAL C 426 -10.17 -25.36 4.92
N VAL C 427 -8.91 -25.62 5.32
CA VAL C 427 -8.58 -26.71 6.24
C VAL C 427 -8.30 -26.19 7.64
N SER C 428 -8.53 -24.90 7.90
CA SER C 428 -8.31 -24.33 9.22
C SER C 428 -9.59 -23.85 9.88
N GLU C 429 -10.74 -23.95 9.20
CA GLU C 429 -12.00 -23.48 9.79
C GLU C 429 -12.48 -24.37 10.92
N LYS C 430 -11.99 -25.61 11.01
CA LYS C 430 -12.44 -26.53 12.04
C LYS C 430 -11.75 -26.32 13.38
N TRP C 431 -10.59 -25.65 13.40
CA TRP C 431 -9.87 -25.53 14.67
C TRP C 431 -9.47 -24.09 15.00
N LEU C 432 -9.19 -23.27 13.98
CA LEU C 432 -8.72 -21.92 14.27
C LEU C 432 -9.85 -21.01 14.74
N LEU C 433 -11.02 -21.16 14.14
CA LEU C 433 -12.21 -20.39 14.53
C LEU C 433 -12.74 -20.70 15.95
N PRO C 434 -12.86 -21.96 16.41
CA PRO C 434 -13.38 -22.14 17.78
C PRO C 434 -12.41 -21.75 18.89
N VAL C 435 -11.10 -21.80 18.64
CA VAL C 435 -10.14 -21.41 19.67
C VAL C 435 -10.17 -19.89 19.86
N LEU C 436 -10.31 -19.15 18.76
CA LEU C 436 -10.48 -17.69 18.86
C LEU C 436 -11.82 -17.32 19.49
N THR C 437 -12.83 -18.19 19.36
CA THR C 437 -14.04 -18.03 20.14
C THR C 437 -13.77 -18.29 21.62
N TRP C 438 -12.94 -19.30 21.90
CA TRP C 438 -12.59 -19.63 23.28
C TRP C 438 -11.68 -18.56 23.89
N ASP C 439 -10.83 -17.94 23.08
CA ASP C 439 -9.88 -16.96 23.60
C ASP C 439 -10.58 -15.67 24.00
N GLN C 440 -11.65 -15.30 23.29
CA GLN C 440 -12.43 -14.12 23.62
C GLN C 440 -13.43 -14.50 24.72
N GLY C 441 -12.94 -14.48 25.96
CA GLY C 441 -13.76 -14.87 27.09
C GLY C 441 -14.82 -13.88 27.50
N ARG C 442 -14.84 -12.70 26.89
CA ARG C 442 -15.84 -11.69 27.25
C ARG C 442 -17.12 -11.86 26.43
N GLN C 443 -16.99 -12.20 25.15
CA GLN C 443 -18.11 -12.21 24.21
C GLN C 443 -18.43 -13.62 23.70
N VAL C 444 -18.47 -14.60 24.59
CA VAL C 444 -18.84 -15.95 24.20
C VAL C 444 -20.35 -16.00 23.99
N ASN C 445 -20.78 -15.87 22.75
CA ASN C 445 -22.20 -16.02 22.42
C ASN C 445 -22.45 -16.97 21.25
N LYS C 446 -21.60 -16.93 20.21
CA LYS C 446 -21.72 -17.79 19.05
C LYS C 446 -20.33 -18.14 18.56
N LYS C 447 -20.27 -19.02 17.57
CA LYS C 447 -19.01 -19.30 16.89
C LYS C 447 -18.64 -18.11 16.01
N LEU C 448 -17.38 -17.69 16.07
CA LEU C 448 -16.96 -16.50 15.35
C LEU C 448 -16.82 -16.79 13.86
N ASN C 449 -17.42 -15.92 13.05
CA ASN C 449 -17.30 -16.04 11.60
C ASN C 449 -15.90 -15.63 11.16
N LYS C 450 -15.46 -16.18 10.04
CA LYS C 450 -14.13 -15.89 9.53
C LYS C 450 -14.03 -14.54 8.84
N THR C 451 -15.15 -13.83 8.67
CA THR C 451 -15.15 -12.50 8.07
C THR C 451 -14.97 -11.40 9.10
N ASP C 452 -14.55 -11.74 10.31
CA ASP C 452 -14.44 -10.77 11.40
C ASP C 452 -13.09 -10.81 12.09
N LEU C 453 -12.13 -11.59 11.59
CA LEU C 453 -10.87 -11.86 12.27
C LEU C 453 -9.73 -11.37 11.38
N ALA C 454 -9.39 -10.09 11.50
CA ALA C 454 -8.33 -9.49 10.71
C ALA C 454 -6.99 -9.68 11.40
N LYS C 455 -6.01 -10.18 10.67
CA LYS C 455 -4.67 -10.41 11.18
C LYS C 455 -3.72 -9.39 10.57
N LEU C 456 -2.85 -8.82 11.39
CA LEU C 456 -1.95 -7.75 10.97
C LEU C 456 -0.51 -8.13 11.28
N LEU C 457 0.37 -7.94 10.31
CA LEU C 457 1.80 -8.18 10.47
C LEU C 457 2.56 -6.94 10.02
N ILE C 458 3.27 -6.33 10.96
CA ILE C 458 4.09 -5.14 10.70
C ILE C 458 5.51 -5.47 11.10
N PHE C 459 6.45 -5.28 10.16
CA PHE C 459 7.81 -5.78 10.35
C PHE C 459 8.76 -5.03 9.44
N TYR C 460 10.01 -4.94 9.86
CA TYR C 460 11.07 -4.47 8.99
C TYR C 460 11.48 -5.58 8.03
N LYS C 461 11.80 -5.20 6.79
CA LYS C 461 12.11 -6.21 5.79
C LYS C 461 13.55 -6.73 5.95
N ASP C 462 14.52 -5.85 5.78
CA ASP C 462 15.93 -6.27 5.82
C ASP C 462 16.75 -5.51 6.84
N LEU C 463 16.11 -4.76 7.74
CA LEU C 463 16.73 -3.99 8.83
C LEU C 463 17.74 -2.98 8.26
N ASN C 464 17.19 -2.01 7.55
CA ASN C 464 17.97 -0.97 6.88
C ASN C 464 17.49 0.39 7.37
N GLN C 465 18.43 1.22 7.83
CA GLN C 465 18.14 2.58 8.28
C GLN C 465 18.77 3.53 7.27
N ARG C 466 18.02 3.84 6.21
CA ARG C 466 18.49 4.72 5.16
C ARG C 466 18.39 6.16 5.66
N SER C 467 19.53 6.74 6.04
CA SER C 467 19.59 8.06 6.62
C SER C 467 20.16 9.06 5.62
N ILE C 468 19.52 10.22 5.54
CA ILE C 468 19.97 11.31 4.68
C ILE C 468 20.27 12.50 5.58
N MET C 469 21.54 12.86 5.69
CA MET C 469 21.98 13.95 6.54
C MET C 469 22.55 15.09 5.70
N GLU C 470 22.72 16.24 6.34
CA GLU C 470 23.26 17.43 5.70
C GLU C 470 24.41 17.97 6.53
N SER C 471 25.60 17.98 5.95
CA SER C 471 26.78 18.52 6.61
C SER C 471 27.45 19.53 5.68
N PRO C 472 27.74 20.73 6.15
CA PRO C 472 28.39 21.73 5.29
C PRO C 472 29.87 21.40 5.09
N ALA C 473 30.45 22.04 4.07
CA ALA C 473 31.87 21.85 3.78
C ALA C 473 32.73 22.55 4.82
N ASN C 474 32.32 23.74 5.26
CA ASN C 474 33.05 24.50 6.28
C ASN C 474 32.35 24.27 7.61
N SER C 475 32.57 23.08 8.18
CA SER C 475 32.00 22.75 9.48
C SER C 475 32.82 23.37 10.60
N ILE C 476 34.09 23.00 10.69
CA ILE C 476 34.99 23.53 11.69
C ILE C 476 35.96 24.43 10.94
N UNK C 477 36.54 25.43 11.61
CA UNK C 477 37.43 26.40 10.97
C UNK C 477 38.75 25.83 10.44
N UNK C 478 39.07 24.60 10.82
CA UNK C 478 40.24 23.90 10.29
C UNK C 478 40.01 23.49 8.84
N UNK C 479 38.75 23.33 8.46
CA UNK C 479 38.38 22.97 7.08
C UNK C 479 38.41 24.21 6.18
N UNK C 480 38.45 25.39 6.79
CA UNK C 480 38.51 26.64 6.04
C UNK C 480 39.94 27.17 5.98
N UNK C 481 40.91 26.26 5.99
CA UNK C 481 42.31 26.63 5.95
C UNK C 481 42.72 27.06 4.54
N UNK C 482 41.98 26.57 3.54
CA UNK C 482 42.24 26.93 2.16
C UNK C 482 41.80 28.37 1.90
N UNK C 483 40.77 28.80 2.62
CA UNK C 483 40.30 30.17 2.53
C UNK C 483 41.11 31.07 3.45
N UNK C 484 41.68 30.49 4.49
CA UNK C 484 42.50 31.23 5.45
C UNK C 484 43.88 31.54 4.85
N UNK C 485 44.31 30.69 3.93
CA UNK C 485 45.60 30.88 3.26
C UNK C 485 45.43 31.85 2.10
N UNK C 486 44.20 31.98 1.60
CA UNK C 486 43.90 32.91 0.53
C UNK C 486 43.83 34.33 1.09
N UNK C 487 43.45 34.43 2.36
CA UNK C 487 43.33 35.73 3.03
C UNK C 487 44.70 36.27 3.41
N UNK C 488 45.60 35.36 3.78
CA UNK C 488 46.96 35.74 4.17
C UNK C 488 47.79 36.08 2.94
N UNK C 489 47.44 35.48 1.82
CA UNK C 489 48.14 35.74 0.55
C UNK C 489 47.68 37.07 -0.04
N UNK C 490 46.41 37.39 0.15
CA UNK C 490 45.85 38.63 -0.35
C UNK C 490 46.30 39.80 0.52
N UNK C 491 46.56 39.53 1.79
CA UNK C 491 47.06 40.54 2.71
C UNK C 491 48.55 40.79 2.47
N UNK C 492 49.22 39.81 1.88
CA UNK C 492 50.63 39.93 1.52
C UNK C 492 50.78 40.80 0.27
N UNK C 493 49.71 40.90 -0.50
CA UNK C 493 49.69 41.74 -1.69
C UNK C 493 49.24 43.16 -1.33
N UNK C 494 48.81 43.33 -0.08
CA UNK C 494 48.37 44.63 0.40
C UNK C 494 49.54 45.42 0.97
N UNK C 495 50.68 44.76 1.15
CA UNK C 495 51.87 45.42 1.68
C UNK C 495 52.87 45.71 0.56
N UNK C 496 52.41 45.53 -0.68
CA UNK C 496 53.26 45.76 -1.84
C UNK C 496 52.78 46.96 -2.66
N UNK C 497 51.48 47.23 -2.58
CA UNK C 497 50.89 48.35 -3.30
C UNK C 497 51.25 49.67 -2.64
N UNK C 498 51.24 49.69 -1.31
CA UNK C 498 51.58 50.88 -0.55
C UNK C 498 53.09 51.11 -0.55
N UNK C 499 53.84 50.02 -0.68
CA UNK C 499 55.30 50.10 -0.70
C UNK C 499 55.79 50.63 -2.04
N UNK C 500 55.04 50.33 -3.10
CA UNK C 500 55.39 50.79 -4.44
C UNK C 500 54.85 52.20 -4.68
N UNK C 501 53.90 52.61 -3.87
CA UNK C 501 53.29 53.93 -3.99
C UNK C 501 54.24 55.01 -3.50
N UNK C 502 54.90 54.75 -2.37
CA UNK C 502 55.86 55.69 -1.81
C UNK C 502 57.15 55.67 -2.62
N UNK C 503 57.50 54.51 -3.14
CA UNK C 503 58.70 54.36 -3.95
C UNK C 503 58.39 53.69 -5.28
N UNK D 1 -11.78 7.95 -52.24
CA UNK D 1 -12.67 8.20 -53.38
C UNK D 1 -13.13 6.89 -54.02
N UNK D 2 -14.33 6.91 -54.59
CA UNK D 2 -14.90 5.75 -55.23
C UNK D 2 -14.99 5.96 -56.75
N UNK D 3 -15.23 4.87 -57.46
CA UNK D 3 -15.33 4.91 -58.92
C UNK D 3 -16.20 3.76 -59.39
N UNK D 4 -17.36 4.08 -59.94
CA UNK D 4 -18.27 3.07 -60.47
C UNK D 4 -17.91 2.80 -61.94
N UNK D 5 -17.46 1.58 -62.21
CA UNK D 5 -17.01 1.23 -63.55
C UNK D 5 -18.17 1.00 -64.52
N UNK D 6 -19.21 0.32 -64.04
CA UNK D 6 -20.38 0.04 -64.87
C UNK D 6 -21.22 1.29 -65.02
N UNK D 7 -20.95 2.07 -66.07
CA UNK D 7 -21.69 3.31 -66.31
C UNK D 7 -23.07 3.03 -66.88
N UNK D 8 -23.15 2.05 -67.79
CA UNK D 8 -24.43 1.67 -68.39
C UNK D 8 -24.65 0.18 -68.27
N UNK D 9 -25.91 -0.21 -68.11
CA UNK D 9 -26.28 -1.61 -68.01
C UNK D 9 -27.55 -1.84 -68.81
N UNK D 10 -27.41 -2.47 -69.97
CA UNK D 10 -28.53 -2.76 -70.85
C UNK D 10 -28.80 -4.25 -70.85
N UNK D 11 -29.88 -4.66 -70.19
CA UNK D 11 -30.24 -6.06 -70.11
C UNK D 11 -31.76 -6.21 -70.23
N UNK D 12 -32.23 -7.44 -70.09
CA UNK D 12 -33.66 -7.73 -70.17
C UNK D 12 -34.15 -8.24 -68.82
N UNK D 13 -35.40 -8.71 -68.78
CA UNK D 13 -35.97 -9.24 -67.55
C UNK D 13 -35.34 -10.60 -67.23
N UNK D 14 -35.28 -10.91 -65.93
CA UNK D 14 -34.68 -12.12 -65.36
C UNK D 14 -33.22 -12.32 -65.79
N UNK D 15 -32.48 -11.22 -65.87
CA UNK D 15 -31.07 -11.28 -66.22
C UNK D 15 -30.23 -11.21 -64.95
N UNK D 16 -28.91 -11.20 -65.12
CA UNK D 16 -27.97 -11.16 -64.01
C UNK D 16 -26.93 -10.08 -64.25
N UNK D 17 -27.19 -8.89 -63.73
CA UNK D 17 -26.27 -7.77 -63.85
C UNK D 17 -25.49 -7.59 -62.55
N UNK D 18 -24.25 -7.13 -62.69
CA UNK D 18 -23.38 -6.91 -61.55
C UNK D 18 -22.51 -5.69 -61.79
N UNK D 19 -22.75 -4.63 -61.01
CA UNK D 19 -21.98 -3.40 -61.15
C UNK D 19 -20.75 -3.45 -60.27
N UNK D 20 -19.62 -3.03 -60.83
CA UNK D 20 -18.36 -3.01 -60.10
C UNK D 20 -18.07 -1.63 -59.55
N UNK D 21 -17.31 -1.58 -58.46
CA UNK D 21 -16.96 -0.31 -57.82
C UNK D 21 -15.60 -0.46 -57.15
N UNK D 22 -14.61 0.24 -57.66
CA UNK D 22 -13.26 0.23 -57.09
C UNK D 22 -13.05 1.44 -56.21
N UNK D 23 -12.15 1.31 -55.24
CA UNK D 23 -11.84 2.38 -54.32
C UNK D 23 -10.39 2.81 -54.44
N UNK D 24 -10.10 4.03 -54.03
CA UNK D 24 -8.73 4.55 -54.08
C UNK D 24 -7.91 4.05 -52.90
N UNK D 25 -8.49 4.09 -51.71
CA UNK D 25 -7.82 3.61 -50.50
C UNK D 25 -8.40 2.28 -50.07
N UNK D 26 -7.78 1.68 -49.06
CA UNK D 26 -8.25 0.41 -48.52
C UNK D 26 -9.49 0.64 -47.66
N UNK D 27 -10.66 0.43 -48.26
CA UNK D 27 -11.92 0.58 -47.55
C UNK D 27 -12.27 -0.72 -46.85
N UNK D 28 -12.01 -0.78 -45.55
CA UNK D 28 -12.26 -1.99 -44.77
C UNK D 28 -13.76 -2.18 -44.55
N UNK D 29 -14.38 -1.22 -43.86
CA UNK D 29 -15.84 -1.19 -43.75
C UNK D 29 -16.41 -0.89 -45.12
N UNK D 30 -17.24 -1.80 -45.62
CA UNK D 30 -17.68 -1.74 -47.02
C UNK D 30 -18.65 -0.59 -47.27
N UNK D 31 -18.76 -0.23 -48.55
CA UNK D 31 -19.59 0.89 -48.95
C UNK D 31 -21.07 0.54 -48.86
N UNK D 32 -21.90 1.57 -48.79
CA UNK D 32 -23.34 1.41 -48.75
C UNK D 32 -23.91 1.64 -50.14
N UNK D 33 -24.19 0.55 -50.86
CA UNK D 33 -24.79 0.65 -52.17
C UNK D 33 -26.25 1.04 -52.03
N UNK D 34 -26.54 2.33 -52.23
CA UNK D 34 -27.86 2.87 -52.02
C UNK D 34 -28.69 2.83 -53.31
N UNK D 35 -30.00 2.75 -53.16
CA UNK D 35 -30.89 2.75 -54.31
C UNK D 35 -30.98 4.14 -54.91
N UNK D 36 -31.48 4.20 -56.15
CA UNK D 36 -31.50 5.45 -56.89
C UNK D 36 -32.64 6.37 -56.46
N UNK D 37 -32.66 7.56 -57.04
CA UNK D 37 -33.74 8.52 -56.84
C UNK D 37 -34.26 8.94 -58.21
N UNK D 38 -35.19 8.16 -58.76
CA UNK D 38 -35.74 8.44 -60.08
C UNK D 38 -37.05 9.23 -59.97
N UNK D 39 -38.03 8.65 -59.29
CA UNK D 39 -39.30 9.32 -59.05
C UNK D 39 -39.59 9.43 -57.55
N UNK D 40 -38.60 9.10 -56.73
CA UNK D 40 -38.74 9.18 -55.29
C UNK D 40 -37.38 9.54 -54.69
N UNK D 41 -37.21 9.32 -53.39
CA UNK D 41 -35.94 9.61 -52.74
C UNK D 41 -35.04 8.38 -52.76
N UNK D 42 -33.75 8.61 -52.58
CA UNK D 42 -32.77 7.52 -52.58
C UNK D 42 -32.84 6.75 -51.27
N UNK D 43 -32.97 5.43 -51.38
CA UNK D 43 -33.05 4.56 -50.21
C UNK D 43 -31.81 3.67 -50.14
N UNK D 44 -31.64 3.01 -49.00
CA UNK D 44 -30.50 2.13 -48.77
C UNK D 44 -30.84 0.68 -49.12
N UNK D 45 -30.03 0.06 -49.96
CA UNK D 45 -30.27 -1.30 -50.41
C UNK D 45 -29.41 -2.31 -49.64
N UNK D 46 -28.09 -2.11 -49.66
CA UNK D 46 -27.17 -3.01 -48.99
C UNK D 46 -26.31 -2.24 -47.98
N UNK D 47 -26.34 -2.69 -46.73
CA UNK D 47 -25.55 -2.07 -45.67
C UNK D 47 -24.27 -2.84 -45.45
N UNK D 48 -23.14 -2.21 -45.76
CA UNK D 48 -21.78 -2.75 -45.60
C UNK D 48 -21.55 -4.06 -46.35
N UNK D 49 -22.25 -4.22 -47.48
CA UNK D 49 -22.14 -5.37 -48.39
C UNK D 49 -22.34 -6.72 -47.72
N UNK D 50 -23.22 -6.77 -46.72
CA UNK D 50 -23.48 -8.00 -45.99
C UNK D 50 -24.88 -8.53 -46.28
N UNK D 51 -25.89 -7.70 -46.05
CA UNK D 51 -27.28 -8.10 -46.30
C UNK D 51 -28.09 -6.88 -46.70
N UNK D 52 -29.41 -7.02 -46.68
CA UNK D 52 -30.30 -5.93 -47.04
C UNK D 52 -30.85 -5.28 -45.78
N UNK D 53 -31.49 -4.13 -45.96
CA UNK D 53 -32.12 -3.41 -44.86
C UNK D 53 -33.55 -3.92 -44.68
N UNK D 54 -34.33 -3.21 -43.87
CA UNK D 54 -35.72 -3.60 -43.65
C UNK D 54 -36.57 -3.27 -44.87
N UNK D 55 -37.55 -4.12 -45.13
CA UNK D 55 -38.48 -4.04 -46.27
C UNK D 55 -37.75 -3.97 -47.61
N UNK D 56 -36.73 -4.80 -47.75
CA UNK D 56 -35.97 -4.89 -48.99
C UNK D 56 -35.99 -6.32 -49.50
N UNK D 57 -36.15 -6.46 -50.82
CA UNK D 57 -36.24 -7.79 -51.42
C UNK D 57 -34.87 -8.45 -51.49
N UNK D 58 -34.87 -9.78 -51.63
CA UNK D 58 -33.65 -10.56 -51.69
C UNK D 58 -33.14 -10.73 -53.12
N UNK D 59 -33.80 -10.09 -54.09
CA UNK D 59 -33.39 -10.21 -55.49
C UNK D 59 -32.13 -9.40 -55.79
N UNK D 60 -31.85 -8.40 -54.95
CA UNK D 60 -30.66 -7.57 -55.10
C UNK D 60 -29.75 -7.78 -53.90
N UNK D 61 -28.74 -8.63 -54.07
CA UNK D 61 -27.80 -8.95 -53.01
C UNK D 61 -26.37 -8.82 -53.52
N UNK D 62 -25.51 -8.20 -52.71
CA UNK D 62 -24.11 -8.04 -53.05
C UNK D 62 -23.23 -8.81 -52.06
N UNK D 63 -22.24 -9.52 -52.60
CA UNK D 63 -21.32 -10.30 -51.79
C UNK D 63 -19.90 -10.08 -52.28
N UNK D 64 -19.24 -9.09 -51.70
CA UNK D 64 -17.86 -8.77 -52.05
C UNK D 64 -17.22 -8.03 -50.88
N UNK D 65 -16.25 -8.69 -50.24
CA UNK D 65 -15.56 -8.11 -49.09
C UNK D 65 -14.08 -7.95 -49.41
N UNK D 66 -13.75 -6.83 -50.02
CA UNK D 66 -12.38 -6.52 -50.40
C UNK D 66 -12.23 -5.01 -50.54
N UNK D 67 -11.15 -4.57 -51.18
CA UNK D 67 -10.93 -3.15 -51.44
C UNK D 67 -11.81 -2.65 -52.59
N UNK D 68 -12.39 -3.56 -53.36
CA UNK D 68 -13.31 -3.19 -54.43
C UNK D 68 -14.54 -4.10 -54.36
N UNK D 69 -15.68 -3.51 -54.06
CA UNK D 69 -16.92 -4.26 -53.91
C UNK D 69 -17.65 -4.37 -55.25
N UNK D 70 -18.64 -5.26 -55.30
CA UNK D 70 -19.40 -5.51 -56.51
C UNK D 70 -20.87 -5.68 -56.16
N UNK D 71 -21.69 -4.72 -56.57
CA UNK D 71 -23.13 -4.79 -56.35
C UNK D 71 -23.78 -5.59 -57.49
N UNK D 72 -24.37 -6.72 -57.15
CA UNK D 72 -24.97 -7.61 -58.15
C UNK D 72 -26.48 -7.69 -57.98
N UNK D 73 -27.16 -7.93 -59.10
CA UNK D 73 -28.61 -8.10 -59.10
C UNK D 73 -28.94 -9.49 -59.62
N UNK D 74 -29.51 -10.32 -58.75
CA UNK D 74 -29.79 -11.71 -59.10
C UNK D 74 -30.99 -11.82 -60.04
N UNK D 75 -32.15 -11.33 -59.58
CA UNK D 75 -33.37 -11.37 -60.37
C UNK D 75 -33.69 -9.97 -60.89
N UNK D 76 -33.21 -9.68 -62.09
CA UNK D 76 -33.40 -8.37 -62.69
C UNK D 76 -34.83 -8.20 -63.20
N UNK D 77 -35.74 -7.83 -62.30
CA UNK D 77 -37.13 -7.58 -62.68
C UNK D 77 -37.27 -6.15 -63.21
N UNK D 78 -38.47 -5.82 -63.66
CA UNK D 78 -38.73 -4.50 -64.21
C UNK D 78 -39.21 -3.52 -63.13
N UNK D 79 -38.47 -3.47 -62.03
CA UNK D 79 -38.77 -2.52 -60.95
C UNK D 79 -37.52 -1.82 -60.42
N UNK D 80 -36.34 -2.40 -60.62
CA UNK D 80 -35.11 -1.80 -60.11
C UNK D 80 -34.21 -1.27 -61.23
N UNK D 81 -34.76 -1.12 -62.43
CA UNK D 81 -34.00 -0.56 -63.54
C UNK D 81 -33.82 0.94 -63.33
N UNK D 82 -32.73 1.32 -62.69
CA UNK D 82 -32.52 2.70 -62.29
C UNK D 82 -31.03 3.02 -62.28
N UNK D 83 -30.65 4.08 -61.59
CA UNK D 83 -29.26 4.54 -61.58
C UNK D 83 -28.67 4.50 -60.18
N UNK D 84 -28.83 3.37 -59.49
CA UNK D 84 -28.38 3.23 -58.11
C UNK D 84 -26.86 3.28 -58.00
N UNK D 85 -26.38 4.02 -57.01
CA UNK D 85 -24.95 4.22 -56.82
C UNK D 85 -24.54 3.92 -55.37
N UNK D 86 -23.25 3.70 -55.17
CA UNK D 86 -22.73 3.32 -53.87
C UNK D 86 -22.05 4.50 -53.19
N UNK D 87 -21.92 4.41 -51.86
CA UNK D 87 -21.31 5.45 -51.05
C UNK D 87 -20.43 4.83 -49.98
N UNK D 88 -19.17 5.24 -49.95
CA UNK D 88 -18.22 4.71 -48.97
C UNK D 88 -18.12 5.66 -47.76
N UNK D 89 -17.91 5.08 -46.59
CA UNK D 89 -17.81 5.85 -45.36
C UNK D 89 -16.64 5.38 -44.51
N UNK D 90 -15.49 5.17 -45.13
CA UNK D 90 -14.30 4.72 -44.40
C UNK D 90 -13.65 5.89 -43.66
N UNK D 91 -13.29 6.93 -44.40
CA UNK D 91 -12.64 8.09 -43.82
C UNK D 91 -13.69 9.12 -43.37
N UNK D 92 -13.24 10.32 -43.03
CA UNK D 92 -14.16 11.36 -42.58
C UNK D 92 -14.94 11.94 -43.76
N UNK D 93 -14.24 12.22 -44.86
CA UNK D 93 -14.88 12.76 -46.05
C UNK D 93 -15.63 11.64 -46.77
N UNK D 94 -16.86 11.40 -46.35
CA UNK D 94 -17.68 10.34 -46.93
C UNK D 94 -18.16 10.76 -48.33
N UNK D 95 -17.70 10.04 -49.33
CA UNK D 95 -18.07 10.33 -50.72
C UNK D 95 -18.94 9.22 -51.28
N UNK D 96 -19.55 9.49 -52.44
CA UNK D 96 -20.40 8.52 -53.11
C UNK D 96 -19.92 8.33 -54.55
N UNK D 97 -20.50 7.34 -55.21
CA UNK D 97 -20.19 7.09 -56.61
C UNK D 97 -20.88 8.11 -57.50
N UNK D 98 -20.46 8.17 -58.76
CA UNK D 98 -21.01 9.13 -59.69
C UNK D 98 -22.36 8.69 -60.23
N UNK D 99 -22.35 7.60 -61.01
CA UNK D 99 -23.56 7.07 -61.62
C UNK D 99 -23.34 5.64 -62.07
N UNK D 100 -24.32 4.77 -61.82
CA UNK D 100 -24.34 3.43 -62.36
C UNK D 100 -25.74 3.17 -62.90
N UNK D 101 -25.97 3.58 -64.14
CA UNK D 101 -27.30 3.51 -64.74
C UNK D 101 -27.60 2.13 -65.29
N UNK D 102 -28.84 1.69 -65.11
CA UNK D 102 -29.32 0.42 -65.62
C UNK D 102 -30.61 0.65 -66.40
N UNK D 103 -30.61 0.25 -67.68
CA UNK D 103 -31.76 0.43 -68.54
C UNK D 103 -32.21 -0.91 -69.10
N UNK D 104 -33.52 -1.07 -69.27
CA UNK D 104 -34.08 -2.28 -69.83
C UNK D 104 -33.88 -2.31 -71.34
N UNK D 105 -33.01 -3.20 -71.80
CA UNK D 105 -32.71 -3.32 -73.23
C UNK D 105 -33.87 -4.02 -73.94
N UNK D 106 -34.66 -3.25 -74.68
CA UNK D 106 -35.80 -3.79 -75.40
C UNK D 106 -35.58 -3.71 -76.91
N UNK E 1 -44.37 6.89 -41.48
CA UNK E 1 -43.13 6.85 -40.72
C UNK E 1 -41.98 7.41 -41.54
N UNK E 2 -41.98 8.72 -41.73
CA UNK E 2 -40.93 9.39 -42.50
C UNK E 2 -40.60 10.73 -41.86
N UNK E 3 -39.56 11.38 -42.38
CA UNK E 3 -39.13 12.69 -41.90
C UNK E 3 -39.21 13.68 -43.06
N UNK E 4 -40.24 14.52 -43.03
CA UNK E 4 -40.45 15.48 -44.11
C UNK E 4 -39.51 16.66 -43.99
N UNK E 5 -38.82 16.98 -45.08
CA UNK E 5 -37.91 18.12 -45.12
C UNK E 5 -38.63 19.32 -45.72
N UNK E 6 -38.67 20.42 -44.98
CA UNK E 6 -39.36 21.62 -45.42
C UNK E 6 -38.42 22.83 -45.37
N UNK E 7 -38.99 24.02 -45.56
CA UNK E 7 -38.29 25.31 -45.55
C UNK E 7 -37.14 25.34 -46.55
N UNK E 8 -37.48 25.17 -47.82
CA UNK E 8 -36.49 25.17 -48.89
C UNK E 8 -37.11 25.77 -50.14
N UNK E 9 -36.50 26.84 -50.65
CA UNK E 9 -36.99 27.52 -51.84
C UNK E 9 -35.81 28.13 -52.59
N UNK E 10 -36.11 28.93 -53.61
CA UNK E 10 -35.07 29.59 -54.38
C UNK E 10 -34.63 30.87 -53.68
N UNK E 11 -33.33 31.12 -53.71
CA UNK E 11 -32.75 32.32 -53.09
C UNK E 11 -31.69 32.91 -53.99
N UNK E 12 -31.29 34.14 -53.68
CA UNK E 12 -30.29 34.83 -54.47
C UNK E 12 -28.89 34.39 -54.07
N UNK E 13 -27.90 34.84 -54.82
CA UNK E 13 -26.51 34.52 -54.54
C UNK E 13 -26.00 35.30 -53.34
N UNK E 14 -25.11 34.66 -52.58
CA UNK E 14 -24.48 35.20 -51.36
C UNK E 14 -25.52 35.65 -50.34
N UNK E 15 -26.32 34.70 -49.89
CA UNK E 15 -27.36 34.95 -48.91
C UNK E 15 -27.35 33.84 -47.87
N UNK E 16 -28.34 33.86 -46.98
CA UNK E 16 -28.45 32.86 -45.92
C UNK E 16 -29.87 32.32 -45.88
N UNK E 17 -30.00 31.02 -45.63
CA UNK E 17 -31.30 30.37 -45.55
C UNK E 17 -31.23 29.17 -44.64
N UNK E 18 -32.34 28.89 -43.96
CA UNK E 18 -32.44 27.75 -43.06
C UNK E 18 -33.16 26.60 -43.75
N UNK E 19 -33.32 25.50 -43.02
CA UNK E 19 -34.01 24.33 -43.54
C UNK E 19 -34.62 23.55 -42.38
N UNK E 20 -35.87 23.14 -42.55
CA UNK E 20 -36.59 22.42 -41.51
C UNK E 20 -36.76 20.95 -41.90
N UNK E 21 -36.48 20.07 -40.95
CA UNK E 21 -36.64 18.63 -41.15
C UNK E 21 -37.43 18.07 -39.98
N UNK E 22 -38.75 18.00 -40.15
CA UNK E 22 -39.64 17.51 -39.11
C UNK E 22 -39.89 16.01 -39.27
N UNK E 23 -39.60 15.25 -38.23
CA UNK E 23 -39.79 13.81 -38.26
C UNK E 23 -41.06 13.42 -37.51
N UNK E 24 -41.64 12.29 -37.91
CA UNK E 24 -42.86 11.79 -37.29
C UNK E 24 -42.81 10.28 -37.02
N UNK E 25 -41.65 9.67 -37.17
CA UNK E 25 -41.52 8.23 -36.99
C UNK E 25 -41.12 7.88 -35.55
N UNK E 26 -39.97 8.38 -35.13
CA UNK E 26 -39.47 8.12 -33.78
C UNK E 26 -38.90 9.40 -33.20
N UNK E 27 -38.23 9.29 -32.06
CA UNK E 27 -37.64 10.45 -31.40
C UNK E 27 -36.41 10.94 -32.17
N UNK E 28 -36.28 12.25 -32.31
CA UNK E 28 -35.15 12.83 -33.02
C UNK E 28 -33.87 12.78 -32.18
N UNK E 29 -34.01 12.55 -30.88
CA UNK E 29 -32.85 12.44 -29.99
C UNK E 29 -32.47 10.97 -29.74
N UNK E 30 -33.13 10.04 -30.42
CA UNK E 30 -32.85 8.62 -30.24
C UNK E 30 -32.10 8.02 -31.43
N UNK E 31 -31.77 8.85 -32.42
CA UNK E 31 -31.04 8.38 -33.59
C UNK E 31 -30.20 9.50 -34.17
N UNK E 32 -29.29 9.15 -35.06
CA UNK E 32 -28.44 10.15 -35.70
C UNK E 32 -29.12 10.73 -36.92
N UNK E 33 -28.73 11.95 -37.28
CA UNK E 33 -29.30 12.65 -38.42
C UNK E 33 -28.20 13.23 -39.29
N UNK E 34 -28.43 13.24 -40.59
CA UNK E 34 -27.48 13.80 -41.54
C UNK E 34 -28.23 14.50 -42.66
N UNK E 35 -27.51 15.31 -43.43
CA UNK E 35 -28.09 16.02 -44.55
C UNK E 35 -27.14 15.99 -45.74
N UNK E 36 -27.60 15.43 -46.85
CA UNK E 36 -26.80 15.33 -48.05
C UNK E 36 -27.31 16.29 -49.12
N UNK E 37 -26.39 16.77 -49.96
CA UNK E 37 -26.73 17.70 -51.02
C UNK E 37 -26.46 17.05 -52.37
N UNK E 38 -27.52 16.55 -53.00
CA UNK E 38 -27.41 15.94 -54.31
C UNK E 38 -27.51 17.01 -55.38
N UNK E 39 -26.49 17.12 -56.22
CA UNK E 39 -26.45 18.14 -57.25
C UNK E 39 -27.35 17.76 -58.43
N UNK E 40 -27.37 18.64 -59.43
CA UNK E 40 -28.18 18.41 -60.63
C UNK E 40 -27.61 17.30 -61.49
N UNK E 41 -26.31 17.02 -61.36
CA UNK E 41 -25.67 15.95 -62.12
C UNK E 41 -25.62 14.64 -61.33
N UNK E 42 -26.49 14.52 -60.33
CA UNK E 42 -26.61 13.34 -59.46
C UNK E 42 -25.29 12.98 -58.77
N UNK E 43 -24.82 13.89 -57.94
CA UNK E 43 -23.60 13.70 -57.17
C UNK E 43 -23.88 14.04 -55.71
N UNK E 44 -24.10 13.00 -54.91
CA UNK E 44 -24.41 13.19 -53.49
C UNK E 44 -23.13 13.33 -52.67
N UNK E 45 -23.19 14.19 -51.66
CA UNK E 45 -22.06 14.42 -50.77
C UNK E 45 -22.56 14.69 -49.35
N UNK E 46 -21.80 14.23 -48.37
CA UNK E 46 -22.17 14.42 -46.97
C UNK E 46 -21.97 15.88 -46.57
N UNK E 47 -23.08 16.63 -46.55
CA UNK E 47 -23.01 18.07 -46.28
C UNK E 47 -23.14 18.39 -44.80
N UNK E 48 -23.85 17.55 -44.05
CA UNK E 48 -24.04 17.78 -42.62
C UNK E 48 -24.20 16.46 -41.89
N UNK E 49 -23.79 16.45 -40.63
CA UNK E 49 -23.91 15.26 -39.79
C UNK E 49 -23.96 15.69 -38.32
N UNK E 50 -25.14 15.57 -37.72
CA UNK E 50 -25.34 15.95 -36.33
C UNK E 50 -25.61 14.70 -35.50
N UNK E 51 -25.07 14.69 -34.28
CA UNK E 51 -25.21 13.54 -33.40
C UNK E 51 -26.55 13.57 -32.68
N UNK E 52 -26.76 12.59 -31.79
CA UNK E 52 -28.00 12.53 -31.02
C UNK E 52 -27.98 13.58 -29.92
N UNK E 53 -29.08 14.32 -29.80
CA UNK E 53 -29.31 15.38 -28.80
C UNK E 53 -28.23 16.47 -28.82
N UNK E 54 -27.73 16.78 -30.02
CA UNK E 54 -26.74 17.83 -30.29
C UNK E 54 -25.47 17.68 -29.46
N UNK E 55 -24.95 16.46 -29.40
CA UNK E 55 -23.75 16.19 -28.64
C UNK E 55 -22.51 16.70 -29.37
N UNK E 56 -22.27 16.18 -30.57
CA UNK E 56 -21.13 16.61 -31.37
C UNK E 56 -21.60 17.01 -32.76
N UNK E 57 -20.85 17.94 -33.37
CA UNK E 57 -21.17 18.44 -34.70
C UNK E 57 -19.99 18.19 -35.63
N UNK E 58 -20.15 17.25 -36.54
CA UNK E 58 -19.11 16.92 -37.51
C UNK E 58 -19.54 17.37 -38.90
N UNK E 59 -18.72 18.20 -39.53
CA UNK E 59 -19.01 18.72 -40.85
C UNK E 59 -17.88 18.42 -41.82
N UNK E 60 -18.19 18.43 -43.11
CA UNK E 60 -17.20 18.16 -44.13
C UNK E 60 -16.26 19.35 -44.30
N UNK E 61 -15.11 19.11 -44.92
CA UNK E 61 -14.09 20.13 -45.08
C UNK E 61 -14.44 21.14 -46.18
N UNK E 62 -15.23 20.71 -47.16
CA UNK E 62 -15.60 21.61 -48.26
C UNK E 62 -16.64 22.64 -47.80
N UNK E 63 -17.46 22.29 -46.82
CA UNK E 63 -18.45 23.19 -46.27
C UNK E 63 -18.16 23.49 -44.80
N UNK E 64 -16.90 23.73 -44.49
CA UNK E 64 -16.49 24.02 -43.12
C UNK E 64 -16.97 25.42 -42.72
N UNK E 65 -17.67 25.49 -41.59
CA UNK E 65 -18.25 26.71 -41.02
C UNK E 65 -19.20 27.44 -42.00
N UNK E 66 -19.92 26.66 -42.80
CA UNK E 66 -20.88 27.22 -43.75
C UNK E 66 -22.31 27.08 -43.22
N UNK E 67 -22.71 25.85 -42.94
CA UNK E 67 -24.05 25.59 -42.41
C UNK E 67 -23.97 25.09 -40.97
N UNK E 68 -25.01 25.39 -40.20
CA UNK E 68 -25.09 24.96 -38.81
C UNK E 68 -26.18 23.90 -38.68
N UNK E 69 -25.79 22.69 -38.29
CA UNK E 69 -26.74 21.60 -38.13
C UNK E 69 -27.22 21.54 -36.69
N UNK E 70 -28.31 22.24 -36.42
CA UNK E 70 -28.90 22.26 -35.08
C UNK E 70 -29.98 21.20 -34.97
N UNK E 71 -29.94 20.45 -33.88
CA UNK E 71 -30.90 19.39 -33.62
C UNK E 71 -31.68 19.70 -32.35
N UNK E 72 -32.82 20.35 -32.52
CA UNK E 72 -33.67 20.69 -31.39
C UNK E 72 -34.52 19.49 -31.01
N UNK E 73 -34.15 18.82 -29.92
CA UNK E 73 -34.85 17.63 -29.48
C UNK E 73 -36.19 17.96 -28.82
N UNK E 74 -36.35 19.18 -28.33
CA UNK E 74 -37.60 19.57 -27.69
C UNK E 74 -38.71 19.80 -28.71
N UNK E 75 -38.34 20.23 -29.91
CA UNK E 75 -39.32 20.48 -30.97
C UNK E 75 -39.41 19.33 -31.97
N UNK E 76 -38.50 18.35 -31.84
CA UNK E 76 -38.40 17.17 -32.71
C UNK E 76 -38.28 17.56 -34.19
N UNK E 77 -37.41 18.50 -34.47
CA UNK E 77 -37.20 19.00 -35.82
C UNK E 77 -35.75 19.40 -36.00
N UNK E 78 -35.11 18.92 -37.07
CA UNK E 78 -33.73 19.27 -37.36
C UNK E 78 -33.69 20.59 -38.13
N UNK E 79 -32.98 21.56 -37.55
CA UNK E 79 -32.85 22.88 -38.16
C UNK E 79 -31.48 23.01 -38.81
N UNK E 80 -31.45 23.06 -40.13
CA UNK E 80 -30.21 23.20 -40.88
C UNK E 80 -30.06 24.65 -41.30
N UNK E 81 -29.46 25.45 -40.43
CA UNK E 81 -29.26 26.87 -40.69
C UNK E 81 -27.98 27.08 -41.48
N UNK E 82 -28.13 27.48 -42.74
CA UNK E 82 -26.98 27.73 -43.61
C UNK E 82 -26.77 29.22 -43.79
N UNK E 83 -25.52 29.61 -43.95
CA UNK E 83 -25.17 31.01 -44.15
C UNK E 83 -23.94 31.13 -45.04
N UNK E 84 -23.84 32.27 -45.74
CA UNK E 84 -22.76 32.59 -46.68
C UNK E 84 -22.62 31.52 -47.77
N UNK E 85 -23.72 31.27 -48.46
CA UNK E 85 -23.75 30.25 -49.50
C UNK E 85 -23.13 30.79 -50.78
N UNK E 86 -23.05 29.91 -51.78
CA UNK E 86 -22.48 30.28 -53.08
C UNK E 86 -23.24 29.54 -54.17
N UNK E 87 -22.70 29.55 -55.39
CA UNK E 87 -23.34 28.90 -56.51
C UNK E 87 -23.13 27.39 -56.50
N UNK E 88 -22.14 26.91 -55.75
CA UNK E 88 -21.85 25.48 -55.69
C UNK E 88 -22.82 24.73 -54.78
N UNK E 89 -23.58 25.45 -53.96
CA UNK E 89 -24.52 24.82 -53.04
C UNK E 89 -25.95 24.83 -53.59
N UNK E 90 -26.12 25.31 -54.82
CA UNK E 90 -27.44 25.34 -55.44
C UNK E 90 -27.82 23.94 -55.88
N UNK E 91 -28.44 23.20 -54.95
CA UNK E 91 -28.80 21.81 -55.18
C UNK E 91 -30.01 21.45 -54.33
N UNK E 92 -30.29 20.16 -54.25
CA UNK E 92 -31.40 19.66 -53.44
C UNK E 92 -30.86 19.07 -52.15
N UNK E 93 -30.84 19.88 -51.09
CA UNK E 93 -30.35 19.43 -49.80
C UNK E 93 -31.38 18.50 -49.16
N UNK E 94 -31.06 17.22 -49.11
CA UNK E 94 -31.96 16.21 -48.57
C UNK E 94 -31.43 15.69 -47.24
N UNK E 95 -32.31 15.62 -46.24
CA UNK E 95 -31.93 15.10 -44.93
C UNK E 95 -31.94 13.58 -44.94
N UNK E 96 -31.32 13.00 -43.91
CA UNK E 96 -31.22 11.55 -43.80
C UNK E 96 -31.07 11.15 -42.34
N UNK E 97 -31.69 10.03 -41.99
CA UNK E 97 -31.59 9.47 -40.65
C UNK E 97 -30.76 8.20 -40.69
N UNK E 98 -29.76 8.10 -39.82
CA UNK E 98 -28.87 6.95 -39.78
C UNK E 98 -29.54 5.78 -39.07
N UNK E 99 -28.84 4.65 -39.03
CA UNK E 99 -29.32 3.48 -38.33
C UNK E 99 -29.22 3.68 -36.83
N UNK E 100 -30.01 2.94 -36.08
CA UNK E 100 -30.07 3.10 -34.63
C UNK E 100 -28.84 2.53 -33.95
N UNK E 101 -28.63 1.22 -34.09
CA UNK E 101 -27.49 0.58 -33.45
C UNK E 101 -26.83 -0.48 -34.31
N UNK E 102 -27.20 -0.56 -35.58
CA UNK E 102 -26.63 -1.58 -36.47
C UNK E 102 -25.18 -1.26 -36.87
N UNK E 103 -24.82 0.03 -36.82
CA UNK E 103 -23.47 0.45 -37.17
C UNK E 103 -23.12 1.75 -36.49
N UNK E 104 -21.84 2.13 -36.57
CA UNK E 104 -21.37 3.42 -36.08
C UNK E 104 -20.57 4.12 -37.17
N UNK E 105 -20.96 3.90 -38.43
CA UNK E 105 -20.26 4.49 -39.57
C UNK E 105 -21.12 5.53 -40.30
N UNK E 106 -22.19 5.98 -39.64
CA UNK E 106 -23.14 6.97 -40.17
C UNK E 106 -23.74 6.54 -41.50
N UNK E 107 -24.39 5.38 -41.49
CA UNK E 107 -25.04 4.83 -42.67
C UNK E 107 -26.51 5.20 -42.66
N UNK E 108 -26.93 5.96 -43.66
CA UNK E 108 -28.31 6.43 -43.75
C UNK E 108 -29.25 5.29 -44.14
N UNK E 109 -30.33 5.14 -43.39
CA UNK E 109 -31.31 4.09 -43.65
C UNK E 109 -32.46 4.60 -44.50
N UNK E 110 -33.16 5.62 -43.99
CA UNK E 110 -34.29 6.22 -44.70
C UNK E 110 -34.05 7.71 -44.88
N UNK E 111 -34.08 8.17 -46.12
CA UNK E 111 -33.85 9.57 -46.41
C UNK E 111 -35.12 10.39 -46.26
N UNK E 112 -35.00 11.70 -46.46
CA UNK E 112 -36.13 12.61 -46.34
C UNK E 112 -36.89 12.71 -47.67
N UNK E 113 -37.73 13.74 -47.79
CA UNK E 113 -38.56 13.91 -48.98
C UNK E 113 -37.85 14.69 -50.09
N UNK E 114 -36.55 14.91 -49.93
CA UNK E 114 -35.66 15.57 -50.89
C UNK E 114 -36.15 16.97 -51.27
N UNK E 115 -36.15 17.86 -50.27
CA UNK E 115 -36.51 19.25 -50.48
C UNK E 115 -35.43 19.96 -51.28
N UNK E 116 -35.84 20.58 -52.38
CA UNK E 116 -34.89 21.22 -53.30
C UNK E 116 -34.73 22.71 -52.99
N UNK E 117 -33.54 23.22 -53.28
CA UNK E 117 -33.24 24.64 -53.12
C UNK E 117 -32.55 25.16 -54.36
N UNK E 118 -32.39 26.47 -54.43
CA UNK E 118 -31.74 27.12 -55.57
C UNK E 118 -31.06 28.41 -55.12
N UNK E 119 -29.79 28.56 -55.49
CA UNK E 119 -29.01 29.73 -55.13
C UNK E 119 -28.49 30.40 -56.39
N UNK E 120 -29.28 31.31 -56.93
CA UNK E 120 -28.91 32.02 -58.15
C UNK E 120 -29.59 33.38 -58.17
N UNK E 121 -28.95 34.34 -58.84
CA UNK E 121 -29.51 35.68 -58.96
C UNK E 121 -30.26 35.85 -60.29
N UNK F 1 -22.24 -17.77 41.82
CA UNK F 1 -20.88 -18.01 42.28
C UNK F 1 -20.65 -19.47 42.60
N UNK F 2 -19.69 -19.74 43.49
CA UNK F 2 -19.38 -21.10 43.89
C UNK F 2 -20.36 -21.55 44.97
N UNK F 3 -21.27 -22.47 44.61
CA UNK F 3 -22.24 -22.98 45.54
C UNK F 3 -21.57 -23.98 46.48
N UNK F 4 -21.11 -23.47 47.62
CA UNK F 4 -20.40 -24.32 48.59
C UNK F 4 -21.39 -25.12 49.43
N UNK F 5 -20.91 -26.23 49.97
CA UNK F 5 -21.71 -27.09 50.82
C UNK F 5 -20.80 -27.80 51.82
N UNK F 6 -20.94 -27.46 53.09
CA UNK F 6 -20.10 -28.04 54.13
C UNK F 6 -20.73 -29.30 54.69
N UNK F 7 -20.07 -29.89 55.68
CA UNK F 7 -20.56 -31.11 56.30
C UNK F 7 -21.53 -30.79 57.44
N UNK F 8 -21.84 -31.79 58.25
CA UNK F 8 -22.77 -31.61 59.36
C UNK F 8 -22.01 -31.17 60.61
N UNK F 9 -22.71 -31.10 61.73
CA UNK F 9 -22.09 -30.68 62.98
C UNK F 9 -21.27 -31.81 63.58
N UNK F 10 -20.07 -31.48 64.03
CA UNK F 10 -19.17 -32.46 64.65
C UNK F 10 -19.43 -32.55 66.15
N UNK F 11 -19.38 -33.76 66.67
CA UNK F 11 -19.59 -33.99 68.10
C UNK F 11 -18.82 -35.23 68.52
N UNK F 12 -17.68 -35.01 69.18
CA UNK F 12 -16.84 -36.11 69.64
C UNK F 12 -16.08 -35.68 70.88
N UNK F 13 -15.57 -36.66 71.62
CA UNK F 13 -14.84 -36.39 72.84
C UNK F 13 -13.43 -35.91 72.55
N UNK F 14 -12.69 -35.60 73.60
CA UNK F 14 -11.32 -35.12 73.46
C UNK F 14 -10.39 -36.27 73.06
N UNK F 15 -9.21 -35.88 72.54
CA UNK F 15 -8.18 -36.79 72.03
C UNK F 15 -8.72 -37.75 70.97
N UNK F 16 -9.49 -37.19 70.04
CA UNK F 16 -10.09 -37.95 68.96
C UNK F 16 -9.74 -37.32 67.62
N UNK F 17 -10.23 -37.92 66.55
CA UNK F 17 -9.98 -37.42 65.20
C UNK F 17 -11.24 -36.77 64.63
N UNK F 18 -11.04 -35.85 63.70
CA UNK F 18 -12.15 -35.14 63.07
C UNK F 18 -11.75 -34.75 61.65
N UNK F 19 -12.54 -35.22 60.68
CA UNK F 19 -12.30 -34.90 59.28
C UNK F 19 -13.63 -34.49 58.66
N UNK F 20 -13.76 -33.21 58.34
CA UNK F 20 -15.00 -32.68 57.78
C UNK F 20 -15.10 -32.99 56.29
N UNK F 21 -16.20 -32.54 55.68
CA UNK F 21 -16.43 -32.75 54.25
C UNK F 21 -16.88 -31.44 53.62
N UNK F 22 -15.98 -30.82 52.86
CA UNK F 22 -16.29 -29.58 52.16
C UNK F 22 -16.57 -29.88 50.70
N UNK F 23 -17.85 -30.05 50.38
CA UNK F 23 -18.27 -30.39 49.03
C UNK F 23 -18.49 -29.11 48.23
N UNK F 24 -17.62 -28.88 47.24
CA UNK F 24 -17.73 -27.70 46.39
C UNK F 24 -18.53 -28.04 45.13
N UNK F 25 -19.32 -27.08 44.67
CA UNK F 25 -20.14 -27.27 43.49
C UNK F 25 -20.34 -25.92 42.79
N UNK F 26 -20.55 -25.99 41.47
CA UNK F 26 -20.76 -24.83 40.59
C UNK F 26 -19.60 -23.83 40.69
N UNK F 27 -18.38 -24.33 40.59
CA UNK F 27 -17.20 -23.50 40.67
C UNK F 27 -16.86 -22.90 39.31
N UNK F 28 -15.74 -22.20 39.24
CA UNK F 28 -15.29 -21.61 37.99
C UNK F 28 -14.46 -22.61 37.21
N UNK F 29 -13.76 -22.15 36.18
CA UNK F 29 -12.94 -23.03 35.35
C UNK F 29 -11.68 -23.47 36.11
N UNK F 30 -11.79 -24.62 36.77
CA UNK F 30 -10.72 -25.25 37.56
C UNK F 30 -10.11 -24.33 38.62
N UNK F 31 -9.65 -22.46 41.22
CA UNK F 31 -10.51 -22.80 42.34
C UNK F 31 -9.68 -23.18 43.56
N UNK F 32 -10.08 -22.69 44.72
CA UNK F 32 -9.38 -22.98 45.97
C UNK F 32 -10.37 -22.94 47.12
N UNK F 33 -10.22 -23.89 48.05
CA UNK F 33 -11.10 -23.97 49.21
C UNK F 33 -10.37 -23.47 50.45
N UNK F 34 -10.70 -22.25 50.87
CA UNK F 34 -10.11 -21.67 52.06
C UNK F 34 -10.98 -21.96 53.27
N UNK F 35 -10.34 -22.33 54.38
CA UNK F 35 -11.04 -22.66 55.60
C UNK F 35 -10.69 -21.65 56.69
N UNK F 36 -11.71 -21.00 57.23
CA UNK F 36 -11.52 -20.00 58.27
C UNK F 36 -11.83 -20.57 59.65
N UNK F 37 -11.41 -19.86 60.69
CA UNK F 37 -11.62 -20.31 62.05
C UNK F 37 -12.28 -19.23 62.90
N UNK F 38 -13.32 -18.61 62.37
CA UNK F 38 -14.07 -17.60 63.11
C UNK F 38 -14.90 -18.27 64.19
N UNK F 39 -14.42 -18.21 65.43
CA UNK F 39 -15.08 -18.86 66.55
C UNK F 39 -15.88 -17.83 67.35
N UNK F 40 -16.44 -18.26 68.48
CA UNK F 40 -17.20 -17.37 69.33
C UNK F 40 -16.26 -16.46 70.12
N UNK F 41 -16.52 -15.15 70.02
CA UNK F 41 -15.71 -14.08 70.64
C UNK F 41 -14.24 -14.16 70.21
N UNK F 42 -14.03 -14.48 68.95
CA UNK F 42 -12.69 -14.60 68.40
C UNK F 42 -12.66 -13.94 67.02
N UNK F 43 -11.57 -14.17 66.29
CA UNK F 43 -11.40 -13.58 64.97
C UNK F 43 -11.43 -14.66 63.89
N UNK F 44 -11.55 -14.21 62.64
CA UNK F 44 -11.59 -15.12 61.51
C UNK F 44 -10.17 -15.38 61.01
N UNK F 45 -9.57 -16.46 61.50
CA UNK F 45 -8.21 -16.83 61.13
C UNK F 45 -8.23 -17.86 60.01
N UNK F 46 -7.52 -17.56 58.94
CA UNK F 46 -7.44 -18.47 57.79
C UNK F 46 -6.52 -19.63 58.13
N UNK F 47 -7.04 -20.85 58.05
CA UNK F 47 -6.26 -22.03 58.37
C UNK F 47 -5.29 -22.35 57.23
N UNK F 48 -5.83 -22.60 56.05
CA UNK F 48 -5.01 -22.99 54.90
C UNK F 48 -5.70 -22.65 53.60
N UNK F 49 -4.90 -22.34 52.57
CA UNK F 49 -5.41 -22.16 51.23
C UNK F 49 -5.20 -23.45 50.47
N UNK F 50 -6.20 -24.34 50.52
CA UNK F 50 -6.11 -25.65 49.89
C UNK F 50 -6.84 -25.65 48.57
N UNK F 51 -6.09 -25.85 47.48
CA UNK F 51 -6.66 -25.89 46.14
C UNK F 51 -6.92 -27.33 45.73
N UNK F 52 -8.12 -27.61 45.25
CA UNK F 52 -8.50 -28.96 44.86
C UNK F 52 -8.26 -29.20 43.37
N UNK F 53 -7.05 -28.89 42.92
CA UNK F 53 -6.67 -29.11 41.52
C UNK F 53 -5.50 -30.10 41.41
N UNK F 54 -4.42 -29.85 42.15
CA UNK F 54 -3.26 -30.74 42.13
C UNK F 54 -2.80 -31.05 43.56
N UNK F 55 -3.74 -30.99 44.50
CA UNK F 55 -3.53 -31.24 45.94
C UNK F 55 -2.45 -30.33 46.53
N UNK F 56 -2.44 -29.08 46.09
CA UNK F 56 -1.52 -28.07 46.61
C UNK F 56 -2.12 -27.43 47.84
N UNK F 57 -1.33 -27.34 48.90
CA UNK F 57 -1.80 -26.77 50.16
C UNK F 57 -0.69 -25.93 50.79
N UNK F 58 -0.89 -24.62 50.79
CA UNK F 58 0.04 -23.71 51.47
C UNK F 58 -0.58 -23.32 52.81
N UNK F 59 -0.36 -24.18 53.80
CA UNK F 59 -0.96 -24.00 55.12
C UNK F 59 -0.26 -22.89 55.88
N UNK F 60 -1.02 -22.21 56.74
CA UNK F 60 -0.48 -21.13 57.56
C UNK F 60 0.21 -21.69 58.80
N UNK F 61 0.97 -20.83 59.47
CA UNK F 61 1.72 -21.23 60.65
C UNK F 61 0.96 -20.92 61.95
N UNK F 62 -0.37 -20.87 61.88
CA UNK F 62 -1.18 -20.58 63.05
C UNK F 62 -1.63 -21.86 63.76
N UNK F 63 -2.23 -22.78 62.99
CA UNK F 63 -2.71 -24.05 63.53
C UNK F 63 -2.28 -25.20 62.63
N UNK F 64 -1.00 -25.21 62.27
CA UNK F 64 -0.48 -26.21 61.34
C UNK F 64 -0.27 -27.58 61.99
N UNK F 65 -0.32 -27.65 63.32
CA UNK F 65 -0.06 -28.91 64.00
C UNK F 65 -1.28 -29.83 63.99
N UNK F 66 -2.40 -29.35 64.54
CA UNK F 66 -3.59 -30.19 64.70
C UNK F 66 -4.59 -29.99 63.57
N UNK F 67 -4.10 -29.68 62.38
CA UNK F 67 -4.97 -29.52 61.22
C UNK F 67 -4.23 -29.91 59.95
N UNK F 68 -4.99 -30.41 58.98
CA UNK F 68 -4.43 -30.79 57.69
C UNK F 68 -5.41 -30.42 56.58
N UNK F 69 -5.03 -30.70 55.34
CA UNK F 69 -5.87 -30.39 54.20
C UNK F 69 -5.83 -31.53 53.20
N UNK F 70 -7.00 -31.97 52.76
CA UNK F 70 -7.10 -33.05 51.78
C UNK F 70 -8.32 -32.82 50.90
N UNK F 71 -8.21 -33.20 49.64
CA UNK F 71 -9.29 -33.04 48.69
C UNK F 71 -9.17 -34.06 47.57
N UNK F 72 -10.31 -34.40 46.96
CA UNK F 72 -10.36 -35.32 45.84
C UNK F 72 -10.90 -34.59 44.62
N UNK F 73 -10.11 -34.53 43.56
CA UNK F 73 -10.50 -33.80 42.36
C UNK F 73 -11.56 -34.54 41.55
N UNK F 74 -11.68 -35.84 41.74
CA UNK F 74 -12.68 -36.61 41.01
C UNK F 74 -14.08 -36.39 41.58
N UNK F 75 -14.18 -36.14 42.88
CA UNK F 75 -15.48 -35.93 43.53
C UNK F 75 -15.76 -34.47 43.83
N UNK F 76 -14.78 -33.60 43.59
CA UNK F 76 -14.84 -32.15 43.85
C UNK F 76 -15.23 -31.83 45.29
N UNK F 77 -14.67 -32.59 46.23
CA UNK F 77 -14.95 -32.41 47.65
C UNK F 77 -13.64 -32.32 48.42
N UNK F 78 -13.63 -31.46 49.43
CA UNK F 78 -12.46 -31.27 50.27
C UNK F 78 -12.71 -31.84 51.65
N UNK F 79 -11.63 -32.22 52.32
CA UNK F 79 -11.71 -32.78 53.66
C UNK F 79 -10.58 -32.19 54.52
N UNK F 80 -10.94 -31.21 55.34
CA UNK F 80 -9.98 -30.57 56.24
C UNK F 80 -9.91 -31.39 57.51
N UNK F 81 -9.04 -32.39 57.53
CA UNK F 81 -8.91 -33.27 58.68
C UNK F 81 -8.16 -32.56 59.81
N UNK F 82 -8.81 -32.50 60.97
CA UNK F 82 -8.23 -31.88 62.15
C UNK F 82 -8.34 -32.85 63.32
N UNK F 83 -7.32 -33.69 63.48
CA UNK F 83 -7.31 -34.70 64.52
C UNK F 83 -6.54 -34.22 65.75
N UNK F 84 -6.70 -34.97 66.84
CA UNK F 84 -6.07 -34.72 68.15
C UNK F 84 -6.38 -33.32 68.67
N UNK F 85 -7.68 -33.04 68.77
CA UNK F 85 -8.14 -31.73 69.22
C UNK F 85 -8.11 -31.65 70.74
N UNK F 86 -8.47 -30.47 71.25
CA UNK F 86 -8.54 -30.23 72.68
C UNK F 86 -9.76 -29.36 72.97
N UNK F 87 -9.83 -28.79 74.16
CA UNK F 87 -10.95 -27.93 74.53
C UNK F 87 -10.87 -26.59 73.79
N UNK F 88 -9.66 -26.07 73.63
CA UNK F 88 -9.49 -24.81 72.91
C UNK F 88 -9.63 -25.00 71.40
N UNK F 89 -9.34 -26.21 70.92
CA UNK F 89 -9.44 -26.50 69.50
C UNK F 89 -10.89 -26.69 69.05
N UNK F 90 -11.79 -26.92 70.01
CA UNK F 90 -13.22 -27.04 69.70
C UNK F 90 -13.77 -25.66 69.37
N UNK F 91 -13.84 -25.36 68.08
CA UNK F 91 -14.26 -24.03 67.63
C UNK F 91 -15.15 -24.17 66.41
N UNK F 92 -15.40 -23.04 65.74
CA UNK F 92 -16.24 -23.02 64.55
C UNK F 92 -15.37 -22.92 63.31
N UNK F 93 -15.29 -24.00 62.55
CA UNK F 93 -14.53 -24.04 61.31
C UNK F 93 -15.46 -23.82 60.13
N UNK F 94 -15.24 -22.74 59.40
CA UNK F 94 -16.07 -22.39 58.24
C UNK F 94 -15.23 -22.34 56.98
N UNK F 95 -15.79 -22.87 55.90
CA UNK F 95 -15.11 -22.89 54.62
C UNK F 95 -15.70 -21.83 53.69
N UNK F 96 -14.89 -21.35 52.75
CA UNK F 96 -15.30 -20.34 51.80
C UNK F 96 -14.42 -20.42 50.56
N UNK F 97 -15.04 -20.27 49.39
CA UNK F 97 -14.31 -20.32 48.14
C UNK F 97 -13.88 -18.93 47.68
N UNK F 98 -12.96 -18.90 46.72
CA UNK F 98 -12.47 -17.66 46.17
C UNK F 98 -11.99 -17.88 44.74
N UNK F 99 -12.20 -16.89 43.89
CA UNK F 99 -11.77 -16.96 42.50
C UNK F 99 -11.43 -15.55 42.02
N UNK F 100 -10.34 -15.45 41.25
CA UNK F 100 -9.82 -14.21 40.64
C UNK F 100 -9.51 -13.09 41.62
N UNK F 101 -9.33 -13.43 42.90
CA UNK F 101 -9.04 -12.48 43.95
C UNK F 101 -8.46 -13.20 45.15
N UNK F 102 -7.70 -12.47 45.96
CA UNK F 102 -7.20 -13.00 47.23
C UNK F 102 -8.16 -12.60 48.36
N UNK F 103 -9.44 -12.91 48.15
CA UNK F 103 -10.48 -12.60 49.13
C UNK F 103 -11.63 -13.59 48.92
N UNK F 104 -12.03 -14.25 50.00
CA UNK F 104 -13.07 -15.26 49.93
C UNK F 104 -14.43 -14.61 49.73
N UNK F 105 -14.86 -14.53 48.48
CA UNK F 105 -16.17 -13.96 48.14
C UNK F 105 -17.24 -15.04 48.06
N UNK F 106 -17.31 -15.86 49.10
CA UNK F 106 -18.29 -16.94 49.18
C UNK F 106 -18.49 -17.31 50.64
N UNK F 107 -19.48 -18.17 50.89
CA UNK F 107 -19.79 -18.60 52.24
C UNK F 107 -20.51 -19.94 52.20
N UNK F 108 -20.02 -20.89 53.00
CA UNK F 108 -20.65 -22.20 53.09
C UNK F 108 -21.64 -22.22 54.26
N UNK F 109 -22.03 -23.40 54.68
CA UNK F 109 -23.00 -23.55 55.77
C UNK F 109 -22.39 -23.27 57.14
N UNK F 110 -21.06 -23.20 57.21
CA UNK F 110 -20.29 -22.89 58.43
C UNK F 110 -20.61 -23.87 59.57
N UNK F 111 -20.28 -25.13 59.34
CA UNK F 111 -20.51 -26.19 60.31
C UNK F 111 -19.56 -26.03 61.49
N UNK F 112 -20.10 -25.60 62.63
CA UNK F 112 -19.29 -25.40 63.82
C UNK F 112 -19.03 -26.74 64.51
N UNK F 113 -17.77 -26.97 64.87
CA UNK F 113 -17.39 -28.21 65.52
C UNK F 113 -17.62 -28.12 67.02
N UNK F 114 -18.33 -29.10 67.57
CA UNK F 114 -18.61 -29.17 69.00
C UNK F 114 -17.88 -30.35 69.63
N UNK F 115 -17.56 -30.22 70.90
CA UNK F 115 -16.88 -31.28 71.63
C UNK F 115 -17.89 -32.24 72.25
N UNK G 1 4.08 -12.23 59.92
CA UNK G 1 2.64 -11.98 60.00
C UNK G 1 2.36 -10.49 60.05
N UNK G 2 1.07 -10.14 59.91
CA UNK G 2 0.63 -8.76 59.96
C UNK G 2 -0.44 -8.61 61.03
N UNK G 3 -0.12 -7.86 62.09
CA UNK G 3 -1.06 -7.65 63.17
C UNK G 3 -2.11 -6.62 62.78
N UNK G 4 -3.38 -6.99 62.90
CA UNK G 4 -4.48 -6.10 62.58
C UNK G 4 -5.44 -6.02 63.76
N UNK G 5 -5.84 -4.79 64.10
CA UNK G 5 -6.78 -4.56 65.19
C UNK G 5 -7.86 -3.60 64.73
N UNK G 6 -8.85 -3.37 65.60
CA UNK G 6 -9.96 -2.48 65.29
C UNK G 6 -9.76 -1.13 65.98
N UNK G 7 -9.91 -0.06 65.22
CA UNK G 7 -9.81 1.29 65.79
C UNK G 7 -11.07 1.63 66.56
N UNK G 8 -12.23 1.36 65.96
CA UNK G 8 -13.51 1.58 66.63
C UNK G 8 -14.08 0.23 67.09
N UNK G 9 -14.25 0.07 68.39
CA UNK G 9 -14.74 -1.18 68.94
C UNK G 9 -16.26 -1.32 68.74
N UNK G 10 -17.01 -0.38 69.30
CA UNK G 10 -18.46 -0.36 69.16
C UNK G 10 -18.92 1.07 68.93
N UNK G 11 -19.40 1.35 67.72
CA UNK G 11 -19.82 2.68 67.35
C UNK G 11 -21.30 2.67 66.96
N UNK G 12 -22.16 2.98 67.92
CA UNK G 12 -23.59 3.08 67.65
C UNK G 12 -23.91 4.46 67.10
N UNK G 13 -24.44 4.49 65.88
CA UNK G 13 -24.75 5.74 65.21
C UNK G 13 -26.25 5.84 64.92
N UNK G 14 -26.65 6.94 64.31
CA UNK G 14 -28.07 7.16 64.00
C UNK G 14 -28.49 6.33 62.79
N UNK G 15 -29.80 6.25 62.58
CA UNK G 15 -30.35 5.48 61.47
C UNK G 15 -30.14 6.20 60.15
N UNK G 16 -30.05 5.42 59.07
CA UNK G 16 -29.83 5.88 57.70
C UNK G 16 -28.56 6.73 57.55
N UNK G 17 -27.53 6.38 58.32
CA UNK G 17 -26.27 7.11 58.27
C UNK G 17 -25.31 6.44 57.31
N UNK G 18 -24.28 7.18 56.91
CA UNK G 18 -23.27 6.67 56.00
C UNK G 18 -22.33 5.70 56.71
N UNK G 19 -21.76 4.77 55.95
CA UNK G 19 -20.84 3.80 56.51
C UNK G 19 -19.48 4.43 56.75
N UNK G 20 -19.09 4.50 58.02
CA UNK G 20 -17.81 5.06 58.41
C UNK G 20 -17.19 4.20 59.50
N UNK G 21 -16.07 3.56 59.18
CA UNK G 21 -15.37 2.70 60.13
C UNK G 21 -13.87 2.82 59.92
N UNK G 22 -13.12 2.33 60.88
CA UNK G 22 -11.66 2.37 60.82
C UNK G 22 -11.07 1.21 61.60
N UNK G 23 -9.91 0.75 61.16
CA UNK G 23 -9.20 -0.34 61.82
C UNK G 23 -7.75 0.05 62.04
N UNK G 24 -7.04 -0.76 62.83
CA UNK G 24 -5.64 -0.51 63.15
C UNK G 24 -4.78 -1.64 62.58
N UNK G 25 -3.95 -1.30 61.61
CA UNK G 25 -3.03 -2.27 61.01
C UNK G 25 -1.78 -1.55 60.54
N UNK G 26 -0.63 -2.03 60.98
CA UNK G 26 0.65 -1.42 60.65
C UNK G 26 1.43 -2.35 59.73
N UNK G 27 1.18 -2.23 58.44
CA UNK G 27 1.85 -3.02 57.43
C UNK G 27 1.83 -2.29 56.10
N UNK G 28 2.50 -2.86 55.11
CA UNK G 28 2.53 -2.31 53.76
C UNK G 28 1.62 -3.15 52.87
N UNK G 29 0.58 -2.52 52.35
CA UNK G 29 -0.41 -3.21 51.52
C UNK G 29 0.02 -3.33 50.06
N UNK G 30 1.18 -2.77 49.72
CA UNK G 30 1.69 -2.86 48.35
C UNK G 30 2.23 -4.27 48.09
N UNK G 31 1.60 -4.99 47.17
CA UNK G 31 2.02 -6.34 46.84
C UNK G 31 3.11 -6.31 45.79
N UNK G 32 3.45 -7.46 45.23
CA UNK G 32 4.47 -7.55 44.20
C UNK G 32 3.98 -6.95 42.89
N UNK G 33 2.67 -7.05 42.64
CA UNK G 33 2.07 -6.47 41.44
C UNK G 33 1.50 -5.07 41.71
N UNK G 34 1.88 -4.48 42.83
CA UNK G 34 1.43 -3.15 43.29
C UNK G 34 -0.09 -3.03 43.36
N UNK G 35 -0.72 -4.04 43.95
CA UNK G 35 -2.17 -4.07 44.11
C UNK G 35 -2.49 -4.32 45.58
N UNK G 36 -3.24 -3.42 46.19
CA UNK G 36 -3.63 -3.55 47.58
C UNK G 36 -4.75 -4.58 47.71
N UNK G 37 -4.36 -5.82 48.00
CA UNK G 37 -5.33 -6.90 48.16
C UNK G 37 -5.92 -6.86 49.56
N UNK G 38 -6.90 -5.97 49.74
CA UNK G 38 -7.57 -5.80 51.02
C UNK G 38 -8.96 -6.41 50.97
N UNK G 39 -9.62 -6.43 52.12
CA UNK G 39 -10.96 -6.99 52.23
C UNK G 39 -11.68 -6.36 53.40
N UNK G 40 -12.97 -6.09 53.23
CA UNK G 40 -13.81 -5.55 54.28
C UNK G 40 -15.16 -6.25 54.24
N UNK G 41 -15.31 -7.27 55.08
CA UNK G 41 -16.52 -8.08 55.09
C UNK G 41 -17.41 -7.74 56.28
N UNK G 42 -18.67 -8.14 56.20
CA UNK G 42 -19.62 -7.95 57.28
C UNK G 42 -20.56 -9.15 57.33
N UNK G 43 -20.57 -9.85 58.45
CA UNK G 43 -21.43 -11.01 58.64
C UNK G 43 -22.43 -10.74 59.75
N UNK G 44 -23.61 -11.32 59.64
CA UNK G 44 -24.67 -11.10 60.62
C UNK G 44 -24.43 -11.91 61.89
N UNK G 45 -25.33 -11.75 62.85
CA UNK G 45 -25.21 -12.45 64.13
C UNK G 45 -25.54 -13.93 63.95
N UNK G 46 -24.51 -14.77 64.15
CA UNK G 46 -24.55 -16.22 63.97
C UNK G 46 -25.05 -16.62 62.58
N UNK G 47 -24.40 -16.07 61.56
CA UNK G 47 -24.77 -16.34 60.18
C UNK G 47 -23.53 -16.63 59.34
N UNK G 48 -23.71 -16.69 58.03
CA UNK G 48 -22.62 -17.00 57.12
C UNK G 48 -21.70 -15.79 56.95
N UNK G 49 -20.41 -16.07 56.80
CA UNK G 49 -19.42 -15.02 56.61
C UNK G 49 -19.50 -14.46 55.19
N UNK G 50 -20.26 -13.38 55.03
CA UNK G 50 -20.45 -12.77 53.71
C UNK G 50 -19.49 -11.60 53.53
N UNK G 51 -18.99 -11.44 52.30
CA UNK G 51 -18.08 -10.35 51.97
C UNK G 51 -18.87 -9.10 51.62
N UNK G 52 -18.74 -8.06 52.43
CA UNK G 52 -19.46 -6.82 52.20
C UNK G 52 -18.82 -6.01 51.10
N UNK G 53 -17.56 -5.59 51.31
CA UNK G 53 -16.83 -4.79 50.34
C UNK G 53 -15.41 -5.33 50.20
N UNK G 54 -15.23 -6.23 49.23
CA UNK G 54 -13.91 -6.79 48.94
C UNK G 54 -13.13 -5.86 48.03
N UNK G 55 -11.82 -5.83 48.21
CA UNK G 55 -10.88 -4.97 47.49
C UNK G 55 -11.28 -3.50 47.60
N UNK G 56 -11.19 -2.96 48.82
CA UNK G 56 -11.67 -1.61 49.11
C UNK G 56 -10.78 -0.50 48.53
N UNK G 57 -9.61 -0.86 48.02
CA UNK G 57 -8.74 0.13 47.40
C UNK G 57 -9.20 0.50 45.98
N UNK G 58 -10.12 -0.28 45.43
CA UNK G 58 -10.64 -0.02 44.09
C UNK G 58 -12.10 -0.47 44.02
N UNK G 59 -12.62 -0.63 42.81
CA UNK G 59 -13.98 -1.12 42.62
C UNK G 59 -13.93 -2.57 42.13
N UNK G 60 -14.30 -3.49 43.01
CA UNK G 60 -14.28 -4.91 42.66
C UNK G 60 -15.62 -5.36 42.10
N UNK G 61 -15.69 -6.63 41.71
CA UNK G 61 -16.89 -7.17 41.09
C UNK G 61 -17.37 -8.42 41.82
N UNK G 62 -18.32 -9.13 41.20
CA UNK G 62 -18.91 -10.38 41.68
C UNK G 62 -19.53 -10.27 43.08
N UNK G 63 -20.06 -9.09 43.37
CA UNK G 63 -20.71 -8.83 44.66
C UNK G 63 -21.67 -7.68 44.50
N UNK G 64 -22.72 -7.67 45.32
CA UNK G 64 -23.67 -6.57 45.35
C UNK G 64 -23.18 -5.49 46.31
N UNK G 65 -22.06 -4.87 45.94
CA UNK G 65 -21.41 -3.86 46.76
C UNK G 65 -21.48 -2.51 46.06
N UNK G 66 -22.57 -1.80 46.29
CA UNK G 66 -22.74 -0.46 45.76
C UNK G 66 -22.35 0.52 46.87
N UNK G 67 -21.04 0.66 47.07
CA UNK G 67 -20.52 1.44 48.18
C UNK G 67 -19.34 2.28 47.70
N UNK G 68 -18.60 2.84 48.66
CA UNK G 68 -17.46 3.70 48.35
C UNK G 68 -16.14 2.97 48.59
N UNK G 69 -15.06 3.56 48.09
CA UNK G 69 -13.73 3.02 48.23
C UNK G 69 -12.90 3.90 49.15
N UNK G 70 -12.20 3.28 50.09
CA UNK G 70 -11.40 4.01 51.06
C UNK G 70 -10.20 3.16 51.48
N UNK G 71 -9.60 3.52 52.62
CA UNK G 71 -8.44 2.83 53.22
C UNK G 71 -7.24 2.75 52.27
N UNK G 72 -6.96 3.85 51.60
CA UNK G 72 -5.82 3.92 50.69
C UNK G 72 -4.60 4.49 51.41
N UNK G 73 -4.20 3.82 52.49
CA UNK G 73 -3.07 4.23 53.30
C UNK G 73 -2.47 3.02 54.00
N UNK G 74 -1.52 3.26 54.89
CA UNK G 74 -0.91 2.18 55.65
C UNK G 74 -1.87 1.64 56.70
N UNK G 75 -2.71 2.51 57.24
CA UNK G 75 -3.75 2.08 58.16
C UNK G 75 -5.01 1.71 57.38
N UNK G 76 -6.06 1.34 58.11
CA UNK G 76 -7.32 0.94 57.49
C UNK G 76 -8.45 1.84 57.93
N UNK G 77 -9.31 2.21 56.98
CA UNK G 77 -10.46 3.05 57.26
C UNK G 77 -11.58 2.65 56.33
N UNK G 78 -12.61 2.00 56.87
CA UNK G 78 -13.71 1.50 56.06
C UNK G 78 -14.79 2.58 55.94
N UNK G 79 -14.65 3.41 54.93
CA UNK G 79 -15.64 4.45 54.64
C UNK G 79 -16.39 4.05 53.38
N UNK G 80 -17.50 3.34 53.56
CA UNK G 80 -18.30 2.85 52.46
C UNK G 80 -19.58 3.67 52.32
N UNK G 81 -20.42 3.27 51.37
CA UNK G 81 -21.68 3.97 51.11
C UNK G 81 -22.84 3.00 51.15
N UNK G 82 -24.05 3.56 51.03
CA UNK G 82 -25.34 2.85 51.05
C UNK G 82 -25.49 1.98 52.30
N UNK G 83 -25.46 2.65 53.45
CA UNK G 83 -25.63 2.01 54.74
C UNK G 83 -26.96 2.44 55.35
N UNK G 84 -27.68 1.48 55.91
CA UNK G 84 -28.98 1.74 56.52
C UNK G 84 -29.19 0.75 57.65
N UNK G 85 -30.44 0.57 58.08
CA UNK G 85 -30.76 -0.36 59.16
C UNK G 85 -30.64 -1.82 58.71
N UNK G 86 -30.67 -2.06 57.41
CA UNK G 86 -30.55 -3.42 56.88
C UNK G 86 -29.13 -3.97 56.99
N UNK G 87 -28.15 -3.09 57.19
CA UNK G 87 -26.75 -3.52 57.34
C UNK G 87 -26.36 -3.65 58.80
N UNK G 88 -27.32 -3.95 59.67
CA UNK G 88 -27.04 -4.12 61.09
C UNK G 88 -26.35 -5.46 61.35
N UNK G 89 -25.02 -5.44 61.26
CA UNK G 89 -24.24 -6.67 61.43
C UNK G 89 -22.88 -6.33 62.04
N UNK G 90 -21.97 -7.29 62.02
CA UNK G 90 -20.62 -7.10 62.54
C UNK G 90 -19.64 -7.05 61.38
N UNK G 91 -18.98 -5.91 61.21
CA UNK G 91 -18.01 -5.75 60.13
C UNK G 91 -16.66 -6.34 60.51
N UNK G 92 -15.91 -6.74 59.50
CA UNK G 92 -14.59 -7.33 59.70
C UNK G 92 -13.67 -6.98 58.54
N UNK G 93 -12.48 -6.49 58.86
CA UNK G 93 -11.49 -6.14 57.85
C UNK G 93 -10.45 -7.25 57.73
N UNK G 94 -9.97 -7.45 56.51
CA UNK G 94 -8.96 -8.48 56.24
C UNK G 94 -7.96 -7.97 55.22
N UNK G 95 -6.73 -8.46 55.31
CA UNK G 95 -5.66 -8.06 54.41
C UNK G 95 -4.90 -9.27 53.93
N UNK G 96 -4.41 -9.21 52.69
CA UNK G 96 -3.62 -10.28 52.11
C UNK G 96 -2.25 -9.77 51.66
N UNK G 97 -1.61 -8.99 52.52
CA UNK G 97 -0.30 -8.42 52.19
C UNK G 97 0.84 -9.34 52.58
N UNK G 98 0.74 -9.92 53.78
CA UNK G 98 1.79 -10.82 54.26
C UNK G 98 1.54 -12.25 53.75
N UNK G 99 2.32 -13.19 54.25
CA UNK G 99 2.19 -14.59 53.83
C UNK G 99 0.91 -15.19 54.42
N UNK G 100 0.74 -15.06 55.73
CA UNK G 100 -0.48 -15.51 56.38
C UNK G 100 -1.56 -14.45 56.23
N UNK G 101 -2.80 -14.88 56.04
CA UNK G 101 -3.90 -13.95 55.88
C UNK G 101 -4.24 -13.28 57.21
N UNK G 102 -4.71 -12.04 57.14
CA UNK G 102 -5.04 -11.28 58.34
C UNK G 102 -6.34 -11.79 58.94
N UNK G 103 -6.47 -11.59 60.24
CA UNK G 103 -7.64 -12.04 60.98
C UNK G 103 -8.74 -10.97 60.91
N UNK G 104 -9.79 -11.15 61.69
CA UNK G 104 -10.90 -10.21 61.71
C UNK G 104 -10.71 -9.16 62.80
N UNK G 105 -11.47 -8.09 62.72
CA UNK G 105 -11.38 -6.99 63.69
C UNK G 105 -12.55 -6.97 64.66
N UNK G 106 -13.63 -7.68 64.34
CA UNK G 106 -14.86 -7.78 65.13
C UNK G 106 -15.47 -6.39 65.42
N UNK G 107 -15.83 -5.69 64.34
CA UNK G 107 -16.43 -4.38 64.44
C UNK G 107 -17.95 -4.52 64.44
N UNK G 108 -18.52 -4.63 65.64
CA UNK G 108 -19.95 -4.79 65.79
C UNK G 108 -20.66 -3.46 65.51
N UNK G 109 -21.25 -3.35 64.33
CA UNK G 109 -21.96 -2.15 63.93
C UNK G 109 -23.41 -2.24 64.37
N UNK G 110 -23.74 -1.58 65.48
CA UNK G 110 -25.09 -1.61 66.01
C UNK G 110 -26.02 -0.70 65.20
N UNK G 111 -27.31 -0.82 65.47
CA UNK G 111 -28.32 -0.02 64.78
C UNK G 111 -29.15 0.76 65.78
N UNK G 112 -29.76 1.85 65.32
CA UNK G 112 -30.60 2.68 66.15
C UNK G 112 -31.69 3.35 65.33
#